data_3JUY
#
_entry.id   3JUY
#
_cell.length_a   199.172
_cell.length_b   115.130
_cell.length_c   92.374
_cell.angle_alpha   90.00
_cell.angle_beta   111.76
_cell.angle_gamma   90.00
#
_symmetry.space_group_name_H-M   'C 1 2 1'
#
loop_
_entity.id
_entity.type
_entity.pdbx_description
1 polymer '3B3 single chain variant HIV-1 antibody'
2 water water
#
_entity_poly.entity_id   1
_entity_poly.type   'polypeptide(L)'
_entity_poly.pdbx_seq_one_letter_code
;HHHHHHQVQLVQSGAEVKKPGASVKVSCQASGYRFSHFTVHWVRQAPGQRFEWMGWINPYNGNKEFSAKFQDRVTFTADT
SANTAYMELRSLRSADTAVYYCARVGEWGWDDSPYDNYYMDVWGKGTTVIVSSGGGGSGGGGSGGGGSEIVLTQAPGTLS
LSPGERATFSCRSSHSIRSRRVAWYQHKPGQAPRLVIHGVSNRASGISDRFSGSGSGTDFTLTITRVEPEDFALYYCQVY
GASSYTFGQGTKLERK
;
_entity_poly.pdbx_strand_id   B,A,C,E,F,D
#
# COMPACT_ATOMS: atom_id res chain seq x y z
N GLN A 7 -15.38 4.88 -18.62
CA GLN A 7 -14.56 3.74 -19.00
C GLN A 7 -13.78 3.16 -17.81
N VAL A 8 -13.70 1.83 -17.74
CA VAL A 8 -12.84 1.14 -16.76
C VAL A 8 -11.44 1.75 -16.74
N GLN A 9 -11.05 2.30 -15.60
CA GLN A 9 -9.80 3.03 -15.50
C GLN A 9 -9.09 2.67 -14.20
N LEU A 10 -7.77 2.51 -14.24
CA LEU A 10 -7.00 2.30 -13.01
C LEU A 10 -5.94 3.38 -12.87
N VAL A 11 -6.11 4.24 -11.87
CA VAL A 11 -5.22 5.39 -11.64
C VAL A 11 -4.33 5.20 -10.44
N GLN A 12 -3.02 5.28 -10.68
CA GLN A 12 -2.04 5.00 -9.64
C GLN A 12 -1.47 6.25 -8.95
N SER A 13 -0.75 6.04 -7.84
CA SER A 13 -0.06 7.14 -7.17
C SER A 13 1.16 7.64 -7.97
N GLY A 14 1.84 8.67 -7.45
CA GLY A 14 2.93 9.31 -8.16
C GLY A 14 4.29 8.64 -8.01
N ALA A 15 5.20 8.96 -8.92
CA ALA A 15 6.56 8.46 -8.86
C ALA A 15 7.27 8.88 -7.57
N GLU A 16 8.22 8.06 -7.15
CA GLU A 16 8.98 8.34 -5.94
C GLU A 16 10.47 8.06 -6.11
N VAL A 17 11.26 8.87 -5.41
CA VAL A 17 12.68 8.63 -5.21
C VAL A 17 12.85 8.13 -3.78
N LYS A 18 13.58 7.02 -3.63
CA LYS A 18 13.69 6.33 -2.34
C LYS A 18 15.13 6.02 -1.91
N LYS A 19 15.34 6.05 -0.60
CA LYS A 19 16.63 5.71 -0.05
C LYS A 19 16.59 4.23 0.34
N PRO A 20 17.74 3.54 0.23
CA PRO A 20 17.82 2.13 0.60
C PRO A 20 17.42 1.96 2.03
N GLY A 21 16.81 0.83 2.36
CA GLY A 21 16.29 0.54 3.69
C GLY A 21 14.83 0.91 3.82
N ALA A 22 14.41 1.89 3.03
CA ALA A 22 13.09 2.50 3.17
C ALA A 22 12.03 1.65 2.50
N SER A 23 10.78 2.08 2.60
CA SER A 23 9.70 1.36 1.98
C SER A 23 8.85 2.28 1.11
N VAL A 24 8.15 1.70 0.15
CA VAL A 24 7.31 2.47 -0.74
C VAL A 24 5.90 1.91 -0.74
N LYS A 25 4.92 2.78 -0.63
CA LYS A 25 3.52 2.40 -0.78
C LYS A 25 2.92 3.02 -2.04
N VAL A 26 2.36 2.18 -2.89
CA VAL A 26 1.82 2.57 -4.19
C VAL A 26 0.33 2.23 -4.15
N SER A 27 -0.51 3.17 -4.57
CA SER A 27 -1.94 2.99 -4.50
C SER A 27 -2.54 2.88 -5.89
N CYS A 28 -3.79 2.43 -5.96
CA CYS A 28 -4.37 2.08 -7.26
C CYS A 28 -5.86 2.31 -7.19
N GLN A 29 -6.31 3.42 -7.73
CA GLN A 29 -7.72 3.78 -7.65
C GLN A 29 -8.52 3.36 -8.89
N ALA A 30 -9.57 2.56 -8.69
CA ALA A 30 -10.35 2.04 -9.82
C ALA A 30 -11.58 2.86 -10.04
N SER A 31 -11.99 2.97 -11.29
CA SER A 31 -13.29 3.55 -11.59
C SER A 31 -13.87 2.90 -12.84
N GLY A 32 -15.20 2.82 -12.90
CA GLY A 32 -15.89 2.33 -14.08
C GLY A 32 -16.37 0.91 -13.89
N TYR A 33 -16.12 0.35 -12.72
CA TYR A 33 -16.67 -0.97 -12.45
C TYR A 33 -16.88 -1.16 -10.95
N ARG A 34 -17.48 -2.27 -10.58
CA ARG A 34 -17.69 -2.57 -9.18
C ARG A 34 -16.35 -3.10 -8.71
N PHE A 35 -15.58 -2.22 -8.07
CA PHE A 35 -14.22 -2.52 -7.60
C PHE A 35 -14.03 -3.89 -6.97
N SER A 36 -14.86 -4.23 -6.00
CA SER A 36 -14.64 -5.47 -5.23
C SER A 36 -14.99 -6.77 -5.97
N HIS A 37 -15.45 -6.68 -7.20
CA HIS A 37 -15.78 -7.86 -7.96
C HIS A 37 -14.63 -8.27 -8.85
N PHE A 38 -13.46 -7.69 -8.65
CA PHE A 38 -12.33 -8.00 -9.49
C PHE A 38 -11.02 -8.07 -8.75
N THR A 39 -10.34 -9.21 -8.86
CA THR A 39 -8.99 -9.37 -8.36
C THR A 39 -8.04 -8.41 -9.07
N VAL A 40 -7.07 -7.90 -8.31
CA VAL A 40 -6.09 -6.96 -8.81
C VAL A 40 -4.67 -7.55 -8.72
N HIS A 41 -3.97 -7.66 -9.85
CA HIS A 41 -2.56 -8.07 -9.84
C HIS A 41 -1.65 -6.88 -9.55
N TRP A 42 -0.47 -7.19 -9.00
CA TRP A 42 0.63 -6.24 -8.96
C TRP A 42 1.79 -6.82 -9.76
N VAL A 43 2.37 -5.98 -10.62
CA VAL A 43 3.39 -6.38 -11.58
C VAL A 43 4.42 -5.28 -11.64
N ARG A 44 5.68 -5.64 -11.78
CA ARG A 44 6.71 -4.63 -11.86
C ARG A 44 7.67 -4.88 -13.01
N GLN A 45 8.22 -3.81 -13.57
CA GLN A 45 9.22 -3.99 -14.59
C GLN A 45 10.49 -3.17 -14.33
N ALA A 46 11.52 -3.87 -13.86
CA ALA A 46 12.83 -3.29 -13.70
C ALA A 46 13.46 -2.99 -15.08
N PRO A 47 14.40 -2.04 -15.13
CA PRO A 47 15.01 -1.63 -16.41
C PRO A 47 15.81 -2.77 -17.07
N GLY A 48 15.48 -3.02 -18.34
CA GLY A 48 16.08 -4.13 -19.08
C GLY A 48 15.78 -5.49 -18.50
N GLN A 49 14.53 -5.73 -18.13
CA GLN A 49 14.13 -7.03 -17.59
C GLN A 49 12.71 -7.34 -18.04
N ARG A 50 12.34 -8.61 -17.99
CA ARG A 50 10.98 -8.99 -18.26
C ARG A 50 10.07 -8.43 -17.15
N PHE A 51 8.81 -8.16 -17.48
CA PHE A 51 7.78 -7.96 -16.46
C PHE A 51 7.85 -9.07 -15.42
N GLU A 52 7.55 -8.72 -14.18
CA GLU A 52 7.69 -9.66 -13.07
C GLU A 52 6.44 -9.57 -12.22
N TRP A 53 5.76 -10.69 -12.07
CA TRP A 53 4.55 -10.74 -11.25
C TRP A 53 4.88 -10.73 -9.76
N MET A 54 4.17 -9.90 -9.01
CA MET A 54 4.41 -9.82 -7.57
C MET A 54 3.35 -10.52 -6.75
N GLY A 55 2.12 -10.56 -7.22
CA GLY A 55 1.05 -11.14 -6.43
C GLY A 55 -0.27 -10.52 -6.81
N TRP A 56 -1.34 -11.01 -6.20
CA TRP A 56 -2.69 -10.47 -6.41
C TRP A 56 -3.52 -10.48 -5.14
N ILE A 57 -4.52 -9.63 -5.10
CA ILE A 57 -5.42 -9.61 -3.97
C ILE A 57 -6.83 -9.63 -4.51
N ASN A 58 -7.68 -10.43 -3.90
CA ASN A 58 -9.10 -10.42 -4.25
C ASN A 58 -9.87 -9.55 -3.26
N PRO A 59 -10.29 -8.38 -3.67
CA PRO A 59 -10.86 -7.56 -2.60
C PRO A 59 -12.20 -8.10 -2.13
N TYR A 60 -12.77 -9.06 -2.85
CA TYR A 60 -14.07 -9.56 -2.46
C TYR A 60 -14.01 -10.38 -1.19
N ASN A 61 -12.94 -11.14 -1.01
CA ASN A 61 -12.80 -12.04 0.12
C ASN A 61 -11.44 -11.93 0.82
N GLY A 62 -10.62 -10.98 0.36
CA GLY A 62 -9.37 -10.69 1.04
C GLY A 62 -8.31 -11.75 0.78
N ASN A 63 -8.60 -12.66 -0.13
CA ASN A 63 -7.63 -13.66 -0.54
C ASN A 63 -6.44 -13.06 -1.28
N LYS A 64 -5.23 -13.50 -0.94
CA LYS A 64 -4.03 -12.96 -1.60
C LYS A 64 -3.14 -14.10 -2.07
N GLU A 65 -2.36 -13.83 -3.10
CA GLU A 65 -1.39 -14.81 -3.56
C GLU A 65 -0.07 -14.05 -3.75
N PHE A 66 1.01 -14.60 -3.24
CA PHE A 66 2.32 -13.94 -3.34
C PHE A 66 3.29 -14.73 -4.17
N SER A 67 4.09 -14.01 -4.97
CA SER A 67 5.27 -14.60 -5.56
C SER A 67 6.27 -14.89 -4.44
N ALA A 68 6.88 -16.07 -4.48
CA ALA A 68 7.92 -16.41 -3.52
C ALA A 68 8.98 -15.32 -3.44
N LYS A 69 9.25 -14.64 -4.56
CA LYS A 69 10.33 -13.66 -4.56
C LYS A 69 10.02 -12.43 -3.70
N PHE A 70 8.73 -12.16 -3.50
CA PHE A 70 8.29 -10.95 -2.78
C PHE A 70 7.57 -11.17 -1.45
N GLN A 71 7.09 -12.40 -1.22
CA GLN A 71 6.28 -12.72 -0.05
C GLN A 71 6.74 -12.07 1.24
N ASP A 72 8.05 -12.05 1.47
CA ASP A 72 8.62 -11.56 2.72
C ASP A 72 8.45 -10.05 2.85
N ARG A 73 8.56 -9.35 1.72
CA ARG A 73 8.71 -7.88 1.73
C ARG A 73 7.48 -7.07 1.31
N VAL A 74 6.41 -7.75 0.91
CA VAL A 74 5.31 -7.03 0.29
C VAL A 74 4.01 -7.28 1.04
N THR A 75 3.14 -6.28 1.00
CA THR A 75 1.88 -6.35 1.68
C THR A 75 0.84 -5.70 0.75
N PHE A 76 -0.24 -6.41 0.47
CA PHE A 76 -1.35 -5.95 -0.39
C PHE A 76 -2.56 -5.70 0.46
N THR A 77 -3.13 -4.51 0.34
CA THR A 77 -4.35 -4.20 1.06
C THR A 77 -5.37 -3.66 0.06
N ALA A 78 -6.61 -3.51 0.51
CA ALA A 78 -7.64 -2.96 -0.35
C ALA A 78 -8.67 -2.26 0.50
N ASP A 79 -8.93 -1.01 0.16
CA ASP A 79 -9.85 -0.20 0.92
C ASP A 79 -11.12 0.00 0.08
N THR A 80 -12.04 -0.95 0.13
CA THR A 80 -13.13 -1.00 -0.85
C THR A 80 -14.14 0.16 -0.80
N SER A 81 -14.12 0.95 0.27
CA SER A 81 -14.94 2.17 0.32
C SER A 81 -14.34 3.28 -0.54
N ALA A 82 -13.05 3.17 -0.82
CA ALA A 82 -12.34 4.16 -1.61
C ALA A 82 -11.99 3.63 -2.99
N ASN A 83 -12.53 2.46 -3.34
CA ASN A 83 -12.20 1.81 -4.61
C ASN A 83 -10.72 1.72 -4.86
N THR A 84 -9.96 1.45 -3.81
CA THR A 84 -8.53 1.60 -3.87
C THR A 84 -7.81 0.38 -3.37
N ALA A 85 -6.82 -0.04 -4.15
CA ALA A 85 -5.92 -1.13 -3.78
C ALA A 85 -4.52 -0.57 -3.45
N TYR A 86 -3.84 -1.18 -2.50
CA TYR A 86 -2.52 -0.68 -2.12
C TYR A 86 -1.48 -1.78 -2.21
N MET A 87 -0.24 -1.38 -2.46
CA MET A 87 0.87 -2.32 -2.47
C MET A 87 2.03 -1.64 -1.79
N GLU A 88 2.64 -2.30 -0.83
CA GLU A 88 3.77 -1.70 -0.15
C GLU A 88 4.93 -2.67 -0.10
N LEU A 89 6.13 -2.17 -0.39
CA LEU A 89 7.31 -3.02 -0.49
C LEU A 89 8.35 -2.46 0.41
N ARG A 90 8.76 -3.23 1.42
CA ARG A 90 9.71 -2.73 2.42
C ARG A 90 11.17 -3.00 2.04
N SER A 91 12.09 -2.41 2.80
CA SER A 91 13.52 -2.73 2.71
C SER A 91 14.05 -2.65 1.29
N LEU A 92 13.78 -1.53 0.62
CA LEU A 92 14.21 -1.29 -0.74
C LEU A 92 15.73 -1.39 -0.92
N ARG A 93 16.14 -1.82 -2.11
CA ARG A 93 17.53 -2.01 -2.47
C ARG A 93 17.53 -1.75 -3.97
N SER A 94 18.66 -1.35 -4.53
CA SER A 94 18.73 -0.90 -5.92
C SER A 94 17.93 -1.72 -6.93
N ALA A 95 18.04 -3.04 -6.86
CA ALA A 95 17.30 -3.90 -7.76
C ALA A 95 15.79 -3.67 -7.68
N ASP A 96 15.34 -2.94 -6.67
CA ASP A 96 13.92 -2.59 -6.52
C ASP A 96 13.49 -1.40 -7.38
N THR A 97 14.40 -0.90 -8.21
CA THR A 97 14.11 0.19 -9.13
C THR A 97 13.39 -0.37 -10.34
N ALA A 98 12.17 0.11 -10.60
CA ALA A 98 11.30 -0.49 -11.59
C ALA A 98 10.07 0.35 -11.74
N VAL A 99 9.30 0.13 -12.82
CA VAL A 99 7.96 0.71 -12.94
C VAL A 99 7.01 -0.31 -12.29
N TYR A 100 6.15 0.14 -11.37
CA TYR A 100 5.23 -0.76 -10.68
C TYR A 100 3.81 -0.59 -11.21
N TYR A 101 3.23 -1.67 -11.71
CA TYR A 101 1.90 -1.62 -12.29
C TYR A 101 0.89 -2.39 -11.48
N CYS A 102 -0.33 -1.87 -11.38
CA CYS A 102 -1.46 -2.71 -11.03
C CYS A 102 -2.31 -3.03 -12.25
N ALA A 103 -3.06 -4.12 -12.19
CA ALA A 103 -3.86 -4.57 -13.33
C ALA A 103 -5.03 -5.43 -12.86
N ARG A 104 -6.20 -5.15 -13.38
CA ARG A 104 -7.42 -5.86 -13.03
C ARG A 104 -7.51 -7.15 -13.85
N VAL A 105 -7.94 -8.26 -13.24
CA VAL A 105 -8.29 -9.44 -14.04
C VAL A 105 -9.50 -9.16 -14.96
N GLY A 106 -9.79 -10.09 -15.85
CA GLY A 106 -10.84 -9.89 -16.81
C GLY A 106 -12.20 -10.34 -16.34
N GLU A 107 -13.23 -10.08 -17.15
CA GLU A 107 -14.57 -10.54 -16.86
C GLU A 107 -14.66 -12.05 -16.94
N TRP A 108 -15.52 -12.64 -16.12
CA TRP A 108 -15.64 -14.09 -16.13
C TRP A 108 -16.32 -14.54 -17.42
N GLY A 109 -15.68 -15.45 -18.17
CA GLY A 109 -16.23 -15.93 -19.43
C GLY A 109 -17.21 -17.09 -19.29
N TRP A 110 -18.11 -17.25 -20.26
CA TRP A 110 -19.22 -18.21 -20.13
C TRP A 110 -18.82 -19.70 -20.08
N ASP A 111 -17.67 -20.05 -20.63
CA ASP A 111 -17.24 -21.45 -20.63
C ASP A 111 -15.87 -21.60 -19.95
N ASP A 112 -15.53 -20.62 -19.11
CA ASP A 112 -14.24 -20.60 -18.45
C ASP A 112 -14.13 -21.63 -17.33
N SER A 113 -12.92 -22.12 -17.12
CA SER A 113 -12.62 -22.89 -15.92
C SER A 113 -11.96 -21.93 -14.92
N PRO A 114 -11.63 -22.42 -13.72
CA PRO A 114 -11.02 -21.53 -12.70
C PRO A 114 -9.73 -20.85 -13.17
N TYR A 115 -9.68 -19.52 -13.07
CA TYR A 115 -8.51 -18.68 -13.42
C TYR A 115 -8.30 -18.40 -14.93
N ASP A 116 -9.18 -18.91 -15.78
CA ASP A 116 -9.09 -18.60 -17.20
C ASP A 116 -9.18 -17.09 -17.50
N ASN A 117 -9.62 -16.32 -16.51
CA ASN A 117 -9.74 -14.88 -16.65
C ASN A 117 -8.70 -14.11 -15.84
N TYR A 118 -7.70 -14.81 -15.32
CA TYR A 118 -6.67 -14.14 -14.51
C TYR A 118 -5.54 -13.55 -15.33
N TYR A 119 -5.82 -13.19 -16.57
CA TYR A 119 -4.87 -12.40 -17.33
C TYR A 119 -4.97 -10.93 -16.88
N MET A 120 -4.13 -10.07 -17.41
CA MET A 120 -4.16 -8.66 -17.01
C MET A 120 -5.03 -7.86 -17.98
N ASP A 121 -6.32 -7.78 -17.71
CA ASP A 121 -7.26 -7.14 -18.62
C ASP A 121 -7.11 -5.63 -18.75
N VAL A 122 -7.04 -4.93 -17.62
CA VAL A 122 -6.89 -3.47 -17.61
C VAL A 122 -5.71 -3.07 -16.75
N TRP A 123 -4.79 -2.27 -17.32
CA TRP A 123 -3.58 -1.91 -16.59
C TRP A 123 -3.59 -0.45 -16.15
N GLY A 124 -2.99 -0.14 -15.01
CA GLY A 124 -2.68 1.23 -14.68
C GLY A 124 -1.44 1.61 -15.46
N LYS A 125 -1.13 2.91 -15.55
CA LYS A 125 0.04 3.40 -16.26
C LYS A 125 1.36 3.14 -15.55
N GLY A 126 1.31 2.57 -14.35
CA GLY A 126 2.53 2.22 -13.66
C GLY A 126 3.15 3.43 -12.98
N THR A 127 3.84 3.16 -11.88
CA THR A 127 4.46 4.20 -11.09
C THR A 127 5.93 3.90 -10.89
N THR A 128 6.75 4.89 -11.22
CA THR A 128 8.19 4.71 -11.17
C THR A 128 8.78 4.94 -9.78
N VAL A 129 9.54 3.95 -9.31
CA VAL A 129 10.21 4.00 -8.02
C VAL A 129 11.72 3.84 -8.26
N ILE A 130 12.49 4.89 -7.99
CA ILE A 130 13.95 4.86 -8.10
C ILE A 130 14.63 4.73 -6.73
N VAL A 131 15.29 3.60 -6.46
CA VAL A 131 16.03 3.49 -5.23
C VAL A 131 17.48 3.93 -5.46
N SER A 132 17.95 4.82 -4.60
CA SER A 132 19.23 5.51 -4.81
C SER A 132 20.52 4.65 -4.73
N SER A 133 20.65 3.87 -3.65
CA SER A 133 21.91 3.16 -3.40
C SER A 133 21.79 1.86 -2.59
N GLY A 134 22.91 1.43 -2.00
CA GLY A 134 22.96 0.36 -1.01
C GLY A 134 22.32 -1.02 -1.26
N GLY A 135 21.75 -1.21 -2.43
CA GLY A 135 21.18 -2.51 -2.79
C GLY A 135 22.27 -3.56 -2.93
N GLY A 136 22.02 -4.75 -2.38
CA GLY A 136 22.95 -5.86 -2.47
C GLY A 136 22.84 -6.73 -3.72
N GLY A 137 21.65 -7.28 -3.97
CA GLY A 137 21.41 -8.06 -5.17
C GLY A 137 20.70 -9.37 -4.91
N SER A 148 10.69 -27.23 -13.47
CA SER A 148 9.31 -27.00 -13.05
C SER A 148 8.93 -25.53 -13.24
N GLU A 149 9.87 -24.78 -13.79
CA GLU A 149 9.72 -23.35 -14.05
C GLU A 149 9.52 -23.09 -15.54
N ILE A 150 8.40 -22.49 -15.91
CA ILE A 150 8.15 -22.19 -17.32
C ILE A 150 8.90 -20.93 -17.79
N VAL A 151 9.54 -21.05 -18.95
CA VAL A 151 10.23 -19.94 -19.55
C VAL A 151 9.71 -19.59 -20.95
N LEU A 152 9.09 -18.43 -21.10
CA LEU A 152 8.70 -17.98 -22.43
C LEU A 152 9.91 -17.40 -23.15
N THR A 153 9.96 -17.58 -24.46
CA THR A 153 11.05 -17.06 -25.23
C THR A 153 10.48 -16.46 -26.50
N GLN A 154 10.88 -15.23 -26.81
CA GLN A 154 10.28 -14.56 -27.95
C GLN A 154 11.27 -14.32 -29.08
N ALA A 155 10.70 -14.16 -30.27
CA ALA A 155 11.49 -13.94 -31.48
C ALA A 155 10.54 -13.45 -32.55
N PRO A 156 11.03 -12.52 -33.40
CA PRO A 156 12.38 -11.98 -33.29
C PRO A 156 12.47 -10.85 -32.24
N GLY A 157 13.68 -10.56 -31.74
CA GLY A 157 13.84 -9.45 -30.80
C GLY A 157 13.31 -8.13 -31.36
N THR A 158 13.56 -7.89 -32.65
CA THR A 158 13.10 -6.69 -33.31
C THR A 158 12.53 -7.04 -34.68
N LEU A 159 11.50 -6.30 -35.07
CA LEU A 159 10.77 -6.59 -36.29
C LEU A 159 10.56 -5.27 -36.97
N SER A 160 11.34 -5.03 -38.03
CA SER A 160 11.29 -3.78 -38.76
C SER A 160 10.39 -3.95 -39.97
N LEU A 161 9.35 -3.12 -40.07
CA LEU A 161 8.38 -3.28 -41.14
C LEU A 161 7.84 -1.94 -41.59
N SER A 162 7.11 -1.94 -42.69
CA SER A 162 6.53 -0.73 -43.22
C SER A 162 5.03 -0.82 -43.14
N PRO A 163 4.35 0.28 -42.77
CA PRO A 163 2.90 0.29 -42.68
C PRO A 163 2.25 -0.36 -43.89
N GLY A 164 1.67 -1.55 -43.68
CA GLY A 164 1.03 -2.29 -44.75
C GLY A 164 1.36 -3.76 -44.64
N GLU A 165 2.62 -4.07 -44.36
CA GLU A 165 3.09 -5.45 -44.36
C GLU A 165 2.39 -6.32 -43.32
N ARG A 166 2.91 -7.53 -43.14
CA ARG A 166 2.35 -8.49 -42.20
C ARG A 166 3.36 -8.75 -41.09
N ALA A 167 2.88 -8.67 -39.85
CA ALA A 167 3.73 -8.91 -38.69
C ALA A 167 3.37 -10.22 -38.00
N THR A 168 4.40 -11.04 -37.80
CA THR A 168 4.24 -12.31 -37.14
C THR A 168 5.20 -12.38 -35.96
N PHE A 169 4.64 -12.61 -34.77
CA PHE A 169 5.43 -12.68 -33.54
C PHE A 169 5.41 -14.10 -33.01
N SER A 170 6.54 -14.59 -32.54
CA SER A 170 6.56 -15.96 -32.03
C SER A 170 6.96 -16.05 -30.55
N CYS A 171 6.38 -17.05 -29.88
CA CYS A 171 6.61 -17.25 -28.47
C CYS A 171 6.81 -18.73 -28.24
N ARG A 172 7.99 -19.11 -27.81
CA ARG A 172 8.28 -20.51 -27.51
C ARG A 172 8.24 -20.79 -26.01
N SER A 173 7.33 -21.67 -25.60
CA SER A 173 7.21 -22.05 -24.21
C SER A 173 8.08 -23.26 -23.90
N SER A 174 8.67 -23.30 -22.70
CA SER A 174 9.53 -24.41 -22.30
C SER A 174 8.73 -25.65 -21.89
N HIS A 175 7.41 -25.51 -21.81
CA HIS A 175 6.50 -26.59 -21.45
C HIS A 175 5.25 -26.45 -22.28
N SER A 176 4.44 -27.51 -22.34
CA SER A 176 3.20 -27.43 -23.07
C SER A 176 2.17 -26.64 -22.27
N ILE A 177 1.51 -25.70 -22.91
CA ILE A 177 0.49 -24.94 -22.22
C ILE A 177 -0.88 -25.50 -22.59
N ARG A 178 -1.23 -26.62 -21.97
CA ARG A 178 -2.49 -27.30 -22.26
C ARG A 178 -3.72 -26.54 -21.80
N SER A 179 -3.54 -25.53 -20.97
CA SER A 179 -4.67 -24.71 -20.52
C SER A 179 -5.10 -23.65 -21.55
N ARG A 180 -4.24 -23.38 -22.52
CA ARG A 180 -4.49 -22.30 -23.47
C ARG A 180 -4.54 -20.92 -22.77
N ARG A 181 -3.90 -20.83 -21.61
CA ARG A 181 -3.84 -19.55 -20.91
C ARG A 181 -2.63 -18.76 -21.37
N VAL A 182 -2.68 -18.32 -22.63
CA VAL A 182 -1.64 -17.51 -23.22
C VAL A 182 -2.29 -16.21 -23.61
N ALA A 183 -1.57 -15.11 -23.40
CA ALA A 183 -2.08 -13.78 -23.71
C ALA A 183 -0.98 -12.88 -24.28
N TRP A 184 -1.38 -11.87 -25.03
CA TRP A 184 -0.43 -10.96 -25.64
C TRP A 184 -0.74 -9.55 -25.21
N TYR A 185 0.32 -8.78 -24.95
CA TYR A 185 0.17 -7.41 -24.49
C TYR A 185 0.96 -6.47 -25.37
N GLN A 186 0.42 -5.29 -25.59
CA GLN A 186 1.06 -4.25 -26.36
C GLN A 186 1.43 -3.09 -25.44
N HIS A 187 2.65 -2.58 -25.61
CA HIS A 187 3.14 -1.52 -24.75
C HIS A 187 3.95 -0.44 -25.46
N LYS A 188 3.36 0.76 -25.58
CA LYS A 188 4.12 1.96 -25.95
C LYS A 188 4.71 2.50 -24.64
N PRO A 189 6.04 2.45 -24.48
CA PRO A 189 6.57 2.99 -23.22
C PRO A 189 5.95 4.34 -22.87
N GLY A 190 5.61 4.52 -21.59
CA GLY A 190 4.99 5.73 -21.09
C GLY A 190 3.48 5.58 -20.92
N GLN A 191 2.89 4.62 -21.62
CA GLN A 191 1.45 4.36 -21.52
C GLN A 191 1.11 3.05 -20.86
N ALA A 192 -0.16 2.88 -20.53
CA ALA A 192 -0.56 1.64 -19.91
C ALA A 192 -0.29 0.51 -20.90
N PRO A 193 0.27 -0.59 -20.40
CA PRO A 193 0.25 -1.80 -21.24
C PRO A 193 -1.21 -2.13 -21.58
N ARG A 194 -1.44 -2.76 -22.73
CA ARG A 194 -2.80 -2.95 -23.21
C ARG A 194 -2.98 -4.39 -23.69
N LEU A 195 -4.08 -5.03 -23.28
CA LEU A 195 -4.26 -6.44 -23.61
C LEU A 195 -4.68 -6.56 -25.07
N VAL A 196 -4.11 -7.54 -25.79
CA VAL A 196 -4.48 -7.74 -27.18
C VAL A 196 -5.26 -9.04 -27.40
N ILE A 197 -4.70 -10.13 -26.89
CA ILE A 197 -5.22 -11.47 -27.11
C ILE A 197 -5.18 -12.19 -25.76
N HIS A 198 -6.28 -12.86 -25.40
CA HIS A 198 -6.25 -13.75 -24.25
C HIS A 198 -6.75 -15.11 -24.67
N GLY A 199 -6.36 -16.15 -23.95
CA GLY A 199 -6.81 -17.51 -24.25
C GLY A 199 -6.28 -17.97 -25.60
N VAL A 200 -5.04 -17.60 -25.88
CA VAL A 200 -4.38 -17.95 -27.14
C VAL A 200 -4.92 -17.17 -28.32
N SER A 201 -6.25 -17.10 -28.43
CA SER A 201 -6.90 -16.64 -29.66
C SER A 201 -8.06 -15.65 -29.50
N ASN A 202 -8.53 -15.43 -28.27
CA ASN A 202 -9.64 -14.51 -28.03
C ASN A 202 -9.24 -13.04 -28.04
N ARG A 203 -9.72 -12.31 -29.03
CA ARG A 203 -9.36 -10.91 -29.18
C ARG A 203 -10.03 -10.10 -28.09
N ALA A 204 -9.28 -9.19 -27.48
CA ALA A 204 -9.81 -8.37 -26.39
C ALA A 204 -10.77 -7.29 -26.91
N SER A 205 -11.74 -6.89 -26.11
CA SER A 205 -12.72 -5.93 -26.61
C SER A 205 -12.00 -4.65 -27.08
N GLY A 206 -12.48 -4.06 -28.16
CA GLY A 206 -11.85 -2.88 -28.73
C GLY A 206 -10.55 -3.14 -29.50
N ILE A 207 -10.23 -4.41 -29.75
CA ILE A 207 -9.05 -4.76 -30.53
C ILE A 207 -9.41 -5.11 -31.97
N SER A 208 -8.73 -4.49 -32.93
CA SER A 208 -9.09 -4.63 -34.34
C SER A 208 -8.84 -6.05 -34.86
N ASP A 209 -9.60 -6.45 -35.88
CA ASP A 209 -9.45 -7.77 -36.48
C ASP A 209 -8.13 -7.89 -37.24
N ARG A 210 -7.41 -6.77 -37.36
CA ARG A 210 -6.02 -6.82 -37.80
C ARG A 210 -5.32 -7.93 -37.02
N PHE A 211 -5.59 -7.95 -35.71
CA PHE A 211 -4.87 -8.79 -34.76
C PHE A 211 -5.52 -10.16 -34.56
N SER A 212 -4.70 -11.20 -34.61
CA SER A 212 -5.18 -12.49 -34.21
C SER A 212 -4.02 -13.24 -33.58
N GLY A 213 -4.34 -14.26 -32.80
CA GLY A 213 -3.32 -15.10 -32.19
C GLY A 213 -3.74 -16.55 -32.37
N SER A 214 -2.81 -17.45 -32.12
CA SER A 214 -3.05 -18.85 -32.40
C SER A 214 -1.91 -19.64 -31.81
N GLY A 215 -2.06 -20.95 -31.77
CA GLY A 215 -0.99 -21.83 -31.32
C GLY A 215 -1.46 -22.98 -30.45
N SER A 216 -0.51 -23.80 -30.04
CA SER A 216 -0.79 -24.92 -29.16
C SER A 216 0.53 -25.45 -28.64
N GLY A 217 0.47 -26.29 -27.62
CA GLY A 217 1.66 -26.95 -27.13
C GLY A 217 2.67 -25.94 -26.67
N THR A 218 3.69 -25.69 -27.48
CA THR A 218 4.82 -24.90 -27.04
C THR A 218 5.12 -23.71 -27.94
N ASP A 219 4.39 -23.61 -29.05
CA ASP A 219 4.60 -22.54 -30.03
C ASP A 219 3.34 -21.73 -30.24
N PHE A 220 3.42 -20.43 -29.92
CA PHE A 220 2.30 -19.52 -30.05
C PHE A 220 2.71 -18.32 -30.84
N THR A 221 1.78 -17.75 -31.58
CA THR A 221 2.10 -16.63 -32.45
C THR A 221 0.98 -15.58 -32.42
N LEU A 222 1.39 -14.33 -32.65
CA LEU A 222 0.48 -13.20 -32.75
C LEU A 222 0.67 -12.67 -34.16
N THR A 223 -0.41 -12.23 -34.78
CA THR A 223 -0.34 -11.78 -36.17
C THR A 223 -1.05 -10.46 -36.33
N ILE A 224 -0.44 -9.55 -37.08
CA ILE A 224 -1.13 -8.35 -37.52
C ILE A 224 -1.17 -8.42 -39.03
N THR A 225 -2.35 -8.60 -39.62
CA THR A 225 -2.44 -8.86 -41.05
C THR A 225 -1.90 -7.70 -41.87
N ARG A 226 -2.41 -6.49 -41.60
CA ARG A 226 -1.89 -5.26 -42.21
C ARG A 226 -1.52 -4.23 -41.15
N VAL A 227 -0.28 -3.77 -41.17
CA VAL A 227 0.19 -2.84 -40.15
C VAL A 227 -0.34 -1.41 -40.33
N GLU A 228 -0.59 -0.74 -39.21
CA GLU A 228 -0.88 0.69 -39.17
C GLU A 228 0.21 1.36 -38.34
N PRO A 229 0.32 2.69 -38.42
CA PRO A 229 1.40 3.35 -37.68
C PRO A 229 1.25 3.31 -36.15
N GLU A 230 0.04 3.05 -35.68
CA GLU A 230 -0.25 2.98 -34.25
C GLU A 230 0.08 1.62 -33.62
N ASP A 231 0.53 0.68 -34.45
CA ASP A 231 0.84 -0.67 -34.02
C ASP A 231 2.29 -0.82 -33.58
N PHE A 232 3.12 0.15 -33.92
CA PHE A 232 4.50 0.11 -33.48
C PHE A 232 4.57 0.27 -31.95
N ALA A 233 4.93 -0.83 -31.28
CA ALA A 233 5.04 -0.86 -29.83
C ALA A 233 5.88 -2.06 -29.48
N LEU A 234 5.98 -2.38 -28.20
CA LEU A 234 6.58 -3.64 -27.79
C LEU A 234 5.47 -4.66 -27.61
N TYR A 235 5.75 -5.92 -27.92
CA TYR A 235 4.77 -6.99 -27.72
C TYR A 235 5.32 -8.06 -26.78
N TYR A 236 4.52 -8.49 -25.81
CA TYR A 236 4.93 -9.54 -24.86
C TYR A 236 3.92 -10.64 -24.83
N CYS A 237 4.37 -11.88 -24.71
CA CYS A 237 3.41 -12.94 -24.44
C CYS A 237 3.43 -13.29 -22.98
N GLN A 238 2.41 -14.00 -22.53
CA GLN A 238 2.36 -14.37 -21.14
C GLN A 238 1.54 -15.63 -20.95
N VAL A 239 2.06 -16.50 -20.10
CA VAL A 239 1.32 -17.64 -19.61
C VAL A 239 0.84 -17.25 -18.23
N TYR A 240 -0.45 -17.42 -17.99
CA TYR A 240 -1.06 -17.02 -16.74
C TYR A 240 -1.83 -18.17 -16.09
N GLY A 241 -2.01 -18.13 -14.78
CA GLY A 241 -2.70 -19.21 -14.10
C GLY A 241 -3.21 -18.74 -12.76
N ALA A 242 -3.35 -19.66 -11.81
CA ALA A 242 -3.76 -19.27 -10.47
C ALA A 242 -2.60 -18.71 -9.66
N SER A 243 -1.46 -19.37 -9.71
CA SER A 243 -0.34 -18.95 -8.86
C SER A 243 1.01 -18.71 -9.55
N SER A 244 1.08 -18.82 -10.87
CA SER A 244 2.34 -18.50 -11.54
C SER A 244 2.14 -17.81 -12.89
N TYR A 245 2.64 -16.58 -12.99
CA TYR A 245 2.55 -15.81 -14.22
C TYR A 245 3.94 -15.55 -14.71
N THR A 246 4.14 -15.63 -16.01
CA THR A 246 5.45 -15.39 -16.57
C THR A 246 5.38 -14.77 -17.95
N PHE A 247 6.24 -13.79 -18.19
CA PHE A 247 6.25 -13.06 -19.43
C PHE A 247 7.46 -13.42 -20.27
N GLY A 248 7.32 -13.25 -21.59
CA GLY A 248 8.45 -13.36 -22.48
C GLY A 248 9.21 -12.05 -22.50
N GLN A 249 10.39 -12.05 -23.09
CA GLN A 249 11.29 -10.91 -22.97
C GLN A 249 10.87 -9.72 -23.86
N GLY A 250 9.93 -9.98 -24.76
CA GLY A 250 9.33 -8.93 -25.55
C GLY A 250 9.88 -8.86 -26.95
N THR A 251 9.07 -8.38 -27.90
CA THR A 251 9.49 -8.15 -29.27
C THR A 251 9.15 -6.75 -29.70
N LYS A 252 10.15 -6.01 -30.18
CA LYS A 252 9.90 -4.64 -30.66
C LYS A 252 9.51 -4.57 -32.14
N LEU A 253 8.31 -4.05 -32.40
CA LEU A 253 7.90 -3.72 -33.76
C LEU A 253 8.19 -2.24 -34.04
N GLU A 254 9.30 -1.97 -34.74
CA GLU A 254 9.67 -0.61 -35.11
C GLU A 254 9.38 -0.31 -36.57
N ARG A 255 9.14 0.97 -36.88
CA ARG A 255 8.90 1.43 -38.26
C ARG A 255 10.20 1.45 -39.05
N LYS A 256 10.11 1.15 -40.36
CA LYS A 256 11.27 1.22 -41.25
C LYS A 256 10.93 0.94 -42.71
N GLN B 7 21.16 -5.39 21.79
CA GLN B 7 21.07 -6.28 20.64
C GLN B 7 19.74 -7.07 20.59
N VAL B 8 19.63 -7.93 19.59
CA VAL B 8 18.41 -8.71 19.36
C VAL B 8 18.05 -9.61 20.54
N GLN B 9 16.78 -9.57 20.92
CA GLN B 9 16.34 -10.35 22.06
C GLN B 9 14.87 -10.67 21.95
N LEU B 10 14.50 -11.90 22.28
CA LEU B 10 13.12 -12.31 22.25
C LEU B 10 12.74 -12.79 23.65
N VAL B 11 11.85 -12.05 24.32
CA VAL B 11 11.49 -12.34 25.71
C VAL B 11 10.11 -12.94 25.85
N GLN B 12 10.04 -14.16 26.37
CA GLN B 12 8.77 -14.89 26.42
C GLN B 12 7.99 -14.81 27.75
N SER B 13 6.74 -15.23 27.73
CA SER B 13 5.93 -15.26 28.94
C SER B 13 6.34 -16.41 29.87
N GLY B 14 5.63 -16.55 30.99
CA GLY B 14 6.04 -17.47 32.03
C GLY B 14 5.46 -18.86 31.85
N ALA B 15 6.13 -19.84 32.47
CA ALA B 15 5.68 -21.22 32.44
C ALA B 15 4.26 -21.31 33.00
N GLU B 16 3.51 -22.31 32.57
CA GLU B 16 2.16 -22.51 33.06
C GLU B 16 1.82 -23.98 33.27
N VAL B 17 0.93 -24.24 34.23
CA VAL B 17 0.33 -25.56 34.42
C VAL B 17 -1.11 -25.56 33.90
N LYS B 18 -1.46 -26.56 33.08
CA LYS B 18 -2.76 -26.61 32.43
C LYS B 18 -3.46 -27.98 32.52
N LYS B 19 -4.77 -27.94 32.73
CA LYS B 19 -5.59 -29.14 32.73
C LYS B 19 -5.88 -29.56 31.29
N PRO B 20 -6.20 -30.83 31.08
CA PRO B 20 -6.62 -31.13 29.70
C PRO B 20 -7.87 -30.34 29.33
N GLY B 21 -8.01 -30.06 28.03
CA GLY B 21 -9.10 -29.26 27.53
C GLY B 21 -8.82 -27.76 27.45
N ALA B 22 -7.99 -27.24 28.36
CA ALA B 22 -7.68 -25.82 28.34
C ALA B 22 -6.90 -25.38 27.08
N SER B 23 -6.72 -24.07 26.96
CA SER B 23 -5.84 -23.54 25.93
C SER B 23 -4.77 -22.73 26.63
N VAL B 24 -3.71 -22.44 25.89
CA VAL B 24 -2.57 -21.71 26.44
C VAL B 24 -2.07 -20.69 25.45
N LYS B 25 -1.81 -19.48 25.92
CA LYS B 25 -1.36 -18.40 25.04
C LYS B 25 0.02 -17.93 25.46
N VAL B 26 1.00 -18.09 24.59
CA VAL B 26 2.36 -17.74 24.91
C VAL B 26 2.72 -16.49 24.16
N SER B 27 3.26 -15.50 24.87
CA SER B 27 3.68 -14.28 24.19
C SER B 27 5.19 -14.23 24.03
N CYS B 28 5.63 -13.37 23.11
CA CYS B 28 7.01 -13.29 22.68
C CYS B 28 7.26 -11.84 22.27
N GLN B 29 7.93 -11.10 23.12
CA GLN B 29 8.15 -9.69 22.89
C GLN B 29 9.55 -9.44 22.35
N ALA B 30 9.65 -8.74 21.24
CA ALA B 30 10.96 -8.53 20.63
C ALA B 30 11.50 -7.16 20.98
N SER B 31 12.80 -7.10 21.23
CA SER B 31 13.51 -5.83 21.35
C SER B 31 14.83 -5.87 20.57
N GLY B 32 15.31 -4.72 20.13
CA GLY B 32 16.63 -4.62 19.55
C GLY B 32 16.63 -4.68 18.04
N TYR B 33 15.45 -4.52 17.45
CA TYR B 33 15.35 -4.47 16.00
C TYR B 33 13.93 -4.09 15.61
N ARG B 34 13.69 -3.92 14.32
CA ARG B 34 12.38 -3.55 13.85
C ARG B 34 11.50 -4.77 13.73
N PHE B 35 10.50 -4.85 14.62
CA PHE B 35 9.72 -6.06 14.83
C PHE B 35 8.98 -6.60 13.61
N SER B 36 8.51 -5.69 12.76
CA SER B 36 7.62 -6.05 11.68
C SER B 36 8.40 -6.44 10.43
N HIS B 37 9.72 -6.32 10.47
CA HIS B 37 10.55 -6.64 9.32
C HIS B 37 11.07 -8.06 9.36
N PHE B 38 10.68 -8.82 10.38
CA PHE B 38 11.16 -10.21 10.53
C PHE B 38 10.06 -11.21 10.91
N THR B 39 9.92 -12.24 10.10
CA THR B 39 9.01 -13.34 10.40
C THR B 39 9.45 -14.05 11.70
N VAL B 40 8.47 -14.47 12.47
CA VAL B 40 8.69 -15.21 13.70
C VAL B 40 8.24 -16.67 13.53
N HIS B 41 9.15 -17.62 13.75
CA HIS B 41 8.77 -19.05 13.84
C HIS B 41 8.28 -19.41 15.23
N TRP B 42 7.38 -20.40 15.32
CA TRP B 42 7.06 -21.01 16.61
C TRP B 42 7.46 -22.48 16.57
N VAL B 43 8.12 -22.96 17.62
CA VAL B 43 8.75 -24.28 17.61
C VAL B 43 8.60 -24.85 18.99
N ARG B 44 8.44 -26.16 19.12
CA ARG B 44 8.31 -26.73 20.45
C ARG B 44 9.15 -27.99 20.64
N GLN B 45 9.40 -28.38 21.89
CA GLN B 45 10.09 -29.64 22.14
C GLN B 45 9.46 -30.36 23.33
N ALA B 46 8.81 -31.48 23.04
CA ALA B 46 8.27 -32.33 24.07
C ALA B 46 9.41 -33.15 24.65
N PRO B 47 9.38 -33.41 25.96
CA PRO B 47 10.37 -34.27 26.62
C PRO B 47 10.84 -35.46 25.76
N GLY B 48 12.16 -35.58 25.62
CA GLY B 48 12.76 -36.60 24.80
C GLY B 48 12.17 -36.77 23.40
N GLN B 49 11.95 -35.65 22.70
CA GLN B 49 11.52 -35.68 21.29
C GLN B 49 12.34 -34.70 20.47
N ARG B 50 12.21 -34.79 19.16
CA ARG B 50 12.86 -33.82 18.30
C ARG B 50 12.21 -32.44 18.50
N PHE B 51 12.94 -31.36 18.22
CA PHE B 51 12.30 -30.06 18.05
C PHE B 51 11.26 -30.25 17.00
N GLU B 52 10.14 -29.55 17.16
CA GLU B 52 9.01 -29.74 16.30
C GLU B 52 8.46 -28.38 15.86
N TRP B 53 8.52 -28.08 14.57
CA TRP B 53 8.05 -26.79 14.07
C TRP B 53 6.53 -26.69 14.04
N MET B 54 5.99 -25.59 14.56
CA MET B 54 4.54 -25.40 14.57
C MET B 54 4.03 -24.48 13.48
N GLY B 55 4.81 -23.48 13.13
CA GLY B 55 4.41 -22.54 12.09
C GLY B 55 5.06 -21.18 12.28
N TRP B 56 4.97 -20.35 11.25
CA TRP B 56 5.45 -18.98 11.38
C TRP B 56 4.42 -17.92 11.01
N ILE B 57 4.67 -16.72 11.49
CA ILE B 57 3.87 -15.57 11.14
C ILE B 57 4.78 -14.45 10.67
N ASN B 58 4.33 -13.74 9.66
CA ASN B 58 5.09 -12.62 9.18
C ASN B 58 4.33 -11.36 9.54
N PRO B 59 4.83 -10.59 10.51
CA PRO B 59 4.00 -9.50 11.02
C PRO B 59 3.85 -8.38 10.02
N TYR B 60 4.69 -8.35 8.99
CA TYR B 60 4.65 -7.28 8.01
C TYR B 60 3.35 -7.30 7.22
N ASN B 61 2.93 -8.48 6.80
CA ASN B 61 1.79 -8.59 5.89
C ASN B 61 0.72 -9.58 6.37
N GLY B 62 0.96 -10.24 7.49
CA GLY B 62 -0.04 -11.13 8.06
C GLY B 62 -0.01 -12.55 7.50
N ASN B 63 0.86 -12.83 6.55
CA ASN B 63 1.08 -14.20 6.13
C ASN B 63 1.40 -15.17 7.26
N LYS B 64 0.81 -16.34 7.18
CA LYS B 64 0.97 -17.33 8.19
C LYS B 64 1.23 -18.63 7.47
N GLU B 65 2.04 -19.49 8.06
CA GLU B 65 2.25 -20.82 7.55
C GLU B 65 2.04 -21.77 8.72
N PHE B 66 1.32 -22.85 8.51
CA PHE B 66 1.00 -23.78 9.61
C PHE B 66 1.45 -25.18 9.33
N SER B 67 2.13 -25.77 10.30
CA SER B 67 2.36 -27.20 10.27
C SER B 67 1.02 -27.90 10.22
N ALA B 68 0.90 -28.97 9.42
CA ALA B 68 -0.35 -29.75 9.39
C ALA B 68 -0.70 -30.37 10.75
N LYS B 69 0.30 -30.77 11.53
CA LYS B 69 0.05 -31.28 12.87
C LYS B 69 -0.69 -30.28 13.78
N PHE B 70 -0.54 -28.98 13.49
CA PHE B 70 -1.09 -27.95 14.39
C PHE B 70 -2.12 -26.98 13.79
N GLN B 71 -2.40 -27.07 12.50
CA GLN B 71 -3.27 -26.08 11.87
C GLN B 71 -4.66 -25.99 12.55
N ASP B 72 -5.21 -27.12 12.92
CA ASP B 72 -6.52 -27.12 13.57
C ASP B 72 -6.50 -26.37 14.90
N ARG B 73 -5.42 -26.47 15.67
CA ARG B 73 -5.45 -26.03 17.07
C ARG B 73 -4.64 -24.80 17.44
N VAL B 74 -4.03 -24.14 16.48
CA VAL B 74 -3.14 -23.06 16.85
C VAL B 74 -3.49 -21.81 16.10
N THR B 75 -3.23 -20.68 16.73
CA THR B 75 -3.49 -19.40 16.13
C THR B 75 -2.33 -18.46 16.43
N PHE B 76 -1.69 -17.96 15.38
CA PHE B 76 -0.63 -16.97 15.53
C PHE B 76 -1.18 -15.58 15.33
N THR B 77 -0.78 -14.65 16.18
CA THR B 77 -1.11 -13.25 15.98
C THR B 77 0.08 -12.40 16.33
N ALA B 78 -0.01 -11.12 15.99
CA ALA B 78 1.09 -10.20 16.22
C ALA B 78 0.49 -8.86 16.59
N ASP B 79 1.24 -8.09 17.37
CA ASP B 79 0.77 -6.80 17.82
C ASP B 79 1.93 -5.84 17.65
N THR B 80 2.04 -5.24 16.48
CA THR B 80 3.29 -4.56 16.12
C THR B 80 3.50 -3.28 16.93
N SER B 81 2.41 -2.66 17.40
CA SER B 81 2.58 -1.52 18.29
C SER B 81 3.30 -2.01 19.55
N ALA B 82 2.96 -3.23 20.01
CA ALA B 82 3.54 -3.80 21.22
C ALA B 82 4.81 -4.57 20.98
N ASN B 83 5.18 -4.73 19.71
CA ASN B 83 6.37 -5.51 19.37
C ASN B 83 6.24 -6.94 19.84
N THR B 84 5.02 -7.45 19.85
CA THR B 84 4.78 -8.74 20.45
C THR B 84 4.08 -9.72 19.51
N ALA B 85 4.57 -10.95 19.51
CA ALA B 85 4.00 -12.02 18.73
C ALA B 85 3.36 -13.01 19.71
N TYR B 86 2.20 -13.56 19.35
CA TYR B 86 1.46 -14.43 20.27
C TYR B 86 1.24 -15.75 19.57
N MET B 87 1.09 -16.79 20.37
CA MET B 87 0.77 -18.09 19.85
C MET B 87 -0.19 -18.69 20.82
N GLU B 88 -1.30 -19.22 20.31
CA GLU B 88 -2.30 -19.82 21.17
C GLU B 88 -2.65 -21.23 20.71
N LEU B 89 -2.65 -22.16 21.65
CA LEU B 89 -2.92 -23.56 21.35
C LEU B 89 -4.16 -24.00 22.15
N ARG B 90 -5.18 -24.53 21.48
CA ARG B 90 -6.41 -24.94 22.19
C ARG B 90 -6.46 -26.43 22.45
N SER B 91 -7.43 -26.86 23.24
CA SER B 91 -7.66 -28.29 23.49
C SER B 91 -6.43 -29.06 23.95
N LEU B 92 -5.65 -28.47 24.85
CA LEU B 92 -4.42 -29.08 25.36
C LEU B 92 -4.64 -30.52 25.78
N ARG B 93 -3.66 -31.37 25.50
CA ARG B 93 -3.66 -32.74 26.01
C ARG B 93 -2.24 -33.06 26.46
N SER B 94 -2.06 -34.24 27.05
CA SER B 94 -0.76 -34.67 27.57
C SER B 94 0.43 -34.49 26.64
N ALA B 95 0.29 -34.93 25.39
CA ALA B 95 1.37 -34.85 24.43
C ALA B 95 1.68 -33.40 24.04
N ASP B 96 1.05 -32.46 24.74
CA ASP B 96 1.30 -31.03 24.55
C ASP B 96 2.22 -30.44 25.62
N THR B 97 2.60 -31.26 26.60
CA THR B 97 3.63 -30.85 27.53
C THR B 97 4.94 -30.65 26.73
N ALA B 98 5.51 -29.46 26.82
CA ALA B 98 6.70 -29.16 26.05
C ALA B 98 7.28 -27.82 26.44
N VAL B 99 8.46 -27.50 25.92
CA VAL B 99 8.95 -26.12 25.98
C VAL B 99 8.62 -25.50 24.62
N TYR B 100 7.95 -24.36 24.64
CA TYR B 100 7.57 -23.65 23.42
C TYR B 100 8.48 -22.46 23.15
N TYR B 101 9.02 -22.38 21.95
CA TYR B 101 9.97 -21.33 21.62
C TYR B 101 9.46 -20.43 20.50
N CYS B 102 9.80 -19.15 20.58
CA CYS B 102 9.70 -18.29 19.42
C CYS B 102 11.10 -18.05 18.88
N ALA B 103 11.18 -17.79 17.59
CA ALA B 103 12.45 -17.64 16.91
C ALA B 103 12.23 -16.67 15.76
N ARG B 104 13.15 -15.72 15.59
CA ARG B 104 13.06 -14.75 14.52
C ARG B 104 13.88 -15.28 13.34
N VAL B 105 13.42 -15.12 12.11
CA VAL B 105 14.25 -15.53 10.98
C VAL B 105 15.51 -14.68 10.84
N GLY B 106 16.36 -15.06 9.91
CA GLY B 106 17.59 -14.35 9.68
C GLY B 106 17.42 -13.07 8.86
N GLU B 107 18.48 -12.26 8.86
CA GLU B 107 18.51 -11.08 8.04
C GLU B 107 18.75 -11.49 6.58
N TRP B 108 18.17 -10.75 5.65
CA TRP B 108 18.26 -11.12 4.24
C TRP B 108 19.70 -11.02 3.72
N GLY B 109 20.16 -12.08 3.05
CA GLY B 109 21.50 -12.13 2.48
C GLY B 109 21.59 -11.63 1.04
N TRP B 110 22.69 -10.93 0.74
CA TRP B 110 22.87 -10.25 -0.55
C TRP B 110 22.75 -11.16 -1.77
N ASP B 111 22.82 -12.46 -1.55
CA ASP B 111 22.74 -13.42 -2.65
C ASP B 111 21.60 -14.43 -2.45
N ASP B 112 20.77 -14.19 -1.44
CA ASP B 112 19.74 -15.14 -1.04
C ASP B 112 18.62 -15.40 -2.05
N SER B 113 18.19 -16.66 -2.13
CA SER B 113 16.97 -16.99 -2.87
C SER B 113 15.80 -16.95 -1.89
N PRO B 114 14.56 -16.93 -2.42
CA PRO B 114 13.39 -16.97 -1.53
C PRO B 114 13.58 -18.01 -0.42
N TYR B 115 13.58 -17.54 0.83
CA TYR B 115 13.57 -18.38 2.03
C TYR B 115 14.91 -18.88 2.53
N ASP B 116 16.00 -18.41 1.94
CA ASP B 116 17.32 -18.79 2.41
C ASP B 116 17.61 -18.25 3.81
N ASN B 117 16.79 -17.30 4.26
CA ASN B 117 16.99 -16.70 5.58
C ASN B 117 16.01 -17.21 6.64
N TYR B 118 15.27 -18.26 6.34
CA TYR B 118 14.20 -18.73 7.24
C TYR B 118 14.68 -19.77 8.25
N TYR B 119 15.98 -19.76 8.53
CA TYR B 119 16.50 -20.56 9.62
C TYR B 119 16.07 -19.83 10.88
N MET B 120 16.19 -20.46 12.05
CA MET B 120 15.86 -19.76 13.28
C MET B 120 17.09 -18.98 13.79
N ASP B 121 17.14 -17.68 13.51
CA ASP B 121 18.32 -16.88 13.78
C ASP B 121 18.45 -16.48 15.24
N VAL B 122 17.33 -16.17 15.89
CA VAL B 122 17.37 -15.78 17.29
C VAL B 122 16.23 -16.41 18.07
N TRP B 123 16.57 -17.08 19.17
CA TRP B 123 15.54 -17.81 19.89
C TRP B 123 15.22 -17.09 21.17
N GLY B 124 13.96 -17.23 21.61
CA GLY B 124 13.61 -16.86 22.97
C GLY B 124 14.06 -18.01 23.87
N LYS B 125 14.12 -17.77 25.17
CA LYS B 125 14.51 -18.80 26.12
C LYS B 125 13.51 -19.96 26.27
N GLY B 126 12.28 -19.75 25.81
CA GLY B 126 11.29 -20.82 25.84
C GLY B 126 10.34 -20.70 27.02
N THR B 127 9.14 -21.24 26.87
CA THR B 127 8.20 -21.28 27.97
C THR B 127 7.72 -22.72 28.14
N THR B 128 7.86 -23.24 29.36
CA THR B 128 7.39 -24.60 29.68
C THR B 128 5.89 -24.66 29.97
N VAL B 129 5.21 -25.58 29.32
CA VAL B 129 3.80 -25.79 29.55
C VAL B 129 3.60 -27.22 29.96
N ILE B 130 3.10 -27.43 31.18
CA ILE B 130 2.82 -28.79 31.64
C ILE B 130 1.33 -29.07 31.69
N VAL B 131 0.91 -30.13 31.00
CA VAL B 131 -0.48 -30.56 30.99
C VAL B 131 -0.61 -31.82 31.81
N SER B 132 -1.54 -31.83 32.75
CA SER B 132 -1.78 -33.03 33.55
C SER B 132 -2.31 -34.18 32.68
N GLU B 149 8.98 -35.68 2.60
CA GLU B 149 9.02 -35.89 4.05
C GLU B 149 10.44 -36.27 4.50
N ILE B 150 11.28 -35.24 4.67
CA ILE B 150 12.70 -35.46 4.95
C ILE B 150 12.95 -35.92 6.37
N VAL B 151 13.80 -36.92 6.54
CA VAL B 151 14.29 -37.31 7.86
C VAL B 151 15.78 -36.97 8.01
N LEU B 152 16.14 -36.39 9.14
CA LEU B 152 17.55 -36.15 9.42
C LEU B 152 18.00 -37.05 10.55
N THR B 153 19.08 -37.79 10.33
CA THR B 153 19.61 -38.63 11.40
C THR B 153 21.01 -38.18 11.74
N GLN B 154 21.24 -37.94 13.02
CA GLN B 154 22.54 -37.49 13.49
C GLN B 154 23.39 -38.59 14.14
N ALA B 155 24.71 -38.42 14.09
CA ALA B 155 25.62 -39.33 14.78
C ALA B 155 26.94 -38.63 15.11
N PRO B 156 27.59 -39.07 16.20
CA PRO B 156 27.09 -40.08 17.12
C PRO B 156 26.02 -39.51 18.06
N GLY B 157 25.25 -40.36 18.74
CA GLY B 157 24.26 -39.85 19.67
C GLY B 157 24.92 -39.04 20.77
N THR B 158 26.13 -39.45 21.12
CA THR B 158 26.91 -38.80 22.17
C THR B 158 28.35 -38.81 21.72
N LEU B 159 29.15 -37.96 22.34
CA LEU B 159 30.48 -37.73 21.84
C LEU B 159 31.31 -37.11 22.95
N SER B 160 32.16 -37.92 23.56
CA SER B 160 32.94 -37.50 24.71
C SER B 160 34.35 -37.03 24.33
N LEU B 161 34.75 -35.84 24.79
CA LEU B 161 36.03 -35.24 24.42
C LEU B 161 36.58 -34.34 25.53
N SER B 162 37.88 -34.09 25.49
CA SER B 162 38.53 -33.20 26.45
C SER B 162 38.90 -31.92 25.72
N PRO B 163 38.80 -30.78 26.43
CA PRO B 163 39.12 -29.50 25.81
C PRO B 163 40.41 -29.57 25.00
N GLY B 164 40.34 -29.16 23.74
CA GLY B 164 41.51 -29.22 22.87
C GLY B 164 41.28 -30.11 21.65
N GLU B 165 40.63 -31.25 21.85
CA GLU B 165 40.45 -32.20 20.77
C GLU B 165 39.53 -31.64 19.67
N ARG B 166 39.44 -32.36 18.56
CA ARG B 166 38.58 -32.00 17.45
C ARG B 166 37.25 -32.73 17.58
N ALA B 167 36.15 -31.99 17.43
CA ALA B 167 34.82 -32.61 17.43
C ALA B 167 34.21 -32.59 16.04
N THR B 168 33.55 -33.70 15.68
CA THR B 168 32.96 -33.84 14.37
C THR B 168 31.57 -34.43 14.46
N PHE B 169 30.58 -33.63 14.06
CA PHE B 169 29.17 -34.00 14.09
C PHE B 169 28.67 -34.35 12.70
N SER B 170 27.87 -35.39 12.57
CA SER B 170 27.34 -35.80 11.27
C SER B 170 25.85 -35.62 11.22
N CYS B 171 25.35 -35.41 10.01
CA CYS B 171 23.92 -35.30 9.77
C CYS B 171 23.66 -35.89 8.41
N ARG B 172 22.85 -36.95 8.35
CA ARG B 172 22.51 -37.56 7.07
C ARG B 172 21.06 -37.30 6.78
N SER B 173 20.78 -36.78 5.59
CA SER B 173 19.42 -36.55 5.16
C SER B 173 18.95 -37.72 4.31
N SER B 174 17.65 -37.99 4.33
CA SER B 174 17.07 -39.05 3.51
C SER B 174 16.86 -38.60 2.07
N HIS B 175 16.60 -37.31 1.88
CA HIS B 175 16.59 -36.70 0.55
C HIS B 175 17.84 -35.85 0.36
N SER B 176 18.17 -35.57 -0.88
CA SER B 176 19.24 -34.60 -1.13
C SER B 176 18.75 -33.19 -0.79
N ILE B 177 19.59 -32.44 -0.07
CA ILE B 177 19.23 -31.08 0.27
C ILE B 177 19.96 -30.20 -0.72
N ARG B 178 19.51 -30.29 -1.95
CA ARG B 178 20.03 -29.53 -3.07
C ARG B 178 20.09 -28.03 -2.76
N SER B 179 19.11 -27.52 -2.03
CA SER B 179 19.00 -26.08 -1.79
C SER B 179 20.06 -25.53 -0.83
N ARG B 180 20.80 -26.42 -0.18
CA ARG B 180 21.80 -25.97 0.79
C ARG B 180 21.21 -25.22 1.97
N ARG B 181 20.00 -25.59 2.37
CA ARG B 181 19.38 -24.98 3.53
C ARG B 181 19.49 -25.92 4.75
N VAL B 182 20.72 -26.04 5.25
CA VAL B 182 21.05 -26.82 6.44
C VAL B 182 21.55 -25.86 7.50
N ALA B 183 21.11 -26.02 8.74
CA ALA B 183 21.55 -25.14 9.81
C ALA B 183 21.90 -25.95 11.05
N TRP B 184 22.77 -25.41 11.88
CA TRP B 184 23.18 -26.11 13.08
C TRP B 184 22.95 -25.25 14.30
N TYR B 185 22.40 -25.86 15.35
CA TYR B 185 22.10 -25.12 16.55
C TYR B 185 22.78 -25.74 17.75
N GLN B 186 23.11 -24.89 18.71
CA GLN B 186 23.72 -25.27 19.97
C GLN B 186 22.69 -25.10 21.08
N HIS B 187 22.52 -26.10 21.95
CA HIS B 187 21.60 -25.97 23.07
C HIS B 187 22.08 -26.45 24.43
N LYS B 188 22.13 -25.53 25.39
CA LYS B 188 22.34 -25.83 26.80
C LYS B 188 21.02 -25.61 27.54
N PRO B 189 20.31 -26.70 27.89
CA PRO B 189 18.91 -26.61 28.34
C PRO B 189 18.76 -25.63 29.49
N GLY B 190 17.73 -24.79 29.40
CA GLY B 190 17.65 -23.62 30.23
C GLY B 190 17.84 -22.36 29.41
N GLN B 191 19.00 -22.25 28.74
CA GLN B 191 19.29 -21.14 27.82
C GLN B 191 18.60 -21.32 26.48
N ALA B 192 18.64 -20.28 25.67
CA ALA B 192 18.06 -20.29 24.33
C ALA B 192 19.00 -20.97 23.38
N PRO B 193 18.49 -21.84 22.52
CA PRO B 193 19.29 -22.38 21.42
C PRO B 193 20.02 -21.27 20.69
N ARG B 194 21.26 -21.47 20.28
CA ARG B 194 21.94 -20.47 19.44
C ARG B 194 22.22 -21.02 18.04
N LEU B 195 22.02 -20.18 17.03
CA LEU B 195 22.38 -20.57 15.68
C LEU B 195 23.90 -20.53 15.59
N VAL B 196 24.49 -21.59 15.01
CA VAL B 196 25.93 -21.69 14.86
C VAL B 196 26.29 -21.56 13.38
N ILE B 197 25.68 -22.41 12.55
CA ILE B 197 25.91 -22.42 11.11
C ILE B 197 24.57 -22.40 10.36
N HIS B 198 24.44 -21.53 9.37
CA HIS B 198 23.29 -21.58 8.43
C HIS B 198 23.77 -21.71 6.99
N GLY B 199 22.92 -22.23 6.10
CA GLY B 199 23.30 -22.38 4.71
C GLY B 199 24.47 -23.34 4.54
N VAL B 200 24.48 -24.37 5.36
CA VAL B 200 25.52 -25.40 5.36
C VAL B 200 26.89 -24.97 5.86
N SER B 201 27.38 -23.80 5.43
CA SER B 201 28.76 -23.40 5.71
C SER B 201 28.96 -21.99 6.30
N ASN B 202 27.88 -21.22 6.36
CA ASN B 202 27.97 -19.86 6.88
C ASN B 202 27.92 -19.79 8.37
N ARG B 203 28.98 -19.27 8.95
CA ARG B 203 29.08 -19.13 10.39
C ARG B 203 28.31 -17.88 10.79
N ALA B 204 27.37 -18.04 11.73
CA ALA B 204 26.50 -16.96 12.17
C ALA B 204 27.26 -15.95 13.00
N SER B 205 26.79 -14.71 13.02
CA SER B 205 27.52 -13.64 13.71
C SER B 205 27.87 -13.96 15.16
N GLY B 206 29.09 -13.59 15.55
CA GLY B 206 29.54 -13.81 16.91
C GLY B 206 29.96 -15.24 17.20
N ILE B 207 29.97 -16.08 16.16
CA ILE B 207 30.42 -17.46 16.33
C ILE B 207 31.90 -17.64 16.01
N SER B 208 32.62 -18.25 16.94
CA SER B 208 34.08 -18.35 16.83
C SER B 208 34.57 -18.99 15.53
N ASP B 209 35.83 -18.73 15.20
CA ASP B 209 36.52 -19.32 14.05
C ASP B 209 36.69 -20.85 14.18
N ARG B 210 36.54 -21.37 15.39
CA ARG B 210 36.69 -22.79 15.68
C ARG B 210 35.60 -23.61 15.00
N PHE B 211 34.49 -22.96 14.69
CA PHE B 211 33.31 -23.64 14.15
C PHE B 211 33.24 -23.52 12.64
N SER B 212 32.94 -24.63 11.98
CA SER B 212 32.67 -24.57 10.56
C SER B 212 31.78 -25.73 10.19
N GLY B 213 31.01 -25.58 9.12
CA GLY B 213 30.15 -26.66 8.67
C GLY B 213 30.47 -26.97 7.23
N SER B 214 29.96 -28.08 6.73
CA SER B 214 30.21 -28.42 5.34
C SER B 214 29.39 -29.62 4.90
N GLY B 215 29.43 -29.90 3.61
CA GLY B 215 28.82 -31.11 3.09
C GLY B 215 28.02 -30.84 1.84
N SER B 216 27.24 -31.84 1.43
CA SER B 216 26.37 -31.64 0.29
C SER B 216 25.50 -32.87 0.07
N GLY B 217 24.46 -32.69 -0.72
CA GLY B 217 23.57 -33.76 -1.08
C GLY B 217 22.90 -34.39 0.11
N THR B 218 23.65 -35.19 0.85
CA THR B 218 23.05 -36.07 1.83
C THR B 218 23.76 -36.06 3.18
N ASP B 219 25.02 -35.64 3.17
CA ASP B 219 25.82 -35.71 4.38
C ASP B 219 26.41 -34.36 4.68
N PHE B 220 26.23 -33.92 5.92
CA PHE B 220 26.67 -32.61 6.34
C PHE B 220 27.40 -32.76 7.66
N THR B 221 28.31 -31.85 7.94
CA THR B 221 29.09 -31.98 9.15
C THR B 221 29.31 -30.61 9.79
N LEU B 222 29.26 -30.61 11.10
CA LEU B 222 29.66 -29.47 11.88
C LEU B 222 31.00 -29.88 12.45
N THR B 223 31.96 -28.97 12.44
CA THR B 223 33.27 -29.27 13.01
C THR B 223 33.69 -28.18 14.00
N ILE B 224 34.26 -28.60 15.13
CA ILE B 224 34.95 -27.70 16.03
C ILE B 224 36.40 -28.13 16.08
N THR B 225 37.30 -27.27 15.61
CA THR B 225 38.71 -27.62 15.48
C THR B 225 39.33 -27.98 16.83
N ARG B 226 39.30 -27.03 17.76
CA ARG B 226 39.74 -27.31 19.14
C ARG B 226 38.62 -26.94 20.10
N VAL B 227 38.31 -27.85 21.03
CA VAL B 227 37.19 -27.64 21.93
C VAL B 227 37.53 -26.79 23.16
N GLU B 228 36.75 -25.74 23.37
CA GLU B 228 36.78 -24.95 24.60
C GLU B 228 35.72 -25.49 25.55
N PRO B 229 35.82 -25.17 26.86
CA PRO B 229 34.84 -25.62 27.86
C PRO B 229 33.41 -25.06 27.68
N GLU B 230 33.29 -23.95 26.95
CA GLU B 230 32.00 -23.34 26.68
C GLU B 230 31.23 -24.07 25.57
N ASP B 231 31.77 -25.18 25.08
CA ASP B 231 31.22 -25.81 23.90
C ASP B 231 30.38 -27.03 24.20
N PHE B 232 30.43 -27.48 25.44
CA PHE B 232 29.69 -28.68 25.82
C PHE B 232 28.19 -28.38 25.91
N ALA B 233 27.44 -28.95 24.97
CA ALA B 233 25.98 -28.77 24.91
C ALA B 233 25.44 -29.80 23.94
N LEU B 234 24.14 -29.73 23.62
CA LEU B 234 23.57 -30.55 22.54
C LEU B 234 23.64 -29.83 21.19
N TYR B 235 23.76 -30.59 20.11
CA TYR B 235 23.86 -30.01 18.77
C TYR B 235 22.85 -30.63 17.82
N TYR B 236 22.07 -29.76 17.16
CA TYR B 236 21.01 -30.18 16.27
C TYR B 236 21.25 -29.63 14.88
N CYS B 237 21.14 -30.49 13.87
CA CYS B 237 21.13 -29.98 12.51
C CYS B 237 19.69 -29.79 12.08
N GLN B 238 19.50 -29.02 11.01
CA GLN B 238 18.17 -28.70 10.54
C GLN B 238 18.18 -28.39 9.06
N VAL B 239 17.12 -28.86 8.38
CA VAL B 239 16.81 -28.47 7.02
C VAL B 239 15.63 -27.51 7.10
N TYR B 240 15.79 -26.32 6.54
CA TYR B 240 14.76 -25.30 6.60
C TYR B 240 14.29 -24.91 5.19
N GLY B 241 13.20 -24.17 5.09
CA GLY B 241 12.63 -23.84 3.80
C GLY B 241 11.44 -22.91 3.93
N ALA B 242 10.48 -23.02 3.03
CA ALA B 242 9.30 -22.16 3.08
C ALA B 242 8.20 -22.75 3.96
N SER B 243 7.91 -24.03 3.77
CA SER B 243 6.78 -24.65 4.46
C SER B 243 7.12 -25.92 5.24
N SER B 244 8.38 -26.32 5.29
CA SER B 244 8.76 -27.48 6.09
C SER B 244 10.13 -27.34 6.77
N TYR B 245 10.21 -27.81 8.01
CA TYR B 245 11.42 -27.69 8.80
C TYR B 245 11.54 -28.96 9.60
N THR B 246 12.70 -29.59 9.55
CA THR B 246 12.89 -30.79 10.34
C THR B 246 14.22 -30.76 11.01
N PHE B 247 14.27 -31.29 12.24
CA PHE B 247 15.48 -31.30 13.02
C PHE B 247 15.96 -32.74 13.22
N GLY B 248 17.26 -32.88 13.42
CA GLY B 248 17.82 -34.17 13.79
C GLY B 248 17.55 -34.36 15.26
N GLN B 249 17.81 -35.56 15.76
CA GLN B 249 17.47 -35.86 17.14
C GLN B 249 18.48 -35.31 18.13
N GLY B 250 19.62 -34.85 17.64
CA GLY B 250 20.61 -34.17 18.47
C GLY B 250 21.79 -35.02 18.90
N THR B 251 22.96 -34.38 19.01
CA THR B 251 24.17 -35.05 19.45
C THR B 251 24.71 -34.39 20.71
N LYS B 252 24.94 -35.17 21.75
CA LYS B 252 25.44 -34.58 22.98
C LYS B 252 26.97 -34.51 23.06
N LEU B 253 27.49 -33.30 23.24
CA LEU B 253 28.92 -33.11 23.42
C LEU B 253 29.25 -32.97 24.90
N GLU B 254 29.41 -34.09 25.60
CA GLU B 254 29.78 -34.04 27.01
C GLU B 254 31.30 -34.03 27.18
N ARG B 255 31.78 -33.35 28.22
CA ARG B 255 33.19 -33.26 28.52
C ARG B 255 33.83 -34.65 28.61
N GLN C 7 -27.46 -32.10 22.09
CA GLN C 7 -27.05 -32.58 20.77
C GLN C 7 -26.64 -31.42 19.86
N VAL C 8 -25.65 -31.68 19.01
CA VAL C 8 -25.12 -30.66 18.11
C VAL C 8 -26.10 -30.34 17.02
N GLN C 9 -26.39 -29.05 16.86
CA GLN C 9 -27.34 -28.59 15.86
C GLN C 9 -26.77 -27.40 15.11
N LEU C 10 -26.93 -27.42 13.78
CA LEU C 10 -26.58 -26.29 12.93
C LEU C 10 -27.85 -25.76 12.27
N VAL C 11 -28.10 -24.46 12.36
CA VAL C 11 -29.36 -23.87 11.93
C VAL C 11 -29.17 -22.79 10.87
N GLN C 12 -29.60 -23.09 9.64
CA GLN C 12 -29.30 -22.20 8.52
C GLN C 12 -30.37 -21.16 8.28
N SER C 13 -30.02 -20.10 7.58
CA SER C 13 -30.99 -19.06 7.23
C SER C 13 -32.02 -19.55 6.19
N GLY C 14 -32.98 -18.70 5.85
CA GLY C 14 -34.10 -19.13 5.03
C GLY C 14 -33.85 -19.06 3.54
N ALA C 15 -34.65 -19.81 2.79
CA ALA C 15 -34.57 -19.84 1.33
C ALA C 15 -34.64 -18.44 0.75
N GLU C 16 -34.06 -18.28 -0.43
CA GLU C 16 -34.12 -16.99 -1.10
C GLU C 16 -34.28 -17.14 -2.59
N VAL C 17 -34.80 -16.10 -3.23
CA VAL C 17 -34.94 -16.03 -4.68
C VAL C 17 -34.11 -14.84 -5.16
N LYS C 18 -33.24 -15.08 -6.13
CA LYS C 18 -32.23 -14.10 -6.55
C LYS C 18 -32.23 -13.83 -8.06
N LYS C 19 -32.01 -12.57 -8.45
CA LYS C 19 -31.91 -12.24 -9.86
C LYS C 19 -30.46 -12.44 -10.32
N PRO C 20 -30.26 -12.60 -11.62
CA PRO C 20 -28.88 -12.67 -12.09
C PRO C 20 -28.06 -11.51 -11.54
N GLY C 21 -26.76 -11.76 -11.32
CA GLY C 21 -25.80 -10.74 -10.93
C GLY C 21 -25.89 -10.34 -9.48
N ALA C 22 -26.97 -10.74 -8.81
CA ALA C 22 -27.13 -10.46 -7.39
C ALA C 22 -26.16 -11.30 -6.57
N SER C 23 -26.27 -11.23 -5.24
CA SER C 23 -25.41 -12.02 -4.39
C SER C 23 -26.22 -12.56 -3.20
N VAL C 24 -25.88 -13.76 -2.72
CA VAL C 24 -26.61 -14.35 -1.61
C VAL C 24 -25.73 -14.57 -0.39
N LYS C 25 -26.28 -14.27 0.79
CA LYS C 25 -25.55 -14.50 2.03
C LYS C 25 -26.27 -15.52 2.89
N VAL C 26 -25.58 -16.59 3.25
CA VAL C 26 -26.21 -17.67 3.96
C VAL C 26 -25.58 -17.83 5.33
N SER C 27 -26.40 -17.74 6.37
CA SER C 27 -25.89 -17.91 7.73
C SER C 27 -26.08 -19.34 8.20
N CYS C 28 -25.36 -19.69 9.25
CA CYS C 28 -25.36 -21.03 9.78
C CYS C 28 -25.05 -20.89 11.24
N GLN C 29 -26.07 -20.96 12.09
CA GLN C 29 -25.88 -20.77 13.53
C GLN C 29 -25.62 -22.07 14.30
N ALA C 30 -24.60 -22.07 15.16
CA ALA C 30 -24.24 -23.30 15.87
C ALA C 30 -24.68 -23.32 17.33
N SER C 31 -25.11 -24.49 17.78
CA SER C 31 -25.48 -24.71 19.18
C SER C 31 -25.12 -26.13 19.62
N GLY C 32 -24.85 -26.30 20.91
CA GLY C 32 -24.66 -27.64 21.46
C GLY C 32 -23.21 -28.07 21.54
N TYR C 33 -22.33 -27.18 21.11
CA TYR C 33 -20.88 -27.41 21.19
C TYR C 33 -20.14 -26.07 21.20
N ARG C 34 -18.82 -26.12 21.35
CA ARG C 34 -18.02 -24.90 21.39
C ARG C 34 -17.70 -24.45 19.97
N PHE C 35 -18.47 -23.51 19.47
CA PHE C 35 -18.38 -23.07 18.08
C PHE C 35 -16.97 -22.91 17.50
N SER C 36 -16.09 -22.25 18.24
CA SER C 36 -14.78 -21.89 17.69
C SER C 36 -13.77 -23.03 17.62
N HIS C 37 -14.16 -24.23 18.05
CA HIS C 37 -13.24 -25.35 18.10
C HIS C 37 -13.46 -26.32 16.97
N PHE C 38 -14.31 -25.96 16.02
CA PHE C 38 -14.61 -26.83 14.87
C PHE C 38 -14.65 -26.08 13.53
N THR C 39 -13.83 -26.51 12.59
CA THR C 39 -13.91 -26.08 11.22
C THR C 39 -15.31 -26.39 10.64
N VAL C 40 -15.80 -25.46 9.82
CA VAL C 40 -17.08 -25.59 9.15
C VAL C 40 -16.88 -25.65 7.64
N HIS C 41 -17.45 -26.67 6.98
CA HIS C 41 -17.45 -26.75 5.51
C HIS C 41 -18.66 -26.07 4.89
N TRP C 42 -18.55 -25.76 3.61
CA TRP C 42 -19.69 -25.25 2.86
C TRP C 42 -19.83 -26.08 1.61
N VAL C 43 -21.02 -26.61 1.38
CA VAL C 43 -21.24 -27.61 0.38
C VAL C 43 -22.55 -27.27 -0.25
N ARG C 44 -22.73 -27.58 -1.52
CA ARG C 44 -24.00 -27.27 -2.16
C ARG C 44 -24.38 -28.39 -3.10
N GLN C 45 -25.65 -28.45 -3.48
CA GLN C 45 -26.08 -29.43 -4.46
C GLN C 45 -26.99 -28.84 -5.48
N ALA C 46 -26.47 -28.62 -6.67
CA ALA C 46 -27.30 -28.17 -7.77
C ALA C 46 -28.26 -29.30 -8.10
N PRO C 47 -29.41 -28.97 -8.69
CA PRO C 47 -30.41 -29.98 -9.05
C PRO C 47 -29.82 -31.15 -9.85
N GLY C 48 -30.00 -32.35 -9.32
CA GLY C 48 -29.52 -33.55 -9.97
C GLY C 48 -28.07 -33.47 -10.38
N GLN C 49 -27.23 -32.96 -9.47
CA GLN C 49 -25.79 -33.03 -9.64
C GLN C 49 -25.22 -33.58 -8.33
N ARG C 50 -23.94 -33.92 -8.34
CA ARG C 50 -23.28 -34.41 -7.15
C ARG C 50 -23.21 -33.27 -6.15
N PHE C 51 -23.08 -33.62 -4.87
CA PHE C 51 -22.66 -32.65 -3.86
C PHE C 51 -21.34 -32.05 -4.29
N GLU C 52 -21.14 -30.77 -3.96
CA GLU C 52 -19.99 -30.02 -4.44
C GLU C 52 -19.44 -29.21 -3.28
N TRP C 53 -18.21 -29.50 -2.88
CA TRP C 53 -17.57 -28.77 -1.78
C TRP C 53 -17.15 -27.39 -2.23
N MET C 54 -17.39 -26.40 -1.38
CA MET C 54 -17.11 -25.00 -1.72
C MET C 54 -15.87 -24.49 -1.01
N GLY C 55 -15.62 -24.96 0.19
CA GLY C 55 -14.47 -24.46 0.93
C GLY C 55 -14.74 -24.64 2.39
N TRP C 56 -13.77 -24.31 3.23
CA TRP C 56 -14.01 -24.34 4.67
C TRP C 56 -13.35 -23.19 5.39
N ILE C 57 -13.88 -22.89 6.57
CA ILE C 57 -13.29 -21.89 7.46
C ILE C 57 -13.06 -22.44 8.88
N ASN C 58 -11.89 -22.19 9.44
CA ASN C 58 -11.62 -22.52 10.83
C ASN C 58 -11.90 -21.29 11.71
N PRO C 59 -13.01 -21.33 12.47
CA PRO C 59 -13.38 -20.13 13.20
C PRO C 59 -12.33 -19.76 14.22
N TYR C 60 -11.45 -20.69 14.53
CA TYR C 60 -10.50 -20.52 15.61
C TYR C 60 -9.32 -19.63 15.25
N ASN C 61 -8.76 -19.85 14.07
CA ASN C 61 -7.58 -19.12 13.61
C ASN C 61 -7.78 -18.35 12.30
N GLY C 62 -9.01 -18.35 11.78
CA GLY C 62 -9.32 -17.61 10.56
C GLY C 62 -8.83 -18.28 9.27
N ASN C 63 -8.23 -19.46 9.42
CA ASN C 63 -7.81 -20.26 8.29
C ASN C 63 -8.94 -20.57 7.34
N LYS C 64 -8.67 -20.47 6.04
CA LYS C 64 -9.67 -20.76 5.04
C LYS C 64 -9.11 -21.60 3.91
N GLU C 65 -9.95 -22.48 3.40
CA GLU C 65 -9.63 -23.29 2.26
C GLU C 65 -10.73 -23.10 1.21
N PHE C 66 -10.34 -22.78 -0.01
CA PHE C 66 -11.30 -22.58 -1.07
C PHE C 66 -11.16 -23.62 -2.18
N SER C 67 -12.30 -24.04 -2.72
CA SER C 67 -12.32 -24.87 -3.92
C SER C 67 -12.03 -23.94 -5.08
N ALA C 68 -11.15 -24.35 -6.00
CA ALA C 68 -10.80 -23.46 -7.10
C ALA C 68 -12.06 -22.94 -7.79
N LYS C 69 -13.06 -23.79 -7.94
CA LYS C 69 -14.24 -23.37 -8.67
C LYS C 69 -14.86 -22.10 -8.07
N PHE C 70 -14.72 -21.92 -6.76
CA PHE C 70 -15.44 -20.85 -6.03
C PHE C 70 -14.61 -19.71 -5.43
N GLN C 71 -13.29 -19.82 -5.49
CA GLN C 71 -12.41 -18.82 -4.87
C GLN C 71 -12.70 -17.38 -5.27
N ASP C 72 -12.95 -17.14 -6.55
CA ASP C 72 -13.11 -15.77 -7.05
C ASP C 72 -14.36 -15.14 -6.39
N ARG C 73 -15.38 -15.98 -6.13
CA ARG C 73 -16.77 -15.53 -5.93
C ARG C 73 -17.38 -15.75 -4.54
N VAL C 74 -16.62 -16.31 -3.61
CA VAL C 74 -17.18 -16.67 -2.34
C VAL C 74 -16.33 -16.13 -1.24
N THR C 75 -16.94 -15.77 -0.13
CA THR C 75 -16.17 -15.34 1.02
C THR C 75 -16.80 -15.93 2.26
N PHE C 76 -15.96 -16.46 3.16
CA PHE C 76 -16.45 -17.11 4.38
C PHE C 76 -16.10 -16.26 5.57
N THR C 77 -17.03 -16.08 6.48
CA THR C 77 -16.70 -15.36 7.67
C THR C 77 -17.31 -16.08 8.85
N ALA C 78 -16.82 -15.75 10.04
CA ALA C 78 -17.32 -16.38 11.24
C ALA C 78 -17.46 -15.27 12.24
N ASP C 79 -18.31 -15.49 13.22
CA ASP C 79 -18.64 -14.49 14.22
C ASP C 79 -18.77 -15.27 15.52
N THR C 80 -17.67 -15.38 16.25
CA THR C 80 -17.58 -16.34 17.35
C THR C 80 -18.47 -15.97 18.53
N SER C 81 -18.88 -14.71 18.59
CA SER C 81 -19.79 -14.27 19.65
C SER C 81 -21.24 -14.66 19.33
N ALA C 82 -21.57 -14.71 18.05
CA ALA C 82 -22.89 -15.14 17.63
C ALA C 82 -22.93 -16.65 17.41
N ASN C 83 -21.80 -17.33 17.59
CA ASN C 83 -21.74 -18.75 17.23
C ASN C 83 -22.21 -19.03 15.80
N THR C 84 -21.84 -18.13 14.88
CA THR C 84 -22.42 -18.16 13.56
C THR C 84 -21.38 -18.07 12.47
N ALA C 85 -21.55 -18.91 11.45
CA ALA C 85 -20.70 -18.87 10.25
C ALA C 85 -21.51 -18.35 9.08
N TYR C 86 -20.86 -17.58 8.21
CA TYR C 86 -21.50 -16.94 7.07
C TYR C 86 -20.82 -17.35 5.78
N MET C 87 -21.59 -17.42 4.71
CA MET C 87 -21.03 -17.67 3.39
C MET C 87 -21.72 -16.73 2.44
N GLU C 88 -20.94 -16.11 1.56
CA GLU C 88 -21.53 -15.16 0.65
C GLU C 88 -21.04 -15.45 -0.76
N LEU C 89 -21.98 -15.62 -1.69
CA LEU C 89 -21.66 -15.90 -3.07
C LEU C 89 -22.01 -14.64 -3.80
N ARG C 90 -21.22 -14.23 -4.80
CA ARG C 90 -21.58 -13.07 -5.61
C ARG C 90 -21.75 -13.44 -7.09
N SER C 91 -22.35 -12.52 -7.84
CA SER C 91 -22.51 -12.69 -9.28
C SER C 91 -23.24 -13.98 -9.60
N LEU C 92 -24.37 -14.19 -8.93
CA LEU C 92 -25.18 -15.37 -9.19
C LEU C 92 -25.52 -15.49 -10.66
N ARG C 93 -25.50 -16.72 -11.13
CA ARG C 93 -25.96 -17.06 -12.46
C ARG C 93 -26.84 -18.30 -12.28
N SER C 94 -27.54 -18.73 -13.31
CA SER C 94 -28.50 -19.81 -13.16
C SER C 94 -27.93 -21.07 -12.54
N ALA C 95 -26.70 -21.39 -12.89
CA ALA C 95 -26.08 -22.60 -12.41
C ALA C 95 -25.78 -22.56 -10.89
N ASP C 96 -26.17 -21.48 -10.21
CA ASP C 96 -25.93 -21.34 -8.77
C ASP C 96 -27.16 -21.66 -7.96
N THR C 97 -28.23 -21.99 -8.67
CA THR C 97 -29.43 -22.62 -8.10
C THR C 97 -29.03 -23.96 -7.46
N ALA C 98 -29.08 -24.05 -6.15
CA ALA C 98 -28.69 -25.26 -5.49
C ALA C 98 -29.24 -25.19 -4.09
N VAL C 99 -29.05 -26.25 -3.31
CA VAL C 99 -29.22 -26.16 -1.86
C VAL C 99 -27.82 -26.00 -1.29
N TYR C 100 -27.66 -25.05 -0.36
CA TYR C 100 -26.37 -24.72 0.25
C TYR C 100 -26.32 -25.23 1.67
N TYR C 101 -25.37 -26.13 1.95
CA TYR C 101 -25.28 -26.70 3.29
C TYR C 101 -24.02 -26.22 3.97
N CYS C 102 -24.10 -26.03 5.28
CA CYS C 102 -22.92 -25.93 6.12
C CYS C 102 -22.79 -27.24 6.89
N ALA C 103 -21.58 -27.57 7.29
CA ALA C 103 -21.33 -28.84 7.96
C ALA C 103 -20.11 -28.72 8.87
N ARG C 104 -20.21 -29.27 10.06
CA ARG C 104 -19.14 -29.15 11.02
C ARG C 104 -18.23 -30.38 10.86
N VAL C 105 -16.92 -30.19 11.02
CA VAL C 105 -16.01 -31.33 11.03
C VAL C 105 -16.24 -32.21 12.25
N GLY C 106 -15.57 -33.36 12.26
CA GLY C 106 -15.73 -34.31 13.34
C GLY C 106 -14.84 -33.96 14.51
N GLU C 107 -15.07 -34.66 15.63
CA GLU C 107 -14.20 -34.58 16.79
C GLU C 107 -12.83 -35.17 16.47
N TRP C 108 -11.79 -34.65 17.10
CA TRP C 108 -10.45 -35.20 16.92
C TRP C 108 -10.37 -36.57 17.57
N GLY C 109 -9.85 -37.56 16.83
CA GLY C 109 -9.68 -38.91 17.35
C GLY C 109 -8.30 -39.18 17.95
N TRP C 110 -8.20 -40.18 18.83
CA TRP C 110 -6.94 -40.45 19.54
C TRP C 110 -5.75 -40.85 18.64
N ASP C 111 -5.96 -41.80 17.74
CA ASP C 111 -4.90 -42.21 16.83
C ASP C 111 -5.18 -41.64 15.44
N ASP C 112 -5.01 -40.33 15.28
CA ASP C 112 -5.43 -39.65 14.06
C ASP C 112 -4.35 -38.79 13.40
N SER C 113 -4.16 -39.00 12.10
CA SER C 113 -3.22 -38.18 11.32
C SER C 113 -3.93 -36.87 11.06
N PRO C 114 -3.19 -35.84 10.62
CA PRO C 114 -3.79 -34.53 10.32
C PRO C 114 -4.86 -34.64 9.24
N TYR C 115 -6.01 -34.03 9.52
CA TYR C 115 -7.20 -33.99 8.65
C TYR C 115 -8.09 -35.23 8.67
N ASP C 116 -7.84 -36.17 9.57
CA ASP C 116 -8.62 -37.39 9.59
C ASP C 116 -10.08 -37.13 10.03
N ASN C 117 -10.32 -36.00 10.70
CA ASN C 117 -11.66 -35.66 11.17
C ASN C 117 -12.39 -34.65 10.28
N TYR C 118 -11.86 -34.37 9.10
CA TYR C 118 -12.44 -33.36 8.25
C TYR C 118 -13.52 -33.87 7.31
N TYR C 119 -14.26 -34.90 7.74
CA TYR C 119 -15.46 -35.35 7.03
C TYR C 119 -16.59 -34.45 7.49
N MET C 120 -17.77 -34.59 6.88
CA MET C 120 -18.89 -33.74 7.23
C MET C 120 -19.69 -34.43 8.32
N ASP C 121 -19.40 -34.10 9.58
CA ASP C 121 -19.95 -34.83 10.73
C ASP C 121 -21.36 -34.40 11.11
N VAL C 122 -21.64 -33.12 11.00
CA VAL C 122 -22.98 -32.63 11.30
C VAL C 122 -23.33 -31.68 10.19
N TRP C 123 -24.52 -31.85 9.62
CA TRP C 123 -24.92 -30.99 8.51
C TRP C 123 -26.06 -30.11 8.96
N GLY C 124 -26.18 -28.94 8.34
CA GLY C 124 -27.35 -28.11 8.52
C GLY C 124 -28.38 -28.64 7.54
N LYS C 125 -29.62 -28.18 7.65
CA LYS C 125 -30.68 -28.71 6.79
C LYS C 125 -30.63 -28.18 5.37
N GLY C 126 -29.89 -27.10 5.18
CA GLY C 126 -29.79 -26.55 3.84
C GLY C 126 -30.58 -25.26 3.67
N THR C 127 -30.20 -24.49 2.68
CA THR C 127 -30.88 -23.27 2.33
C THR C 127 -31.07 -23.35 0.84
N THR C 128 -32.29 -23.23 0.34
CA THR C 128 -32.46 -23.26 -1.10
C THR C 128 -32.32 -21.87 -1.74
N VAL C 129 -31.43 -21.74 -2.73
CA VAL C 129 -31.32 -20.52 -3.52
C VAL C 129 -31.70 -20.78 -4.98
N ILE C 130 -32.70 -20.03 -5.47
CA ILE C 130 -33.10 -20.10 -6.88
C ILE C 130 -32.66 -18.86 -7.62
N VAL C 131 -31.86 -19.02 -8.66
CA VAL C 131 -31.51 -17.85 -9.45
C VAL C 131 -32.43 -17.75 -10.65
N SER C 132 -33.45 -16.92 -10.51
CA SER C 132 -34.47 -16.71 -11.52
C SER C 132 -33.88 -16.05 -12.74
N SER C 133 -33.39 -16.84 -13.68
CA SER C 133 -32.76 -16.33 -14.90
C SER C 133 -31.24 -16.12 -14.74
N SER C 148 -6.23 -36.83 -13.04
CA SER C 148 -5.57 -36.01 -12.02
C SER C 148 -6.37 -35.93 -10.71
N GLU C 149 -7.64 -35.56 -10.82
CA GLU C 149 -8.54 -35.49 -9.68
C GLU C 149 -9.20 -36.84 -9.39
N ILE C 150 -9.50 -37.10 -8.11
CA ILE C 150 -10.20 -38.32 -7.75
C ILE C 150 -11.68 -38.27 -8.15
N VAL C 151 -12.16 -39.35 -8.74
CA VAL C 151 -13.57 -39.42 -9.09
C VAL C 151 -14.23 -40.71 -8.60
N LEU C 152 -15.25 -40.57 -7.78
CA LEU C 152 -15.97 -41.70 -7.22
C LEU C 152 -17.14 -42.14 -8.10
N THR C 153 -17.26 -43.43 -8.33
CA THR C 153 -18.41 -43.93 -9.08
C THR C 153 -19.14 -45.01 -8.31
N GLN C 154 -20.39 -44.72 -7.95
CA GLN C 154 -21.15 -45.64 -7.11
C GLN C 154 -21.99 -46.61 -7.97
N ALA C 155 -22.28 -47.77 -7.41
CA ALA C 155 -23.09 -48.79 -8.08
C ALA C 155 -23.78 -49.69 -7.07
N PRO C 156 -25.04 -50.04 -7.34
CA PRO C 156 -25.76 -49.62 -8.55
C PRO C 156 -26.39 -48.25 -8.33
N GLY C 157 -27.00 -47.69 -9.38
CA GLY C 157 -27.74 -46.45 -9.24
C GLY C 157 -28.88 -46.66 -8.25
N THR C 158 -29.43 -47.87 -8.24
CA THR C 158 -30.62 -48.16 -7.44
C THR C 158 -30.65 -49.58 -6.88
N LEU C 159 -31.35 -49.72 -5.76
CA LEU C 159 -31.36 -50.94 -4.99
C LEU C 159 -32.78 -51.10 -4.48
N SER C 160 -33.52 -52.07 -5.02
CA SER C 160 -34.94 -52.15 -4.77
C SER C 160 -35.32 -53.29 -3.80
N LEU C 161 -34.85 -53.20 -2.56
CA LEU C 161 -35.05 -54.26 -1.58
C LEU C 161 -36.28 -54.07 -0.71
N SER C 162 -36.52 -55.05 0.17
CA SER C 162 -37.64 -55.03 1.11
C SER C 162 -37.10 -55.27 2.51
N PRO C 163 -37.78 -54.74 3.53
CA PRO C 163 -37.41 -54.97 4.92
C PRO C 163 -36.85 -56.37 5.15
N GLY C 164 -35.79 -56.47 5.94
CA GLY C 164 -35.21 -57.76 6.26
C GLY C 164 -34.02 -58.19 5.41
N GLU C 165 -33.90 -57.64 4.20
CA GLU C 165 -32.83 -58.06 3.30
C GLU C 165 -31.47 -57.39 3.54
N ARG C 166 -30.48 -57.79 2.74
CA ARG C 166 -29.15 -57.24 2.80
C ARG C 166 -29.00 -56.24 1.65
N ALA C 167 -28.42 -55.09 1.95
CA ALA C 167 -28.11 -54.08 0.94
C ALA C 167 -26.61 -53.82 0.91
N THR C 168 -26.05 -53.71 -0.29
CA THR C 168 -24.63 -53.55 -0.44
C THR C 168 -24.34 -52.45 -1.45
N PHE C 169 -23.59 -51.46 -1.00
CA PHE C 169 -23.29 -50.29 -1.80
C PHE C 169 -21.84 -50.32 -2.21
N SER C 170 -21.59 -50.16 -3.50
CA SER C 170 -20.24 -50.13 -4.00
C SER C 170 -19.90 -48.70 -4.31
N CYS C 171 -18.64 -48.36 -4.05
CA CYS C 171 -18.08 -47.06 -4.39
C CYS C 171 -16.72 -47.36 -4.98
N ARG C 172 -16.49 -46.92 -6.21
CA ARG C 172 -15.25 -47.23 -6.89
C ARG C 172 -14.46 -45.98 -7.19
N SER C 173 -13.32 -45.83 -6.54
CA SER C 173 -12.46 -44.67 -6.77
C SER C 173 -11.51 -44.87 -7.94
N SER C 174 -11.19 -43.79 -8.64
CA SER C 174 -10.26 -43.86 -9.78
C SER C 174 -8.81 -43.91 -9.29
N HIS C 175 -8.57 -43.40 -8.09
CA HIS C 175 -7.26 -43.48 -7.48
C HIS C 175 -7.28 -44.36 -6.24
N SER C 176 -6.11 -44.73 -5.76
CA SER C 176 -6.01 -45.46 -4.51
C SER C 176 -6.14 -44.48 -3.35
N ILE C 177 -6.85 -44.90 -2.31
CA ILE C 177 -7.12 -44.01 -1.20
C ILE C 177 -6.42 -44.60 -0.01
N ARG C 178 -5.11 -44.40 0.04
CA ARG C 178 -4.30 -45.06 1.06
C ARG C 178 -4.34 -44.31 2.39
N SER C 179 -5.20 -43.30 2.46
CA SER C 179 -5.38 -42.53 3.69
C SER C 179 -6.54 -43.07 4.50
N ARG C 180 -7.36 -43.88 3.84
CA ARG C 180 -8.58 -44.42 4.44
C ARG C 180 -9.55 -43.31 4.85
N ARG C 181 -9.49 -42.18 4.17
CA ARG C 181 -10.47 -41.12 4.39
C ARG C 181 -11.64 -41.28 3.42
N VAL C 182 -12.51 -42.25 3.72
CA VAL C 182 -13.71 -42.49 2.97
C VAL C 182 -14.87 -42.41 3.96
N ALA C 183 -15.94 -41.73 3.55
CA ALA C 183 -17.09 -41.54 4.42
C ALA C 183 -18.36 -41.88 3.67
N TRP C 184 -19.39 -42.23 4.40
CA TRP C 184 -20.68 -42.53 3.79
C TRP C 184 -21.76 -41.70 4.44
N TYR C 185 -22.67 -41.20 3.61
CA TYR C 185 -23.73 -40.31 4.07
C TYR C 185 -25.07 -40.84 3.67
N GLN C 186 -26.06 -40.56 4.50
CA GLN C 186 -27.42 -40.91 4.18
C GLN C 186 -28.23 -39.62 4.01
N HIS C 187 -28.85 -39.45 2.86
CA HIS C 187 -29.72 -38.31 2.66
C HIS C 187 -31.16 -38.67 2.33
N LYS C 188 -32.08 -38.07 3.08
CA LYS C 188 -33.50 -38.09 2.75
C LYS C 188 -33.92 -36.67 2.33
N PRO C 189 -34.24 -36.49 1.04
CA PRO C 189 -34.59 -35.18 0.50
C PRO C 189 -35.37 -34.30 1.49
N GLY C 190 -34.89 -33.08 1.71
CA GLY C 190 -35.46 -32.13 2.65
C GLY C 190 -35.19 -32.46 4.12
N GLN C 191 -34.09 -33.15 4.39
CA GLN C 191 -33.60 -33.39 5.74
C GLN C 191 -32.11 -33.25 5.65
N ALA C 192 -31.47 -32.97 6.77
CA ALA C 192 -30.03 -32.81 6.73
C ALA C 192 -29.36 -34.15 6.39
N PRO C 193 -28.45 -34.15 5.41
CA PRO C 193 -27.65 -35.37 5.22
C PRO C 193 -27.10 -35.82 6.56
N ARG C 194 -26.87 -37.11 6.71
CA ARG C 194 -26.42 -37.65 7.97
C ARG C 194 -25.17 -38.52 7.82
N LEU C 195 -24.17 -38.31 8.66
CA LEU C 195 -22.96 -39.09 8.56
C LEU C 195 -23.28 -40.48 9.02
N VAL C 196 -22.81 -41.47 8.26
CA VAL C 196 -23.06 -42.87 8.60
C VAL C 196 -21.77 -43.63 8.93
N ILE C 197 -20.77 -43.48 8.07
CA ILE C 197 -19.47 -44.12 8.22
C ILE C 197 -18.38 -43.10 7.92
N HIS C 198 -17.29 -43.13 8.67
CA HIS C 198 -16.11 -42.34 8.34
C HIS C 198 -14.83 -43.14 8.52
N GLY C 199 -13.79 -42.80 7.78
CA GLY C 199 -12.55 -43.54 7.90
C GLY C 199 -12.75 -44.98 7.48
N VAL C 200 -13.59 -45.15 6.45
CA VAL C 200 -13.86 -46.45 5.83
C VAL C 200 -14.78 -47.36 6.65
N SER C 201 -14.47 -47.54 7.92
CA SER C 201 -15.09 -48.58 8.71
C SER C 201 -15.65 -48.05 10.02
N ASN C 202 -15.17 -46.90 10.47
CA ASN C 202 -15.71 -46.36 11.71
C ASN C 202 -17.17 -45.91 11.57
N ARG C 203 -17.99 -46.38 12.50
CA ARG C 203 -19.41 -46.11 12.49
C ARG C 203 -19.64 -44.86 13.31
N ALA C 204 -20.32 -43.89 12.70
CA ALA C 204 -20.60 -42.62 13.36
C ALA C 204 -21.56 -42.81 14.53
N SER C 205 -21.61 -41.84 15.43
CA SER C 205 -22.41 -41.96 16.64
C SER C 205 -23.92 -42.07 16.36
N GLY C 206 -24.60 -42.93 17.11
CA GLY C 206 -26.03 -43.11 16.99
C GLY C 206 -26.43 -43.90 15.76
N ILE C 207 -25.43 -44.51 15.13
CA ILE C 207 -25.65 -45.30 13.93
C ILE C 207 -25.73 -46.76 14.31
N SER C 208 -26.84 -47.42 13.96
CA SER C 208 -27.04 -48.81 14.34
C SER C 208 -25.89 -49.70 13.89
N ASP C 209 -25.75 -50.86 14.54
CA ASP C 209 -24.74 -51.82 14.14
C ASP C 209 -25.15 -52.61 12.88
N ARG C 210 -26.35 -52.33 12.38
CA ARG C 210 -26.80 -52.93 11.14
C ARG C 210 -25.95 -52.38 10.00
N PHE C 211 -25.42 -51.19 10.22
CA PHE C 211 -24.60 -50.48 9.25
C PHE C 211 -23.14 -50.81 9.45
N SER C 212 -22.43 -51.12 8.37
CA SER C 212 -20.99 -51.25 8.50
C SER C 212 -20.34 -50.93 7.17
N GLY C 213 -19.06 -50.53 7.21
CA GLY C 213 -18.34 -50.20 6.00
C GLY C 213 -16.98 -50.89 5.94
N SER C 214 -16.44 -51.02 4.73
CA SER C 214 -15.18 -51.72 4.57
C SER C 214 -14.56 -51.41 3.23
N GLY C 215 -13.37 -51.95 3.00
CA GLY C 215 -12.76 -51.90 1.70
C GLY C 215 -11.36 -51.33 1.76
N SER C 216 -10.75 -51.13 0.61
CA SER C 216 -9.40 -50.63 0.57
C SER C 216 -8.96 -50.29 -0.83
N GLY C 217 -7.93 -49.45 -0.91
CA GLY C 217 -7.37 -49.02 -2.17
C GLY C 217 -8.36 -48.27 -3.02
N THR C 218 -9.22 -49.00 -3.70
CA THR C 218 -10.00 -48.44 -4.80
C THR C 218 -11.45 -48.91 -4.79
N ASP C 219 -11.78 -49.80 -3.87
CA ASP C 219 -13.13 -50.34 -3.78
C ASP C 219 -13.62 -50.34 -2.35
N PHE C 220 -14.74 -49.66 -2.13
CA PHE C 220 -15.26 -49.50 -0.77
C PHE C 220 -16.73 -49.87 -0.76
N THR C 221 -17.18 -50.48 0.32
CA THR C 221 -18.55 -50.91 0.39
C THR C 221 -19.19 -50.44 1.67
N LEU C 222 -20.49 -50.15 1.58
CA LEU C 222 -21.31 -49.89 2.75
C LEU C 222 -22.32 -51.03 2.81
N THR C 223 -22.61 -51.52 4.02
CA THR C 223 -23.51 -52.65 4.17
C THR C 223 -24.55 -52.44 5.26
N ILE C 224 -25.79 -52.78 4.93
CA ILE C 224 -26.86 -52.89 5.92
C ILE C 224 -27.20 -54.37 6.02
N THR C 225 -26.86 -54.98 7.15
CA THR C 225 -27.00 -56.42 7.31
C THR C 225 -28.45 -56.87 7.18
N ARG C 226 -29.37 -56.18 7.85
CA ARG C 226 -30.79 -56.32 7.53
C ARG C 226 -31.51 -54.96 7.57
N VAL C 227 -32.28 -54.68 6.53
CA VAL C 227 -32.88 -53.36 6.30
C VAL C 227 -34.16 -53.07 7.11
N GLU C 228 -34.25 -51.86 7.65
CA GLU C 228 -35.46 -51.32 8.28
C GLU C 228 -36.12 -50.34 7.31
N PRO C 229 -37.42 -50.07 7.48
CA PRO C 229 -38.08 -49.10 6.60
C PRO C 229 -37.51 -47.67 6.69
N GLU C 230 -36.81 -47.38 7.78
CA GLU C 230 -36.25 -46.05 8.01
C GLU C 230 -34.97 -45.89 7.21
N ASP C 231 -34.49 -47.00 6.68
CA ASP C 231 -33.20 -47.05 6.01
C ASP C 231 -33.31 -46.73 4.54
N PHE C 232 -34.53 -46.46 4.08
CA PHE C 232 -34.73 -46.15 2.67
C PHE C 232 -34.41 -44.68 2.45
N ALA C 233 -33.37 -44.42 1.68
CA ALA C 233 -32.86 -43.07 1.49
C ALA C 233 -31.83 -43.07 0.39
N LEU C 234 -31.16 -41.93 0.23
CA LEU C 234 -30.04 -41.83 -0.71
C LEU C 234 -28.73 -42.02 0.01
N TYR C 235 -27.78 -42.68 -0.65
CA TYR C 235 -26.47 -42.89 -0.04
C TYR C 235 -25.38 -42.37 -0.97
N TYR C 236 -24.40 -41.67 -0.38
CA TYR C 236 -23.32 -41.09 -1.16
C TYR C 236 -22.03 -41.47 -0.50
N CYS C 237 -21.02 -41.78 -1.29
CA CYS C 237 -19.70 -41.95 -0.69
C CYS C 237 -18.87 -40.69 -0.90
N GLN C 238 -17.89 -40.52 -0.03
CA GLN C 238 -17.03 -39.36 -0.11
C GLN C 238 -15.59 -39.72 0.18
N VAL C 239 -14.69 -39.10 -0.57
CA VAL C 239 -13.28 -39.03 -0.18
C VAL C 239 -12.94 -37.62 0.32
N TYR C 240 -12.48 -37.53 1.57
CA TYR C 240 -12.13 -36.24 2.17
C TYR C 240 -10.63 -36.07 2.45
N GLY C 241 -10.22 -34.85 2.78
CA GLY C 241 -8.81 -34.54 2.98
C GLY C 241 -8.66 -33.14 3.57
N ALA C 242 -7.53 -32.48 3.30
CA ALA C 242 -7.36 -31.11 3.79
C ALA C 242 -7.83 -30.07 2.80
N SER C 243 -7.69 -30.35 1.51
CA SER C 243 -8.09 -29.37 0.52
C SER C 243 -8.83 -29.93 -0.69
N SER C 244 -9.28 -31.18 -0.62
CA SER C 244 -10.07 -31.71 -1.73
C SER C 244 -11.09 -32.73 -1.25
N TYR C 245 -12.35 -32.49 -1.56
CA TYR C 245 -13.44 -33.36 -1.16
C TYR C 245 -14.23 -33.66 -2.38
N THR C 246 -14.69 -34.89 -2.51
CA THR C 246 -15.36 -35.31 -3.72
C THR C 246 -16.31 -36.45 -3.42
N PHE C 247 -17.54 -36.28 -3.88
CA PHE C 247 -18.62 -37.21 -3.59
C PHE C 247 -18.93 -38.11 -4.80
N GLY C 248 -19.51 -39.28 -4.52
CA GLY C 248 -20.11 -40.11 -5.55
C GLY C 248 -21.46 -39.54 -5.95
N GLN C 249 -22.07 -40.14 -6.95
CA GLN C 249 -23.29 -39.60 -7.53
C GLN C 249 -24.50 -40.05 -6.73
N GLY C 250 -24.31 -41.11 -5.95
CA GLY C 250 -25.35 -41.57 -5.06
C GLY C 250 -26.03 -42.81 -5.55
N THR C 251 -26.44 -43.63 -4.60
CA THR C 251 -27.23 -44.83 -4.86
C THR C 251 -28.53 -44.67 -4.12
N LYS C 252 -29.65 -45.01 -4.78
CA LYS C 252 -30.94 -44.95 -4.11
C LYS C 252 -31.42 -46.32 -3.61
N LEU C 253 -31.67 -46.40 -2.31
CA LEU C 253 -32.27 -47.59 -1.73
C LEU C 253 -33.77 -47.41 -1.64
N GLU C 254 -34.49 -47.83 -2.66
CA GLU C 254 -35.94 -47.73 -2.69
C GLU C 254 -36.59 -49.01 -2.16
N ARG C 255 -37.78 -48.89 -1.60
CA ARG C 255 -38.49 -50.02 -1.02
C ARG C 255 -39.19 -50.92 -2.05
N LYS C 256 -39.27 -52.21 -1.75
CA LYS C 256 -39.99 -53.18 -2.58
C LYS C 256 -39.39 -53.37 -3.97
N GLN D 7 37.57 22.49 -0.47
CA GLN D 7 37.88 21.64 -1.62
C GLN D 7 36.98 21.94 -2.82
N VAL D 8 37.38 21.49 -4.00
CA VAL D 8 36.53 21.64 -5.18
C VAL D 8 35.26 20.82 -5.01
N GLN D 9 34.12 21.50 -5.01
CA GLN D 9 32.85 20.83 -4.78
C GLN D 9 31.76 21.42 -5.70
N LEU D 10 30.97 20.56 -6.31
CA LEU D 10 29.82 20.99 -7.11
C LEU D 10 28.56 20.51 -6.40
N VAL D 11 27.62 21.41 -6.13
CA VAL D 11 26.41 21.05 -5.40
C VAL D 11 25.21 21.16 -6.33
N GLN D 12 24.39 20.10 -6.42
CA GLN D 12 23.27 20.11 -7.37
C GLN D 12 21.92 20.28 -6.71
N SER D 13 20.95 20.80 -7.46
CA SER D 13 19.59 20.96 -6.93
C SER D 13 18.96 19.59 -6.61
N GLY D 14 17.78 19.60 -6.01
CA GLY D 14 17.17 18.37 -5.53
C GLY D 14 16.39 17.55 -6.55
N ALA D 15 15.92 16.37 -6.11
CA ALA D 15 15.18 15.44 -6.97
C ALA D 15 13.90 16.08 -7.49
N GLU D 16 13.44 15.65 -8.67
CA GLU D 16 12.25 16.27 -9.29
C GLU D 16 11.39 15.22 -9.99
N VAL D 17 10.08 15.32 -9.81
CA VAL D 17 9.13 14.47 -10.49
C VAL D 17 8.37 15.34 -11.50
N LYS D 18 8.30 14.95 -12.78
CA LYS D 18 7.76 15.84 -13.83
C LYS D 18 6.74 15.13 -14.69
N LYS D 19 5.71 15.86 -15.11
CA LYS D 19 4.74 15.28 -16.02
C LYS D 19 5.41 15.19 -17.37
N PRO D 20 5.00 14.23 -18.18
CA PRO D 20 5.47 14.22 -19.56
C PRO D 20 5.08 15.50 -20.29
N GLY D 21 5.97 16.02 -21.12
CA GLY D 21 5.72 17.23 -21.89
C GLY D 21 6.25 18.50 -21.24
N ALA D 22 6.54 18.41 -19.94
CA ALA D 22 7.05 19.54 -19.17
C ALA D 22 8.54 19.68 -19.39
N SER D 23 9.16 20.57 -18.63
CA SER D 23 10.61 20.70 -18.70
C SER D 23 11.17 20.80 -17.30
N VAL D 24 12.41 20.34 -17.16
CA VAL D 24 13.09 20.38 -15.88
C VAL D 24 14.33 21.24 -15.98
N LYS D 25 14.60 22.01 -14.93
CA LYS D 25 15.84 22.79 -14.86
C LYS D 25 16.70 22.37 -13.67
N VAL D 26 17.92 21.97 -13.96
CA VAL D 26 18.83 21.51 -12.96
C VAL D 26 19.94 22.53 -12.81
N SER D 27 20.28 22.86 -11.58
CA SER D 27 21.36 23.79 -11.31
C SER D 27 22.57 23.02 -10.78
N CYS D 28 23.74 23.62 -10.94
CA CYS D 28 24.99 23.01 -10.52
C CYS D 28 25.91 24.12 -10.00
N GLN D 29 25.96 24.28 -8.68
CA GLN D 29 26.65 25.41 -8.09
C GLN D 29 28.05 25.06 -7.61
N ALA D 30 29.05 25.80 -8.08
CA ALA D 30 30.43 25.46 -7.82
C ALA D 30 30.99 26.26 -6.66
N SER D 31 31.92 25.65 -5.94
CA SER D 31 32.64 26.34 -4.88
C SER D 31 34.01 25.71 -4.75
N GLY D 32 34.96 26.48 -4.24
CA GLY D 32 36.29 25.99 -3.97
C GLY D 32 37.23 26.16 -5.15
N TYR D 33 36.79 26.93 -6.13
CA TYR D 33 37.64 27.19 -7.28
C TYR D 33 37.04 28.33 -8.08
N ARG D 34 37.79 28.81 -9.06
CA ARG D 34 37.38 29.99 -9.79
C ARG D 34 36.42 29.60 -10.89
N PHE D 35 35.14 29.57 -10.53
CA PHE D 35 34.07 29.13 -11.42
C PHE D 35 34.20 29.43 -12.92
N SER D 36 34.60 30.64 -13.27
CA SER D 36 34.62 31.02 -14.68
C SER D 36 35.72 30.34 -15.49
N HIS D 37 36.79 29.94 -14.83
CA HIS D 37 37.96 29.38 -15.53
C HIS D 37 37.83 27.88 -15.86
N PHE D 38 36.63 27.31 -15.77
CA PHE D 38 36.45 25.87 -15.98
C PHE D 38 35.16 25.48 -16.69
N THR D 39 35.31 24.77 -17.81
CA THR D 39 34.16 24.27 -18.54
C THR D 39 33.39 23.25 -17.69
N VAL D 40 32.07 23.25 -17.86
CA VAL D 40 31.20 22.30 -17.18
C VAL D 40 30.55 21.34 -18.17
N HIS D 41 30.63 20.06 -17.85
CA HIS D 41 29.94 19.01 -18.58
C HIS D 41 28.60 18.68 -17.95
N TRP D 42 27.63 18.28 -18.78
CA TRP D 42 26.40 17.69 -18.28
C TRP D 42 26.29 16.27 -18.80
N VAL D 43 26.04 15.32 -17.91
CA VAL D 43 25.99 13.91 -18.24
C VAL D 43 24.77 13.30 -17.55
N ARG D 44 24.10 12.33 -18.18
CA ARG D 44 22.98 11.71 -17.50
C ARG D 44 23.11 10.21 -17.54
N GLN D 45 22.44 9.55 -16.60
CA GLN D 45 22.37 8.11 -16.60
C GLN D 45 20.97 7.60 -16.26
N ALA D 46 20.31 7.05 -17.26
CA ALA D 46 19.03 6.39 -17.08
C ALA D 46 19.24 5.08 -16.28
N PRO D 47 18.20 4.64 -15.56
CA PRO D 47 18.26 3.37 -14.81
C PRO D 47 18.67 2.19 -15.70
N GLY D 48 19.76 1.53 -15.35
CA GLY D 48 20.32 0.44 -16.14
C GLY D 48 20.89 0.82 -17.51
N GLN D 49 21.60 1.93 -17.58
CA GLN D 49 22.10 2.43 -18.85
C GLN D 49 23.51 3.02 -18.70
N ARG D 50 24.21 3.18 -19.81
CA ARG D 50 25.50 3.85 -19.79
C ARG D 50 25.33 5.34 -19.52
N PHE D 51 26.37 5.93 -18.95
CA PHE D 51 26.42 7.37 -18.84
C PHE D 51 26.34 7.93 -20.23
N GLU D 52 25.72 9.08 -20.33
CA GLU D 52 25.46 9.67 -21.62
C GLU D 52 25.70 11.16 -21.53
N TRP D 53 26.67 11.63 -22.31
CA TRP D 53 27.06 13.03 -22.36
C TRP D 53 26.05 13.88 -23.11
N MET D 54 25.66 14.99 -22.51
CA MET D 54 24.65 15.86 -23.10
C MET D 54 25.25 17.08 -23.75
N GLY D 55 26.37 17.54 -23.22
CA GLY D 55 27.04 18.71 -23.76
C GLY D 55 27.81 19.44 -22.69
N TRP D 56 28.56 20.47 -23.09
CA TRP D 56 29.32 21.26 -22.14
C TRP D 56 29.13 22.75 -22.37
N ILE D 57 29.40 23.55 -21.35
CA ILE D 57 29.41 24.98 -21.49
C ILE D 57 30.69 25.53 -20.88
N ASN D 58 31.29 26.50 -21.56
CA ASN D 58 32.44 27.20 -21.06
C ASN D 58 31.93 28.51 -20.51
N PRO D 59 32.00 28.69 -19.19
CA PRO D 59 31.40 29.86 -18.55
C PRO D 59 32.16 31.11 -18.91
N TYR D 60 33.40 30.92 -19.32
CA TYR D 60 34.27 32.05 -19.49
C TYR D 60 33.88 32.83 -20.74
N ASN D 61 33.53 32.14 -21.83
CA ASN D 61 33.29 32.81 -23.12
C ASN D 61 31.95 32.48 -23.75
N GLY D 62 31.10 31.77 -23.01
CA GLY D 62 29.77 31.46 -23.49
C GLY D 62 29.68 30.29 -24.47
N ASN D 63 30.82 29.70 -24.80
CA ASN D 63 30.84 28.60 -25.74
C ASN D 63 30.12 27.34 -25.30
N LYS D 64 29.53 26.65 -26.26
CA LYS D 64 28.74 25.47 -25.94
C LYS D 64 28.93 24.38 -26.99
N GLU D 65 28.78 23.15 -26.57
CA GLU D 65 28.90 22.02 -27.46
C GLU D 65 27.78 21.10 -27.02
N PHE D 66 26.97 20.65 -27.98
CA PHE D 66 25.75 19.90 -27.70
C PHE D 66 25.88 18.51 -28.27
N SER D 67 25.28 17.54 -27.61
CA SER D 67 25.16 16.21 -28.20
C SER D 67 24.10 16.34 -29.28
N ALA D 68 24.23 15.57 -30.36
CA ALA D 68 23.21 15.55 -31.39
C ALA D 68 21.86 15.13 -30.79
N LYS D 69 21.90 14.22 -29.84
CA LYS D 69 20.69 13.67 -29.25
C LYS D 69 19.88 14.70 -28.45
N PHE D 70 20.52 15.81 -28.09
CA PHE D 70 19.95 16.72 -27.11
C PHE D 70 19.87 18.14 -27.56
N GLN D 71 20.61 18.49 -28.61
CA GLN D 71 20.65 19.87 -29.14
C GLN D 71 19.27 20.51 -29.30
N ASP D 72 18.33 19.69 -29.75
CA ASP D 72 16.98 20.13 -29.98
C ASP D 72 16.35 20.64 -28.69
N ARG D 73 16.51 19.90 -27.60
CA ARG D 73 15.68 20.08 -26.41
C ARG D 73 16.38 20.66 -25.17
N VAL D 74 17.68 20.93 -25.27
CA VAL D 74 18.42 21.31 -24.09
C VAL D 74 19.05 22.68 -24.22
N THR D 75 19.12 23.41 -23.12
CA THR D 75 19.76 24.71 -23.12
C THR D 75 20.70 24.82 -21.94
N PHE D 76 21.92 25.26 -22.18
CA PHE D 76 22.89 25.42 -21.09
C PHE D 76 23.12 26.88 -20.80
N THR D 77 23.23 27.23 -19.53
CA THR D 77 23.50 28.62 -19.16
C THR D 77 24.45 28.70 -17.96
N ALA D 78 25.12 29.82 -17.82
CA ALA D 78 26.02 30.01 -16.69
C ALA D 78 25.84 31.38 -16.09
N ASP D 79 25.91 31.47 -14.77
CA ASP D 79 25.75 32.73 -14.07
C ASP D 79 27.00 32.90 -13.22
N THR D 80 28.01 33.56 -13.79
CA THR D 80 29.29 33.73 -13.09
C THR D 80 29.12 34.50 -11.78
N SER D 81 28.06 35.28 -11.69
CA SER D 81 27.79 36.02 -10.47
C SER D 81 27.38 35.09 -9.33
N ALA D 82 26.76 33.96 -9.65
CA ALA D 82 26.36 32.99 -8.64
C ALA D 82 27.23 31.74 -8.61
N ASN D 83 28.18 31.65 -9.53
CA ASN D 83 29.03 30.46 -9.63
C ASN D 83 28.18 29.23 -9.88
N THR D 84 27.32 29.30 -10.88
CA THR D 84 26.31 28.27 -11.08
C THR D 84 26.07 28.08 -12.56
N ALA D 85 26.14 26.84 -13.01
CA ALA D 85 25.73 26.49 -14.37
C ALA D 85 24.33 25.88 -14.26
N TYR D 86 23.52 26.02 -15.30
CA TYR D 86 22.17 25.47 -15.32
C TYR D 86 21.96 24.60 -16.53
N MET D 87 21.01 23.69 -16.45
CA MET D 87 20.70 22.85 -17.59
C MET D 87 19.19 22.71 -17.65
N GLU D 88 18.60 23.04 -18.79
CA GLU D 88 17.16 22.93 -18.93
C GLU D 88 16.84 22.03 -20.09
N LEU D 89 16.04 20.99 -19.84
CA LEU D 89 15.64 20.04 -20.87
C LEU D 89 14.13 20.23 -20.99
N ARG D 90 13.64 20.44 -22.21
CA ARG D 90 12.21 20.63 -22.45
C ARG D 90 11.54 19.40 -23.07
N SER D 91 10.22 19.36 -23.03
CA SER D 91 9.49 18.27 -23.67
C SER D 91 9.93 16.88 -23.19
N LEU D 92 9.97 16.71 -21.87
CA LEU D 92 10.39 15.48 -21.26
C LEU D 92 9.49 14.33 -21.67
N ARG D 93 10.07 13.15 -21.72
CA ARG D 93 9.36 11.94 -22.09
C ARG D 93 9.95 10.82 -21.24
N SER D 94 9.23 9.72 -21.13
CA SER D 94 9.64 8.63 -20.24
C SER D 94 11.10 8.24 -20.30
N ALA D 95 11.71 8.38 -21.47
CA ALA D 95 13.14 8.07 -21.59
C ALA D 95 14.09 9.03 -20.88
N ASP D 96 13.59 10.20 -20.47
CA ASP D 96 14.43 11.24 -19.83
C ASP D 96 14.50 11.10 -18.32
N THR D 97 13.94 10.01 -17.81
CA THR D 97 14.06 9.66 -16.42
C THR D 97 15.49 9.16 -16.17
N ALA D 98 16.28 9.95 -15.44
CA ALA D 98 17.67 9.57 -15.15
C ALA D 98 18.21 10.33 -13.97
N VAL D 99 19.47 10.02 -13.61
CA VAL D 99 20.25 10.88 -12.73
C VAL D 99 21.08 11.84 -13.62
N TYR D 100 20.95 13.16 -13.41
CA TYR D 100 21.68 14.15 -14.23
C TYR D 100 22.89 14.73 -13.48
N TYR D 101 24.08 14.63 -14.06
CA TYR D 101 25.31 15.05 -13.38
C TYR D 101 25.95 16.22 -14.07
N CYS D 102 26.39 17.20 -13.31
CA CYS D 102 27.26 18.24 -13.85
C CYS D 102 28.66 17.86 -13.40
N ALA D 103 29.67 18.16 -14.23
CA ALA D 103 31.06 17.79 -13.98
C ALA D 103 32.02 18.85 -14.51
N ARG D 104 33.10 19.10 -13.78
CA ARG D 104 34.04 20.14 -14.16
C ARG D 104 35.18 19.48 -14.90
N VAL D 105 35.75 20.18 -15.88
CA VAL D 105 36.95 19.67 -16.54
C VAL D 105 38.18 19.91 -15.67
N GLY D 106 39.31 19.32 -16.06
CA GLY D 106 40.50 19.37 -15.24
C GLY D 106 41.34 20.61 -15.38
N GLU D 107 42.33 20.76 -14.50
CA GLU D 107 43.31 21.82 -14.63
C GLU D 107 44.17 21.56 -15.86
N TRP D 108 44.60 22.64 -16.51
CA TRP D 108 45.36 22.54 -17.74
C TRP D 108 46.79 22.14 -17.42
N GLY D 109 47.18 20.94 -17.86
CA GLY D 109 48.47 20.36 -17.54
C GLY D 109 49.68 20.97 -18.21
N TRP D 110 50.82 20.88 -17.52
CA TRP D 110 52.07 21.57 -17.88
C TRP D 110 52.32 21.70 -19.40
N ASP D 111 51.91 20.69 -20.17
CA ASP D 111 52.09 20.74 -21.62
C ASP D 111 51.14 19.78 -22.33
N ASP D 112 49.90 20.22 -22.52
CA ASP D 112 48.85 19.37 -23.05
C ASP D 112 48.46 19.74 -24.48
N SER D 113 47.54 18.97 -25.06
CA SER D 113 46.85 19.37 -26.29
C SER D 113 45.52 20.05 -25.95
N PRO D 114 44.92 20.74 -26.94
CA PRO D 114 43.56 21.24 -26.71
C PRO D 114 42.62 20.09 -26.34
N TYR D 115 41.80 20.28 -25.30
CA TYR D 115 40.83 19.27 -24.85
C TYR D 115 41.40 18.07 -24.08
N ASP D 116 42.73 18.04 -23.85
CA ASP D 116 43.34 16.97 -23.06
C ASP D 116 42.88 17.02 -21.62
N ASN D 117 42.23 18.12 -21.27
CA ASN D 117 41.76 18.24 -19.91
C ASN D 117 40.25 18.16 -19.82
N TYR D 118 39.59 17.77 -20.91
CA TYR D 118 38.14 17.79 -20.91
C TYR D 118 37.53 16.50 -20.44
N TYR D 119 38.27 15.76 -19.62
CA TYR D 119 37.68 14.66 -18.87
C TYR D 119 36.84 15.22 -17.72
N MET D 120 36.21 14.35 -16.95
CA MET D 120 35.38 14.84 -15.87
C MET D 120 36.12 14.74 -14.54
N ASP D 121 36.74 15.86 -14.16
CA ASP D 121 37.68 15.90 -13.03
C ASP D 121 37.05 16.03 -11.64
N VAL D 122 35.86 16.63 -11.54
CA VAL D 122 35.08 16.63 -10.31
C VAL D 122 33.62 16.55 -10.69
N TRP D 123 32.84 15.65 -10.09
CA TRP D 123 31.42 15.56 -10.41
C TRP D 123 30.63 15.98 -9.21
N GLY D 124 29.39 16.39 -9.47
CA GLY D 124 28.41 16.60 -8.44
C GLY D 124 27.76 15.26 -8.12
N LYS D 125 27.00 15.25 -7.03
CA LYS D 125 26.37 14.03 -6.52
C LYS D 125 25.30 13.52 -7.52
N GLY D 126 24.77 14.40 -8.35
CA GLY D 126 23.73 14.01 -9.29
C GLY D 126 22.32 14.30 -8.81
N THR D 127 21.43 14.49 -9.76
CA THR D 127 20.06 14.89 -9.51
C THR D 127 19.11 13.92 -10.22
N THR D 128 18.27 13.23 -9.43
CA THR D 128 17.31 12.29 -10.01
C THR D 128 16.06 13.01 -10.51
N VAL D 129 15.73 12.78 -11.77
CA VAL D 129 14.55 13.40 -12.35
C VAL D 129 13.69 12.28 -12.91
N ILE D 130 12.44 12.25 -12.50
CA ILE D 130 11.57 11.18 -12.93
C ILE D 130 10.46 11.78 -13.75
N VAL D 131 10.28 11.25 -14.95
CA VAL D 131 9.13 11.58 -15.78
C VAL D 131 8.33 10.30 -15.88
N SER D 132 7.04 10.34 -15.56
CA SER D 132 6.22 9.17 -15.89
C SER D 132 4.75 9.50 -16.11
N SER D 133 4.16 8.82 -17.09
CA SER D 133 2.70 8.76 -17.32
C SER D 133 2.14 9.94 -18.10
N GLU D 149 32.34 6.25 -34.98
CA GLU D 149 31.36 5.45 -34.24
C GLU D 149 32.00 4.73 -33.05
N ILE D 150 32.66 5.48 -32.17
CA ILE D 150 33.42 4.88 -31.08
C ILE D 150 32.53 4.09 -30.13
N VAL D 151 33.01 2.94 -29.64
CA VAL D 151 32.28 2.15 -28.65
C VAL D 151 33.19 1.49 -27.62
N LEU D 152 32.89 1.70 -26.34
CA LEU D 152 33.69 1.11 -25.29
C LEU D 152 33.00 -0.10 -24.67
N THR D 153 33.68 -1.24 -24.73
CA THR D 153 33.17 -2.47 -24.14
C THR D 153 34.08 -2.92 -23.03
N GLN D 154 33.56 -2.94 -21.81
CA GLN D 154 34.34 -3.33 -20.64
C GLN D 154 34.20 -4.81 -20.30
N ALA D 155 35.24 -5.35 -19.67
CA ALA D 155 35.24 -6.74 -19.25
C ALA D 155 36.03 -6.90 -17.97
N PRO D 156 35.57 -7.79 -17.08
CA PRO D 156 34.35 -8.58 -17.28
C PRO D 156 33.12 -7.79 -16.85
N GLY D 157 31.94 -8.38 -16.97
CA GLY D 157 30.74 -7.77 -16.41
C GLY D 157 30.91 -7.49 -14.92
N THR D 158 31.12 -8.54 -14.14
CA THR D 158 31.36 -8.42 -12.70
C THR D 158 32.75 -8.95 -12.34
N LEU D 159 33.17 -8.70 -11.12
CA LEU D 159 34.50 -9.07 -10.66
C LEU D 159 34.41 -9.26 -9.16
N SER D 160 34.43 -10.51 -8.71
CA SER D 160 34.32 -10.77 -7.27
C SER D 160 35.67 -11.15 -6.65
N LEU D 161 36.10 -10.37 -5.65
CA LEU D 161 37.43 -10.55 -5.07
C LEU D 161 37.44 -10.48 -3.55
N SER D 162 38.51 -11.01 -2.96
CA SER D 162 38.75 -10.89 -1.54
C SER D 162 39.81 -9.84 -1.31
N PRO D 163 39.66 -9.06 -0.23
CA PRO D 163 40.70 -8.09 0.15
C PRO D 163 42.09 -8.71 0.11
N GLY D 164 43.08 -7.96 -0.36
CA GLY D 164 44.43 -8.48 -0.56
C GLY D 164 44.69 -8.92 -1.99
N GLU D 165 43.65 -9.36 -2.69
CA GLU D 165 43.80 -9.85 -4.06
C GLU D 165 43.97 -8.74 -5.09
N ARG D 166 44.27 -9.13 -6.31
CA ARG D 166 44.65 -8.19 -7.34
C ARG D 166 43.66 -8.21 -8.51
N ALA D 167 43.03 -7.06 -8.75
CA ALA D 167 41.99 -6.91 -9.77
C ALA D 167 42.50 -6.28 -11.07
N THR D 168 41.84 -6.59 -12.17
CA THR D 168 42.22 -6.04 -13.47
C THR D 168 40.97 -5.77 -14.34
N PHE D 169 40.93 -4.61 -14.99
CA PHE D 169 39.80 -4.28 -15.85
C PHE D 169 40.23 -4.10 -17.28
N SER D 170 39.48 -4.67 -18.21
CA SER D 170 39.73 -4.46 -19.63
C SER D 170 38.80 -3.40 -20.22
N CYS D 171 39.33 -2.64 -21.18
CA CYS D 171 38.48 -1.74 -21.94
C CYS D 171 38.84 -1.81 -23.42
N ARG D 172 37.87 -2.11 -24.26
CA ARG D 172 38.11 -2.15 -25.70
C ARG D 172 37.42 -1.02 -26.41
N SER D 173 38.17 -0.31 -27.24
CA SER D 173 37.61 0.70 -28.10
C SER D 173 37.39 0.10 -29.48
N SER D 174 36.36 0.56 -30.18
CA SER D 174 36.16 0.13 -31.56
C SER D 174 37.18 0.83 -32.48
N HIS D 175 37.46 2.09 -32.16
CA HIS D 175 38.49 2.86 -32.85
C HIS D 175 39.78 2.83 -32.03
N SER D 176 40.78 3.59 -32.46
CA SER D 176 42.08 3.57 -31.79
C SER D 176 42.41 4.93 -31.18
N ILE D 177 42.82 4.93 -29.92
CA ILE D 177 42.90 6.16 -29.17
C ILE D 177 44.30 6.79 -29.20
N ARG D 178 44.62 7.38 -30.34
CA ARG D 178 45.89 8.08 -30.57
C ARG D 178 46.14 9.20 -29.55
N SER D 179 45.08 9.89 -29.17
CA SER D 179 45.19 11.02 -28.25
C SER D 179 45.49 10.55 -26.84
N ARG D 180 45.37 9.25 -26.63
CA ARG D 180 45.53 8.68 -25.30
C ARG D 180 44.56 9.32 -24.33
N ARG D 181 43.46 9.82 -24.85
CA ARG D 181 42.45 10.43 -23.99
C ARG D 181 41.45 9.39 -23.51
N VAL D 182 41.94 8.51 -22.64
CA VAL D 182 41.16 7.49 -21.94
C VAL D 182 41.18 7.82 -20.44
N ALA D 183 40.00 7.76 -19.80
CA ALA D 183 39.90 8.03 -18.36
C ALA D 183 39.18 6.89 -17.66
N TRP D 184 39.41 6.75 -16.36
CA TRP D 184 38.75 5.73 -15.55
C TRP D 184 38.09 6.40 -14.35
N TYR D 185 36.83 6.05 -14.10
CA TYR D 185 36.06 6.63 -13.02
C TYR D 185 35.60 5.55 -12.02
N GLN D 186 35.64 5.90 -10.74
CA GLN D 186 35.12 5.05 -9.71
C GLN D 186 33.77 5.61 -9.34
N HIS D 187 32.75 4.76 -9.24
CA HIS D 187 31.43 5.19 -8.82
C HIS D 187 30.79 4.28 -7.77
N LYS D 188 30.62 4.83 -6.58
CA LYS D 188 29.85 4.20 -5.53
C LYS D 188 28.47 4.86 -5.56
N PRO D 189 27.45 4.18 -6.11
CA PRO D 189 26.21 4.89 -6.43
C PRO D 189 25.62 5.60 -5.21
N GLY D 190 24.96 6.73 -5.50
CA GLY D 190 24.49 7.63 -4.47
C GLY D 190 25.54 8.67 -4.13
N GLN D 191 26.80 8.34 -4.43
CA GLN D 191 27.92 9.27 -4.27
C GLN D 191 28.38 9.86 -5.61
N ALA D 192 29.04 11.01 -5.54
CA ALA D 192 29.50 11.63 -6.77
C ALA D 192 30.66 10.81 -7.33
N PRO D 193 30.61 10.48 -8.64
CA PRO D 193 31.72 9.72 -9.22
C PRO D 193 33.05 10.42 -8.97
N ARG D 194 34.13 9.65 -9.08
CA ARG D 194 35.44 10.13 -8.70
C ARG D 194 36.38 9.79 -9.84
N LEU D 195 37.11 10.77 -10.35
CA LEU D 195 38.09 10.51 -11.38
C LEU D 195 39.19 9.66 -10.77
N VAL D 196 39.65 8.63 -11.48
CA VAL D 196 40.77 7.80 -10.98
C VAL D 196 42.02 7.98 -11.83
N ILE D 197 41.91 7.59 -13.09
CA ILE D 197 42.99 7.73 -14.05
C ILE D 197 42.58 8.68 -15.16
N HIS D 198 43.49 9.54 -15.60
CA HIS D 198 43.29 10.21 -16.88
C HIS D 198 44.47 10.07 -17.83
N GLY D 199 44.28 10.42 -19.08
CA GLY D 199 45.33 10.27 -20.07
C GLY D 199 45.94 8.88 -20.07
N VAL D 200 45.09 7.87 -19.95
CA VAL D 200 45.54 6.47 -20.01
C VAL D 200 46.25 6.01 -18.75
N SER D 201 47.24 6.77 -18.30
CA SER D 201 48.15 6.32 -17.27
C SER D 201 48.43 7.35 -16.19
N ASN D 202 47.83 8.53 -16.30
CA ASN D 202 47.93 9.52 -15.25
C ASN D 202 47.04 9.15 -14.08
N ARG D 203 47.62 9.12 -12.89
CA ARG D 203 46.87 8.90 -11.67
C ARG D 203 46.39 10.26 -11.17
N ALA D 204 45.14 10.35 -10.74
CA ALA D 204 44.56 11.62 -10.31
C ALA D 204 44.87 12.00 -8.86
N SER D 205 44.92 13.31 -8.59
CA SER D 205 45.05 13.82 -7.23
C SER D 205 44.22 13.02 -6.20
N GLY D 206 44.89 12.50 -5.18
CA GLY D 206 44.20 11.81 -4.10
C GLY D 206 43.90 10.36 -4.39
N ILE D 207 44.51 9.83 -5.44
CA ILE D 207 44.35 8.41 -5.78
C ILE D 207 45.62 7.66 -5.40
N SER D 208 45.52 6.73 -4.45
CA SER D 208 46.69 6.01 -3.95
C SER D 208 47.34 5.15 -5.04
N ASP D 209 48.66 4.96 -4.91
CA ASP D 209 49.45 4.26 -5.92
C ASP D 209 49.00 2.82 -6.19
N ARG D 210 48.09 2.32 -5.36
CA ARG D 210 47.56 0.98 -5.58
C ARG D 210 46.90 0.90 -6.96
N PHE D 211 46.51 2.07 -7.49
CA PHE D 211 45.84 2.19 -8.80
C PHE D 211 46.78 2.47 -9.97
N SER D 212 46.61 1.70 -11.04
CA SER D 212 47.53 1.73 -12.17
C SER D 212 46.76 1.69 -13.46
N GLY D 213 47.07 2.61 -14.36
CA GLY D 213 46.41 2.67 -15.65
C GLY D 213 47.37 2.42 -16.79
N SER D 214 46.93 1.63 -17.76
CA SER D 214 47.78 1.35 -18.90
C SER D 214 46.96 0.97 -20.12
N GLY D 215 47.66 0.77 -21.23
CA GLY D 215 47.03 0.32 -22.45
C GLY D 215 47.58 1.15 -23.57
N SER D 216 47.13 0.86 -24.78
CA SER D 216 47.51 1.63 -25.95
C SER D 216 46.68 1.17 -27.12
N GLY D 217 46.57 2.01 -28.13
CA GLY D 217 45.88 1.65 -29.36
C GLY D 217 44.39 1.42 -29.19
N THR D 218 44.03 0.21 -28.80
CA THR D 218 42.61 -0.16 -28.75
C THR D 218 42.22 -0.90 -27.47
N ASP D 219 43.22 -1.27 -26.69
CA ASP D 219 42.93 -1.98 -25.46
C ASP D 219 43.52 -1.26 -24.26
N PHE D 220 42.70 -1.07 -23.23
CA PHE D 220 43.13 -0.36 -22.05
C PHE D 220 42.78 -1.16 -20.80
N THR D 221 43.49 -0.88 -19.72
CA THR D 221 43.31 -1.62 -18.49
C THR D 221 43.55 -0.76 -17.25
N LEU D 222 42.65 -0.87 -16.28
CA LEU D 222 42.85 -0.29 -14.97
C LEU D 222 43.24 -1.43 -14.04
N THR D 223 44.17 -1.18 -13.14
CA THR D 223 44.69 -2.20 -12.24
C THR D 223 44.72 -1.74 -10.79
N ILE D 224 44.12 -2.53 -9.90
CA ILE D 224 44.36 -2.39 -8.48
C ILE D 224 45.25 -3.56 -8.11
N THR D 225 46.21 -3.34 -7.23
CA THR D 225 47.14 -4.39 -6.85
C THR D 225 46.68 -5.11 -5.57
N ARG D 226 46.35 -4.33 -4.54
CA ARG D 226 45.83 -4.86 -3.29
C ARG D 226 44.46 -4.25 -2.99
N VAL D 227 43.41 -4.92 -3.44
CA VAL D 227 42.05 -4.45 -3.20
C VAL D 227 41.81 -4.23 -1.72
N GLU D 228 41.64 -2.97 -1.32
CA GLU D 228 41.23 -2.68 0.05
C GLU D 228 39.70 -2.64 0.08
N PRO D 229 39.10 -2.47 1.27
CA PRO D 229 37.63 -2.54 1.35
C PRO D 229 36.95 -1.37 0.66
N GLU D 230 37.44 -0.17 0.88
CA GLU D 230 36.88 1.05 0.29
C GLU D 230 37.17 1.16 -1.20
N ASP D 231 37.17 0.04 -1.91
CA ASP D 231 37.49 0.02 -3.33
C ASP D 231 36.44 -0.77 -4.07
N PHE D 232 35.43 -1.23 -3.35
CA PHE D 232 34.37 -1.99 -3.99
C PHE D 232 33.35 -1.03 -4.59
N ALA D 233 33.19 -1.09 -5.90
CA ALA D 233 32.38 -0.10 -6.58
C ALA D 233 32.39 -0.35 -8.08
N LEU D 234 31.52 0.38 -8.79
CA LEU D 234 31.48 0.34 -10.24
C LEU D 234 32.61 1.15 -10.80
N TYR D 235 33.33 0.58 -11.76
CA TYR D 235 34.38 1.31 -12.48
C TYR D 235 33.94 1.52 -13.91
N TYR D 236 34.38 2.64 -14.49
CA TYR D 236 33.91 3.05 -15.80
C TYR D 236 35.08 3.57 -16.58
N CYS D 237 35.23 3.15 -17.83
CA CYS D 237 36.24 3.78 -18.66
C CYS D 237 35.55 4.72 -19.61
N GLN D 238 36.32 5.58 -20.23
CA GLN D 238 35.75 6.64 -21.05
C GLN D 238 36.78 7.22 -22.02
N VAL D 239 36.33 7.47 -23.24
CA VAL D 239 37.10 8.26 -24.20
C VAL D 239 36.52 9.67 -24.23
N TYR D 240 37.35 10.67 -23.94
CA TYR D 240 36.90 12.04 -23.99
C TYR D 240 37.55 12.71 -25.17
N GLY D 241 37.01 13.84 -25.61
CA GLY D 241 37.53 14.55 -26.75
C GLY D 241 37.07 16.00 -26.73
N ALA D 242 36.93 16.60 -27.90
CA ALA D 242 36.42 17.97 -27.97
C ALA D 242 34.89 18.01 -27.93
N SER D 243 34.25 17.05 -28.58
CA SER D 243 32.81 17.09 -28.77
C SER D 243 32.23 15.67 -28.90
N SER D 244 32.92 14.71 -28.31
CA SER D 244 32.44 13.35 -28.29
C SER D 244 33.01 12.66 -27.05
N TYR D 245 32.11 12.21 -26.18
CA TYR D 245 32.48 11.52 -24.97
C TYR D 245 31.62 10.29 -24.94
N THR D 246 32.21 9.15 -24.64
CA THR D 246 31.48 7.91 -24.68
C THR D 246 32.01 7.08 -23.53
N PHE D 247 31.13 6.39 -22.83
CA PHE D 247 31.57 5.58 -21.72
C PHE D 247 31.44 4.10 -22.05
N GLY D 248 32.16 3.27 -21.31
CA GLY D 248 31.96 1.84 -21.35
C GLY D 248 30.73 1.58 -20.52
N GLN D 249 30.33 0.32 -20.38
CA GLN D 249 29.15 0.02 -19.56
C GLN D 249 29.47 -0.21 -18.07
N GLY D 250 30.74 -0.42 -17.73
CA GLY D 250 31.15 -0.54 -16.33
C GLY D 250 31.41 -1.96 -15.83
N THR D 251 32.12 -2.07 -14.72
CA THR D 251 32.46 -3.36 -14.14
C THR D 251 32.24 -3.29 -12.65
N LYS D 252 31.50 -4.23 -12.09
CA LYS D 252 31.22 -4.21 -10.66
C LYS D 252 32.24 -5.04 -9.86
N LEU D 253 33.12 -4.36 -9.15
CA LEU D 253 34.04 -5.02 -8.23
C LEU D 253 33.32 -5.18 -6.89
N GLU D 254 32.96 -6.43 -6.57
CA GLU D 254 32.20 -6.74 -5.35
C GLU D 254 32.95 -7.66 -4.36
N ARG D 255 32.84 -7.38 -3.07
CA ARG D 255 33.54 -8.17 -2.04
C ARG D 255 33.18 -9.66 -2.05
N GLN E 7 -10.66 35.15 -27.52
CA GLN E 7 -11.45 35.58 -26.37
C GLN E 7 -11.43 34.52 -25.26
N VAL E 8 -11.96 34.87 -24.09
CA VAL E 8 -11.80 34.03 -22.90
C VAL E 8 -12.99 33.12 -22.61
N GLN E 9 -12.71 31.90 -22.17
CA GLN E 9 -13.78 31.00 -21.78
C GLN E 9 -13.39 29.93 -20.77
N LEU E 10 -14.41 29.44 -20.05
CA LEU E 10 -14.23 28.44 -19.01
C LEU E 10 -15.27 27.32 -19.16
N VAL E 11 -14.84 26.14 -19.59
CA VAL E 11 -15.75 25.02 -19.78
C VAL E 11 -15.72 24.08 -18.58
N GLN E 12 -16.89 23.75 -18.03
CA GLN E 12 -16.97 22.89 -16.85
C GLN E 12 -17.46 21.46 -17.13
N SER E 13 -17.14 20.55 -16.22
CA SER E 13 -17.60 19.18 -16.35
C SER E 13 -19.15 19.13 -16.16
N GLY E 14 -19.74 17.95 -16.34
CA GLY E 14 -21.18 17.86 -16.46
C GLY E 14 -21.96 17.64 -15.18
N ALA E 15 -23.28 17.72 -15.30
CA ALA E 15 -24.19 17.45 -14.19
C ALA E 15 -23.84 16.12 -13.55
N GLU E 16 -23.87 16.06 -12.23
CA GLU E 16 -23.63 14.83 -11.49
C GLU E 16 -24.70 14.67 -10.41
N VAL E 17 -25.12 13.42 -10.17
CA VAL E 17 -26.01 13.08 -9.08
C VAL E 17 -25.26 12.20 -8.09
N LYS E 18 -25.23 12.58 -6.81
CA LYS E 18 -24.36 11.93 -5.81
C LYS E 18 -25.08 11.40 -4.57
N LYS E 19 -24.55 10.34 -3.96
CA LYS E 19 -25.09 9.82 -2.70
C LYS E 19 -24.55 10.56 -1.47
N PRO E 20 -25.43 10.82 -0.50
CA PRO E 20 -25.00 11.49 0.73
C PRO E 20 -23.77 10.81 1.32
N GLY E 21 -22.68 11.54 1.51
CA GLY E 21 -21.45 10.95 2.02
C GLY E 21 -20.33 10.83 0.99
N ALA E 22 -20.67 10.75 -0.29
CA ALA E 22 -19.66 10.69 -1.34
C ALA E 22 -19.00 12.03 -1.67
N SER E 23 -18.02 11.98 -2.56
CA SER E 23 -17.33 13.19 -3.03
C SER E 23 -17.79 13.51 -4.44
N VAL E 24 -17.63 14.76 -4.83
CA VAL E 24 -17.84 15.22 -6.20
C VAL E 24 -16.61 16.04 -6.56
N LYS E 25 -16.01 15.76 -7.72
CA LYS E 25 -14.94 16.60 -8.24
C LYS E 25 -15.38 17.29 -9.53
N VAL E 26 -15.29 18.61 -9.55
CA VAL E 26 -15.72 19.42 -10.67
C VAL E 26 -14.52 20.02 -11.41
N SER E 27 -14.40 19.74 -12.69
CA SER E 27 -13.29 20.31 -13.47
C SER E 27 -13.70 21.66 -14.06
N CYS E 28 -12.74 22.42 -14.56
CA CYS E 28 -13.03 23.72 -15.15
C CYS E 28 -11.88 24.16 -16.05
N GLN E 29 -11.94 23.77 -17.32
CA GLN E 29 -10.86 24.00 -18.27
C GLN E 29 -10.85 25.41 -18.89
N ALA E 30 -9.72 26.09 -18.79
CA ALA E 30 -9.56 27.43 -19.38
C ALA E 30 -9.07 27.38 -20.82
N SER E 31 -9.38 28.45 -21.55
CA SER E 31 -8.85 28.62 -22.89
C SER E 31 -8.91 30.11 -23.23
N GLY E 32 -7.95 30.56 -24.04
CA GLY E 32 -7.97 31.91 -24.54
C GLY E 32 -7.14 32.91 -23.75
N TYR E 33 -6.33 32.40 -22.83
CA TYR E 33 -5.45 33.25 -22.05
C TYR E 33 -4.42 32.37 -21.35
N ARG E 34 -3.39 32.97 -20.78
CA ARG E 34 -2.38 32.18 -20.08
C ARG E 34 -2.89 31.78 -18.69
N PHE E 35 -3.15 30.48 -18.56
CA PHE E 35 -3.83 29.92 -17.40
C PHE E 35 -3.19 30.24 -16.04
N SER E 36 -1.86 30.22 -15.98
CA SER E 36 -1.19 30.35 -14.69
C SER E 36 -1.22 31.77 -14.16
N HIS E 37 -1.41 32.73 -15.05
CA HIS E 37 -1.38 34.14 -14.65
C HIS E 37 -2.67 34.66 -13.96
N PHE E 38 -3.70 33.81 -13.79
CA PHE E 38 -4.98 34.28 -13.23
C PHE E 38 -5.56 33.39 -12.14
N THR E 39 -5.79 33.99 -10.97
CA THR E 39 -6.46 33.30 -9.89
C THR E 39 -7.86 32.82 -10.32
N VAL E 40 -8.26 31.65 -9.82
CA VAL E 40 -9.59 31.13 -10.12
C VAL E 40 -10.50 31.00 -8.88
N HIS E 41 -11.66 31.64 -8.89
CA HIS E 41 -12.66 31.52 -7.83
C HIS E 41 -13.57 30.34 -8.06
N TRP E 42 -14.10 29.79 -6.97
CA TRP E 42 -15.19 28.81 -7.05
C TRP E 42 -16.39 29.31 -6.24
N VAL E 43 -17.57 29.26 -6.85
CA VAL E 43 -18.76 29.86 -6.24
C VAL E 43 -19.91 28.92 -6.50
N ARG E 44 -20.82 28.79 -5.56
CA ARG E 44 -21.95 27.92 -5.81
C ARG E 44 -23.27 28.64 -5.57
N GLN E 45 -24.36 28.02 -6.03
CA GLN E 45 -25.70 28.55 -5.79
C GLN E 45 -26.71 27.44 -5.57
N ALA E 46 -27.02 27.17 -4.32
CA ALA E 46 -28.12 26.27 -4.00
C ALA E 46 -29.39 26.87 -4.62
N PRO E 47 -30.40 26.03 -4.92
CA PRO E 47 -31.65 26.58 -5.47
C PRO E 47 -32.40 27.44 -4.44
N GLY E 48 -32.78 28.65 -4.84
CA GLY E 48 -33.42 29.61 -3.94
C GLY E 48 -32.47 30.26 -2.95
N GLN E 49 -31.24 30.53 -3.38
CA GLN E 49 -30.18 30.93 -2.46
C GLN E 49 -29.22 31.96 -3.06
N ARG E 50 -28.53 32.69 -2.19
CA ARG E 50 -27.51 33.63 -2.67
C ARG E 50 -26.32 32.86 -3.22
N PHE E 51 -25.63 33.48 -4.17
CA PHE E 51 -24.33 32.98 -4.56
C PHE E 51 -23.47 32.89 -3.33
N GLU E 52 -22.59 31.91 -3.30
CA GLU E 52 -21.83 31.64 -2.11
C GLU E 52 -20.41 31.35 -2.53
N TRP E 53 -19.49 32.20 -2.09
CA TRP E 53 -18.08 32.04 -2.42
C TRP E 53 -17.44 30.90 -1.60
N MET E 54 -16.71 30.04 -2.29
CA MET E 54 -16.07 28.90 -1.68
C MET E 54 -14.62 29.14 -1.40
N GLY E 55 -13.94 29.86 -2.28
CA GLY E 55 -12.52 30.09 -2.12
C GLY E 55 -11.82 30.27 -3.45
N TRP E 56 -10.53 30.57 -3.42
CA TRP E 56 -9.79 30.71 -4.67
C TRP E 56 -8.45 29.94 -4.69
N ILE E 57 -7.90 29.82 -5.89
CA ILE E 57 -6.59 29.22 -6.05
C ILE E 57 -5.80 30.01 -7.07
N ASN E 58 -4.57 30.35 -6.68
CA ASN E 58 -3.69 31.04 -7.56
C ASN E 58 -2.78 30.02 -8.21
N PRO E 59 -3.06 29.67 -9.46
CA PRO E 59 -2.31 28.56 -10.05
C PRO E 59 -0.86 28.96 -10.23
N TYR E 60 -0.59 30.25 -10.25
CA TYR E 60 0.77 30.72 -10.42
C TYR E 60 1.66 30.27 -9.25
N ASN E 61 1.33 30.66 -8.01
CA ASN E 61 2.20 30.35 -6.88
C ASN E 61 1.62 29.34 -5.92
N GLY E 62 0.47 28.76 -6.25
CA GLY E 62 -0.14 27.74 -5.42
C GLY E 62 -0.96 28.24 -4.23
N ASN E 63 -1.03 29.56 -4.02
CA ASN E 63 -1.85 30.15 -2.96
C ASN E 63 -3.33 29.81 -3.03
N LYS E 64 -3.93 29.62 -1.85
CA LYS E 64 -5.32 29.29 -1.76
C LYS E 64 -5.99 30.04 -0.65
N GLU E 65 -7.21 30.46 -0.87
CA GLU E 65 -7.99 31.09 0.16
C GLU E 65 -9.29 30.30 0.26
N PHE E 66 -9.61 29.83 1.46
CA PHE E 66 -10.83 29.04 1.70
C PHE E 66 -11.86 29.84 2.47
N SER E 67 -13.11 29.78 2.04
CA SER E 67 -14.17 30.32 2.84
C SER E 67 -14.23 29.45 4.07
N ALA E 68 -14.67 30.04 5.18
CA ALA E 68 -14.68 29.35 6.47
C ALA E 68 -15.71 28.24 6.43
N LYS E 69 -16.81 28.50 5.73
CA LYS E 69 -17.86 27.52 5.66
C LYS E 69 -17.40 26.24 4.94
N PHE E 70 -16.34 26.31 4.12
CA PHE E 70 -15.99 25.17 3.27
C PHE E 70 -14.65 24.56 3.53
N GLN E 71 -13.80 25.24 4.29
CA GLN E 71 -12.45 24.77 4.55
C GLN E 71 -12.29 23.25 4.83
N ASP E 72 -13.01 22.73 5.79
CA ASP E 72 -12.81 21.33 6.18
C ASP E 72 -13.02 20.33 5.03
N ARG E 73 -13.88 20.68 4.07
CA ARG E 73 -14.51 19.74 3.15
C ARG E 73 -14.12 19.87 1.66
N VAL E 74 -13.35 20.89 1.32
CA VAL E 74 -13.05 21.20 -0.06
C VAL E 74 -11.55 21.27 -0.32
N THR E 75 -11.13 20.81 -1.48
CA THR E 75 -9.74 20.98 -1.89
C THR E 75 -9.64 21.50 -3.34
N PHE E 76 -8.71 22.42 -3.58
CA PHE E 76 -8.56 23.00 -4.91
C PHE E 76 -7.24 22.55 -5.51
N THR E 77 -7.26 22.24 -6.79
CA THR E 77 -6.04 21.85 -7.44
C THR E 77 -6.09 22.49 -8.84
N ALA E 78 -4.91 22.78 -9.38
CA ALA E 78 -4.77 23.24 -10.75
C ALA E 78 -3.72 22.39 -11.44
N ASP E 79 -4.08 21.80 -12.59
CA ASP E 79 -3.12 21.14 -13.45
C ASP E 79 -2.73 22.17 -14.53
N THR E 80 -1.58 22.81 -14.35
CA THR E 80 -1.21 23.92 -15.24
C THR E 80 -0.94 23.49 -16.69
N SER E 81 -0.41 22.29 -16.87
CA SER E 81 -0.17 21.75 -18.19
C SER E 81 -1.47 21.59 -18.97
N ALA E 82 -2.57 21.40 -18.26
CA ALA E 82 -3.86 21.12 -18.91
C ALA E 82 -4.87 22.27 -18.83
N ASN E 83 -4.42 23.46 -18.44
CA ASN E 83 -5.30 24.61 -18.26
C ASN E 83 -6.58 24.25 -17.54
N THR E 84 -6.45 23.54 -16.42
CA THR E 84 -7.63 23.06 -15.73
C THR E 84 -7.53 23.26 -14.24
N ALA E 85 -8.63 23.73 -13.66
CA ALA E 85 -8.72 23.88 -12.24
C ALA E 85 -9.75 22.86 -11.75
N TYR E 86 -9.52 22.30 -10.58
CA TYR E 86 -10.41 21.28 -10.02
C TYR E 86 -10.82 21.69 -8.62
N MET E 87 -12.06 21.37 -8.27
CA MET E 87 -12.55 21.63 -6.94
C MET E 87 -13.21 20.34 -6.51
N GLU E 88 -12.84 19.81 -5.36
CA GLU E 88 -13.42 18.58 -4.88
C GLU E 88 -14.00 18.80 -3.50
N LEU E 89 -15.26 18.39 -3.33
CA LEU E 89 -15.97 18.54 -2.08
C LEU E 89 -16.24 17.13 -1.55
N ARG E 90 -16.04 16.92 -0.26
CA ARG E 90 -16.22 15.58 0.32
C ARG E 90 -17.42 15.57 1.28
N SER E 91 -17.88 14.39 1.64
CA SER E 91 -18.94 14.27 2.63
C SER E 91 -20.17 15.07 2.27
N LEU E 92 -20.64 14.96 1.03
CA LEU E 92 -21.82 15.71 0.59
C LEU E 92 -23.03 15.47 1.47
N ARG E 93 -23.80 16.51 1.72
CA ARG E 93 -25.07 16.35 2.40
C ARG E 93 -26.09 17.12 1.59
N SER E 94 -27.38 17.01 1.94
CA SER E 94 -28.44 17.62 1.14
C SER E 94 -28.18 19.05 0.68
N ALA E 95 -27.78 19.90 1.61
CA ALA E 95 -27.61 21.31 1.26
C ALA E 95 -26.42 21.58 0.34
N ASP E 96 -25.72 20.53 -0.07
CA ASP E 96 -24.63 20.69 -1.03
C ASP E 96 -25.13 20.59 -2.46
N THR E 97 -26.43 20.36 -2.61
CA THR E 97 -27.06 20.33 -3.93
C THR E 97 -27.11 21.75 -4.51
N ALA E 98 -26.34 21.97 -5.56
CA ALA E 98 -26.25 23.31 -6.12
C ALA E 98 -25.66 23.32 -7.49
N VAL E 99 -25.57 24.51 -8.06
CA VAL E 99 -24.82 24.75 -9.28
C VAL E 99 -23.44 25.31 -8.88
N TYR E 100 -22.36 24.63 -9.29
CA TYR E 100 -20.98 25.06 -8.98
C TYR E 100 -20.30 25.80 -10.15
N TYR E 101 -19.94 27.06 -9.93
CA TYR E 101 -19.31 27.91 -10.95
C TYR E 101 -17.86 28.11 -10.63
N CYS E 102 -17.02 28.15 -11.66
CA CYS E 102 -15.68 28.65 -11.49
C CYS E 102 -15.67 29.97 -12.22
N ALA E 103 -14.85 30.90 -11.76
CA ALA E 103 -14.71 32.21 -12.41
C ALA E 103 -13.28 32.70 -12.31
N ARG E 104 -12.78 33.30 -13.39
CA ARG E 104 -11.44 33.88 -13.40
C ARG E 104 -11.49 35.31 -12.84
N VAL E 105 -10.40 35.79 -12.26
CA VAL E 105 -10.37 37.19 -11.84
C VAL E 105 -10.01 38.06 -13.05
N GLY E 106 -10.06 39.37 -12.86
CA GLY E 106 -9.84 40.31 -13.95
C GLY E 106 -8.37 40.56 -14.19
N GLU E 107 -8.06 41.37 -15.20
CA GLU E 107 -6.68 41.81 -15.43
C GLU E 107 -6.33 42.90 -14.46
N TRP E 108 -5.04 42.99 -14.17
CA TRP E 108 -4.53 44.05 -13.33
C TRP E 108 -4.49 45.31 -14.18
N GLY E 109 -5.36 46.26 -13.87
CA GLY E 109 -5.35 47.53 -14.56
C GLY E 109 -4.42 48.52 -13.88
N TRP E 110 -3.77 49.37 -14.66
CA TRP E 110 -2.85 50.33 -14.07
C TRP E 110 -3.53 51.08 -12.91
N ASP E 111 -2.72 51.44 -11.91
CA ASP E 111 -3.18 52.16 -10.73
C ASP E 111 -4.17 51.36 -9.87
N ASP E 112 -4.17 50.04 -10.02
CA ASP E 112 -4.98 49.19 -9.15
C ASP E 112 -4.34 49.05 -7.77
N SER E 113 -5.18 48.96 -6.75
CA SER E 113 -4.77 48.56 -5.41
C SER E 113 -4.81 47.02 -5.35
N PRO E 114 -3.98 46.40 -4.50
CA PRO E 114 -3.99 44.92 -4.53
C PRO E 114 -5.39 44.37 -4.26
N TYR E 115 -5.75 43.30 -4.97
CA TYR E 115 -7.09 42.71 -4.94
C TYR E 115 -8.16 43.52 -5.69
N ASP E 116 -7.84 44.72 -6.18
CA ASP E 116 -8.87 45.49 -6.89
C ASP E 116 -9.40 44.73 -8.09
N ASN E 117 -8.67 43.70 -8.51
CA ASN E 117 -9.06 42.94 -9.68
C ASN E 117 -9.70 41.58 -9.34
N TYR E 118 -9.94 41.31 -8.06
CA TYR E 118 -10.40 39.98 -7.66
C TYR E 118 -11.92 39.76 -7.75
N TYR E 119 -12.57 40.47 -8.67
CA TYR E 119 -13.97 40.19 -8.98
C TYR E 119 -14.08 38.98 -9.90
N MET E 120 -15.28 38.54 -10.20
CA MET E 120 -15.45 37.41 -11.10
C MET E 120 -15.53 38.02 -12.49
N ASP E 121 -14.49 37.88 -13.30
CA ASP E 121 -14.45 38.62 -14.57
C ASP E 121 -14.86 37.76 -15.76
N VAL E 122 -14.72 36.44 -15.61
CA VAL E 122 -15.26 35.49 -16.56
C VAL E 122 -15.73 34.26 -15.79
N TRP E 123 -16.95 33.80 -16.07
CA TRP E 123 -17.51 32.64 -15.38
C TRP E 123 -17.61 31.40 -16.27
N GLY E 124 -17.73 30.25 -15.63
CA GLY E 124 -18.12 29.04 -16.31
C GLY E 124 -19.63 28.95 -16.42
N LYS E 125 -20.12 28.04 -17.25
CA LYS E 125 -21.56 27.95 -17.47
C LYS E 125 -22.28 27.34 -16.27
N GLY E 126 -21.53 26.74 -15.35
CA GLY E 126 -22.13 26.13 -14.20
C GLY E 126 -22.15 24.62 -14.30
N THR E 127 -22.19 23.96 -13.15
CA THR E 127 -22.20 22.50 -13.07
C THR E 127 -23.20 22.08 -12.00
N THR E 128 -24.26 21.41 -12.43
CA THR E 128 -25.29 21.02 -11.49
C THR E 128 -24.92 19.74 -10.74
N VAL E 129 -24.77 19.87 -9.43
CA VAL E 129 -24.50 18.72 -8.60
C VAL E 129 -25.68 18.52 -7.66
N ILE E 130 -26.33 17.37 -7.74
CA ILE E 130 -27.47 17.07 -6.89
C ILE E 130 -27.12 15.96 -5.92
N VAL E 131 -27.42 16.17 -4.65
CA VAL E 131 -27.29 15.10 -3.67
C VAL E 131 -28.64 14.43 -3.44
N SER E 132 -28.71 13.14 -3.69
CA SER E 132 -29.94 12.37 -3.59
C SER E 132 -30.10 11.73 -2.21
N SER E 133 -30.68 12.51 -1.30
CA SER E 133 -30.73 12.19 0.14
C SER E 133 -31.19 10.77 0.46
N GLU E 149 -19.38 40.47 9.38
CA GLU E 149 -19.28 40.26 7.94
C GLU E 149 -20.36 41.06 7.18
N ILE E 150 -20.00 41.56 6.00
CA ILE E 150 -20.86 42.48 5.26
C ILE E 150 -22.14 41.80 4.79
N VAL E 151 -23.18 42.58 4.56
CA VAL E 151 -24.43 42.07 3.97
C VAL E 151 -25.05 43.02 2.97
N LEU E 152 -25.31 42.51 1.77
CA LEU E 152 -25.85 43.32 0.69
C LEU E 152 -27.35 43.12 0.52
N THR E 153 -28.10 44.22 0.51
CA THR E 153 -29.54 44.17 0.27
C THR E 153 -29.87 44.83 -1.05
N GLN E 154 -30.57 44.12 -1.91
CA GLN E 154 -30.96 44.67 -3.21
C GLN E 154 -32.45 44.97 -3.28
N ALA E 155 -32.77 46.23 -3.52
CA ALA E 155 -34.12 46.64 -3.87
C ALA E 155 -34.07 47.29 -5.24
N PRO E 156 -35.14 47.13 -6.04
CA PRO E 156 -36.32 46.30 -5.74
C PRO E 156 -36.00 44.80 -5.75
N GLY E 157 -36.89 43.98 -5.18
CA GLY E 157 -36.79 42.54 -5.33
C GLY E 157 -37.00 42.12 -6.79
N THR E 158 -38.03 42.70 -7.42
CA THR E 158 -38.31 42.51 -8.84
C THR E 158 -38.92 43.76 -9.43
N LEU E 159 -38.30 44.27 -10.48
CA LEU E 159 -38.83 45.45 -11.16
C LEU E 159 -39.20 45.08 -12.59
N SER E 160 -40.47 45.30 -12.93
CA SER E 160 -41.00 44.96 -14.26
C SER E 160 -40.98 46.15 -15.20
N LEU E 161 -40.82 45.89 -16.50
CA LEU E 161 -40.68 46.98 -17.46
C LEU E 161 -41.07 46.61 -18.88
N SER E 162 -40.82 47.57 -19.78
CA SER E 162 -41.06 47.41 -21.22
C SER E 162 -39.87 48.05 -21.92
N PRO E 163 -39.58 47.60 -23.15
CA PRO E 163 -38.48 48.19 -23.93
C PRO E 163 -38.59 49.71 -24.06
N GLY E 164 -37.48 50.41 -23.88
CA GLY E 164 -37.47 51.86 -23.95
C GLY E 164 -37.25 52.56 -22.62
N GLU E 165 -37.81 52.00 -21.55
CA GLU E 165 -37.76 52.62 -20.23
C GLU E 165 -36.36 52.65 -19.57
N ARG E 166 -36.25 53.44 -18.50
CA ARG E 166 -35.02 53.57 -17.74
C ARG E 166 -35.07 52.70 -16.50
N ALA E 167 -34.05 51.87 -16.31
CA ALA E 167 -34.02 50.97 -15.16
C ALA E 167 -32.99 51.41 -14.12
N THR E 168 -33.32 51.17 -12.86
CA THR E 168 -32.46 51.53 -11.75
C THR E 168 -32.54 50.47 -10.66
N PHE E 169 -31.43 49.76 -10.44
CA PHE E 169 -31.35 48.80 -9.36
C PHE E 169 -30.58 49.46 -8.25
N SER E 170 -30.85 49.05 -7.01
CA SER E 170 -30.10 49.53 -5.87
C SER E 170 -29.48 48.41 -5.05
N CYS E 171 -28.43 48.74 -4.35
CA CYS E 171 -27.74 47.79 -3.49
C CYS E 171 -27.25 48.53 -2.25
N ARG E 172 -27.42 47.91 -1.10
CA ARG E 172 -27.18 48.60 0.14
C ARG E 172 -26.33 47.77 1.07
N SER E 173 -25.09 48.18 1.24
CA SER E 173 -24.18 47.49 2.13
C SER E 173 -24.52 47.80 3.57
N SER E 174 -24.15 46.91 4.47
CA SER E 174 -24.26 47.19 5.89
C SER E 174 -22.96 47.82 6.41
N HIS E 175 -22.02 48.05 5.49
CA HIS E 175 -20.72 48.61 5.84
C HIS E 175 -20.30 49.64 4.78
N SER E 176 -19.40 50.54 5.15
CA SER E 176 -18.90 51.49 4.18
C SER E 176 -17.91 50.76 3.28
N ILE E 177 -18.11 50.86 1.98
CA ILE E 177 -17.14 50.25 1.06
C ILE E 177 -16.11 51.29 0.60
N ARG E 178 -15.16 51.58 1.47
CA ARG E 178 -14.10 52.55 1.23
C ARG E 178 -13.17 52.21 0.06
N SER E 179 -13.16 50.93 -0.35
CA SER E 179 -12.27 50.48 -1.42
C SER E 179 -12.97 50.50 -2.77
N ARG E 180 -14.24 50.84 -2.76
CA ARG E 180 -15.03 50.88 -3.98
C ARG E 180 -14.94 49.56 -4.76
N ARG E 181 -14.76 48.46 -4.06
CA ARG E 181 -14.74 47.16 -4.72
C ARG E 181 -16.14 46.57 -4.74
N VAL E 182 -17.01 47.19 -5.51
CA VAL E 182 -18.38 46.74 -5.71
C VAL E 182 -18.57 46.41 -7.18
N ALA E 183 -19.17 45.25 -7.47
CA ALA E 183 -19.38 44.81 -8.86
C ALA E 183 -20.84 44.45 -9.13
N TRP E 184 -21.21 44.40 -10.40
CA TRP E 184 -22.56 44.00 -10.78
C TRP E 184 -22.49 42.93 -11.84
N TYR E 185 -23.31 41.90 -11.68
CA TYR E 185 -23.36 40.80 -12.65
C TYR E 185 -24.75 40.65 -13.22
N GLN E 186 -24.80 40.36 -14.51
CA GLN E 186 -26.06 40.05 -15.15
C GLN E 186 -26.12 38.54 -15.25
N HIS E 187 -27.25 37.95 -14.88
CA HIS E 187 -27.37 36.48 -14.99
C HIS E 187 -28.65 35.99 -15.67
N LYS E 188 -28.48 35.33 -16.81
CA LYS E 188 -29.62 34.66 -17.45
C LYS E 188 -29.47 33.17 -17.21
N PRO E 189 -30.24 32.59 -16.27
CA PRO E 189 -30.06 31.18 -15.90
C PRO E 189 -29.98 30.28 -17.13
N GLY E 190 -29.02 29.36 -17.09
CA GLY E 190 -28.62 28.59 -18.24
C GLY E 190 -27.29 29.11 -18.69
N GLN E 191 -27.25 30.40 -19.01
CA GLN E 191 -26.03 31.07 -19.45
C GLN E 191 -25.09 31.32 -18.28
N ALA E 192 -23.80 31.47 -18.58
CA ALA E 192 -22.86 31.84 -17.55
C ALA E 192 -23.16 33.27 -17.16
N PRO E 193 -23.00 33.61 -15.88
CA PRO E 193 -23.22 35.00 -15.46
C PRO E 193 -22.17 35.88 -16.12
N ARG E 194 -22.34 37.19 -16.12
CA ARG E 194 -21.49 38.03 -16.96
C ARG E 194 -21.21 39.40 -16.36
N LEU E 195 -19.95 39.64 -16.00
CA LEU E 195 -19.56 40.89 -15.37
C LEU E 195 -20.09 42.09 -16.13
N VAL E 196 -20.65 43.07 -15.41
CA VAL E 196 -21.15 44.31 -16.02
C VAL E 196 -20.39 45.54 -15.53
N ILE E 197 -20.42 45.76 -14.22
CA ILE E 197 -19.72 46.88 -13.59
C ILE E 197 -18.76 46.41 -12.48
N HIS E 198 -17.54 46.94 -12.48
CA HIS E 198 -16.63 46.66 -11.36
C HIS E 198 -16.02 47.94 -10.83
N GLY E 199 -15.54 47.89 -9.59
CA GLY E 199 -15.03 49.09 -8.97
C GLY E 199 -16.08 50.19 -9.04
N VAL E 200 -17.31 49.83 -8.69
CA VAL E 200 -18.44 50.76 -8.61
C VAL E 200 -18.93 51.35 -9.94
N SER E 201 -18.04 51.98 -10.68
CA SER E 201 -18.47 52.79 -11.82
C SER E 201 -17.87 52.33 -13.15
N ASN E 202 -16.90 51.42 -13.09
CA ASN E 202 -16.26 50.94 -14.33
C ASN E 202 -17.16 50.02 -15.10
N ARG E 203 -16.81 49.78 -16.35
CA ARG E 203 -17.66 48.98 -17.22
C ARG E 203 -16.88 47.89 -17.92
N ALA E 204 -17.32 46.64 -17.72
CA ALA E 204 -16.70 45.50 -18.35
C ALA E 204 -16.65 45.67 -19.87
N SER E 205 -15.62 45.12 -20.50
CA SER E 205 -15.52 45.15 -21.95
C SER E 205 -16.74 44.48 -22.56
N GLY E 206 -17.14 44.97 -23.73
CA GLY E 206 -18.27 44.40 -24.42
C GLY E 206 -19.59 44.77 -23.77
N ILE E 207 -19.56 45.72 -22.85
CA ILE E 207 -20.78 46.14 -22.17
C ILE E 207 -21.27 47.48 -22.68
N SER E 208 -22.52 47.49 -23.16
CA SER E 208 -23.14 48.70 -23.74
C SER E 208 -23.07 49.92 -22.82
N ASP E 209 -22.85 51.10 -23.41
CA ASP E 209 -22.78 52.35 -22.64
C ASP E 209 -24.12 52.76 -22.00
N ARG E 210 -25.17 51.97 -22.25
CA ARG E 210 -26.45 52.19 -21.62
C ARG E 210 -26.41 51.82 -20.13
N PHE E 211 -25.40 51.03 -19.75
CA PHE E 211 -25.20 50.65 -18.35
C PHE E 211 -24.28 51.62 -17.64
N SER E 212 -24.66 52.03 -16.43
CA SER E 212 -23.78 52.88 -15.64
C SER E 212 -23.87 52.49 -14.18
N GLY E 213 -22.74 52.52 -13.50
CA GLY E 213 -22.72 52.22 -12.08
C GLY E 213 -22.32 53.45 -11.29
N SER E 214 -22.84 53.58 -10.08
CA SER E 214 -22.46 54.70 -9.24
C SER E 214 -22.91 54.47 -7.81
N GLY E 215 -22.70 55.49 -6.98
CA GLY E 215 -22.97 55.36 -5.57
C GLY E 215 -21.64 55.41 -4.88
N SER E 216 -21.66 55.12 -3.59
CA SER E 216 -20.45 55.09 -2.78
C SER E 216 -20.87 55.00 -1.32
N GLY E 217 -19.92 54.70 -0.45
CA GLY E 217 -20.23 54.49 0.95
C GLY E 217 -21.06 53.24 1.16
N THR E 218 -22.36 53.42 1.39
CA THR E 218 -23.25 52.33 1.75
C THR E 218 -24.29 52.03 0.68
N ASP E 219 -24.43 52.93 -0.30
CA ASP E 219 -25.47 52.75 -1.31
C ASP E 219 -24.92 52.80 -2.73
N PHE E 220 -25.20 51.76 -3.48
CA PHE E 220 -24.69 51.66 -4.82
C PHE E 220 -25.84 51.38 -5.76
N THR E 221 -25.71 51.77 -7.02
CA THR E 221 -26.82 51.69 -7.95
C THR E 221 -26.37 51.35 -9.36
N LEU E 222 -27.07 50.44 -9.99
CA LEU E 222 -26.81 50.13 -11.39
C LEU E 222 -27.91 50.83 -12.17
N THR E 223 -27.58 51.29 -13.38
CA THR E 223 -28.54 52.04 -14.19
C THR E 223 -28.42 51.78 -15.69
N ILE E 224 -29.47 51.22 -16.26
CA ILE E 224 -29.64 51.20 -17.70
C ILE E 224 -30.46 52.43 -18.05
N THR E 225 -30.07 53.14 -19.09
CA THR E 225 -30.84 54.32 -19.53
C THR E 225 -32.08 53.90 -20.35
N ARG E 226 -31.88 53.05 -21.35
CA ARG E 226 -33.01 52.53 -22.11
C ARG E 226 -32.98 51.01 -22.19
N VAL E 227 -33.87 50.38 -21.42
CA VAL E 227 -33.99 48.93 -21.40
C VAL E 227 -34.24 48.38 -22.80
N GLU E 228 -33.47 47.37 -23.18
CA GLU E 228 -33.65 46.75 -24.49
C GLU E 228 -34.25 45.36 -24.30
N PRO E 229 -34.42 44.61 -25.41
CA PRO E 229 -35.02 43.27 -25.27
C PRO E 229 -34.13 42.29 -24.51
N GLU E 230 -32.85 42.22 -24.88
CA GLU E 230 -31.96 41.22 -24.29
C GLU E 230 -31.35 41.64 -22.94
N ASP E 231 -31.87 42.71 -22.36
CA ASP E 231 -31.42 43.16 -21.04
C ASP E 231 -32.20 42.46 -19.93
N PHE E 232 -33.16 41.63 -20.31
CA PHE E 232 -34.04 41.01 -19.32
C PHE E 232 -33.38 39.80 -18.68
N ALA E 233 -33.00 39.96 -17.42
CA ALA E 233 -32.31 38.90 -16.70
C ALA E 233 -32.20 39.27 -15.22
N LEU E 234 -31.37 38.52 -14.50
CA LEU E 234 -31.13 38.75 -13.08
C LEU E 234 -29.89 39.61 -12.87
N TYR E 235 -29.98 40.54 -11.92
CA TYR E 235 -28.88 41.43 -11.59
C TYR E 235 -28.45 41.26 -10.16
N TYR E 236 -27.14 41.02 -9.97
CA TYR E 236 -26.56 40.79 -8.65
C TYR E 236 -25.47 41.80 -8.37
N CYS E 237 -25.46 42.35 -7.16
CA CYS E 237 -24.34 43.20 -6.77
C CYS E 237 -23.45 42.37 -5.85
N GLN E 238 -22.22 42.81 -5.68
CA GLN E 238 -21.23 42.07 -4.90
C GLN E 238 -20.13 42.98 -4.36
N VAL E 239 -19.68 42.69 -3.14
CA VAL E 239 -18.50 43.33 -2.56
C VAL E 239 -17.37 42.30 -2.54
N TYR E 240 -16.25 42.62 -3.18
CA TYR E 240 -15.17 41.65 -3.25
C TYR E 240 -13.93 42.20 -2.57
N GLY E 241 -12.85 41.45 -2.59
CA GLY E 241 -11.62 41.82 -1.92
C GLY E 241 -10.65 40.66 -1.79
N ALA E 242 -9.91 40.62 -0.69
CA ALA E 242 -8.86 39.63 -0.51
C ALA E 242 -9.33 38.23 -0.07
N SER E 243 -10.31 38.19 0.84
CA SER E 243 -10.71 36.95 1.46
C SER E 243 -12.18 36.96 1.85
N SER E 244 -12.94 37.90 1.28
CA SER E 244 -14.35 38.07 1.61
C SER E 244 -15.16 38.61 0.43
N TYR E 245 -16.13 37.79 -0.01
CA TYR E 245 -16.97 38.10 -1.15
C TYR E 245 -18.43 37.78 -0.82
N THR E 246 -19.26 38.80 -0.66
CA THR E 246 -20.64 38.53 -0.35
C THR E 246 -21.46 39.08 -1.48
N PHE E 247 -22.55 38.39 -1.79
CA PHE E 247 -23.43 38.78 -2.87
C PHE E 247 -24.73 39.31 -2.30
N GLY E 248 -25.43 40.14 -3.06
CA GLY E 248 -26.78 40.53 -2.69
C GLY E 248 -27.73 39.47 -3.20
N GLN E 249 -29.01 39.58 -2.84
CA GLN E 249 -29.96 38.55 -3.25
C GLN E 249 -30.40 38.63 -4.71
N GLY E 250 -30.12 39.74 -5.37
CA GLY E 250 -30.47 39.89 -6.78
C GLY E 250 -31.83 40.51 -7.05
N THR E 251 -32.00 41.02 -8.26
CA THR E 251 -33.19 41.79 -8.61
C THR E 251 -33.64 41.32 -9.97
N LYS E 252 -34.88 40.85 -10.09
CA LYS E 252 -35.32 40.36 -11.39
C LYS E 252 -35.87 41.49 -12.28
N LEU E 253 -35.26 41.63 -13.44
CA LEU E 253 -35.76 42.54 -14.47
C LEU E 253 -36.60 41.71 -15.41
N GLU E 254 -37.92 41.82 -15.31
CA GLU E 254 -38.84 41.09 -16.19
C GLU E 254 -39.70 42.05 -17.00
N ARG E 255 -40.10 41.65 -18.21
CA ARG E 255 -40.99 42.49 -19.00
C ARG E 255 -42.39 42.53 -18.40
N GLN F 7 -12.94 0.18 17.22
CA GLN F 7 -13.39 1.48 16.74
C GLN F 7 -12.22 2.47 16.68
N VAL F 8 -12.56 3.76 16.74
CA VAL F 8 -11.59 4.84 16.54
C VAL F 8 -10.37 4.82 17.49
N GLN F 9 -9.20 4.67 16.88
CA GLN F 9 -7.95 4.50 17.62
C GLN F 9 -6.78 5.24 16.96
N LEU F 10 -5.97 5.92 17.78
CA LEU F 10 -4.79 6.66 17.33
C LEU F 10 -3.51 6.18 18.02
N VAL F 11 -2.58 5.60 17.23
CA VAL F 11 -1.38 4.98 17.80
C VAL F 11 -0.13 5.82 17.53
N GLN F 12 0.58 6.21 18.58
CA GLN F 12 1.77 7.03 18.38
C GLN F 12 3.08 6.24 18.42
N SER F 13 4.14 6.88 17.93
CA SER F 13 5.47 6.32 18.01
C SER F 13 5.98 6.29 19.48
N GLY F 14 7.19 5.79 19.68
CA GLY F 14 7.67 5.52 21.02
C GLY F 14 8.42 6.68 21.63
N ALA F 15 8.74 6.54 22.91
CA ALA F 15 9.48 7.56 23.66
C ALA F 15 10.84 7.82 23.01
N GLU F 16 11.38 9.03 23.24
CA GLU F 16 12.69 9.39 22.69
C GLU F 16 13.49 10.29 23.63
N VAL F 17 14.82 10.18 23.54
CA VAL F 17 15.76 11.05 24.23
C VAL F 17 16.61 11.75 23.15
N LYS F 18 16.79 13.06 23.26
CA LYS F 18 17.48 13.81 22.21
C LYS F 18 18.56 14.72 22.79
N LYS F 19 19.67 14.89 22.06
CA LYS F 19 20.61 15.98 22.36
C LYS F 19 19.91 17.31 22.07
N PRO F 20 20.28 18.37 22.79
CA PRO F 20 19.78 19.68 22.42
C PRO F 20 20.27 20.03 21.00
N GLY F 21 19.43 20.67 20.20
CA GLY F 21 19.82 21.06 18.86
C GLY F 21 19.41 20.06 17.79
N ALA F 22 19.19 18.81 18.18
CA ALA F 22 18.67 17.82 17.25
C ALA F 22 17.19 18.03 16.97
N SER F 23 16.63 17.15 16.13
CA SER F 23 15.23 17.19 15.75
C SER F 23 14.58 15.96 16.32
N VAL F 24 13.24 15.96 16.35
CA VAL F 24 12.47 14.78 16.73
C VAL F 24 11.25 14.70 15.84
N LYS F 25 10.95 13.50 15.36
CA LYS F 25 9.77 13.30 14.53
C LYS F 25 8.84 12.32 15.22
N VAL F 26 7.61 12.77 15.45
CA VAL F 26 6.63 11.93 16.11
C VAL F 26 5.57 11.53 15.09
N SER F 27 5.18 10.27 15.12
CA SER F 27 4.19 9.77 14.17
C SER F 27 2.91 9.42 14.89
N CYS F 28 1.79 9.52 14.17
CA CYS F 28 0.49 9.24 14.75
C CYS F 28 -0.37 8.47 13.73
N GLN F 29 -0.60 7.18 13.97
CA GLN F 29 -1.33 6.37 13.00
C GLN F 29 -2.78 6.11 13.39
N ALA F 30 -3.68 6.40 12.46
CA ALA F 30 -5.12 6.22 12.67
C ALA F 30 -5.62 4.86 12.20
N SER F 31 -6.74 4.44 12.76
CA SER F 31 -7.43 3.24 12.32
C SER F 31 -8.86 3.30 12.85
N GLY F 32 -9.75 2.59 12.19
CA GLY F 32 -11.12 2.52 12.65
C GLY F 32 -11.95 3.66 12.14
N TYR F 33 -11.34 4.50 11.31
CA TYR F 33 -12.08 5.57 10.64
C TYR F 33 -11.38 5.99 9.36
N ARG F 34 -12.00 6.91 8.63
CA ARG F 34 -11.53 7.35 7.32
C ARG F 34 -10.53 8.48 7.52
N PHE F 35 -9.24 8.15 7.38
CA PHE F 35 -8.19 9.05 7.84
C PHE F 35 -8.26 10.48 7.28
N SER F 36 -8.45 10.61 5.97
CA SER F 36 -8.42 11.92 5.32
C SER F 36 -9.65 12.78 5.53
N HIS F 37 -10.67 12.29 6.22
CA HIS F 37 -11.87 13.10 6.47
C HIS F 37 -11.87 13.78 7.83
N PHE F 38 -10.74 13.72 8.54
CA PHE F 38 -10.66 14.34 9.85
C PHE F 38 -9.36 15.06 10.12
N THR F 39 -9.47 16.35 10.36
CA THR F 39 -8.32 17.14 10.75
C THR F 39 -7.70 16.58 12.03
N VAL F 40 -6.39 16.76 12.16
CA VAL F 40 -5.60 16.20 13.24
C VAL F 40 -4.87 17.33 13.96
N HIS F 41 -5.00 17.38 15.28
CA HIS F 41 -4.33 18.37 16.10
C HIS F 41 -3.04 17.84 16.68
N TRP F 42 -2.12 18.74 17.00
CA TRP F 42 -0.97 18.37 17.79
C TRP F 42 -0.89 19.20 19.07
N VAL F 43 -0.81 18.53 20.20
CA VAL F 43 -0.80 19.16 21.50
C VAL F 43 0.35 18.61 22.34
N ARG F 44 0.93 19.43 23.20
CA ARG F 44 2.00 18.94 24.03
C ARG F 44 1.76 19.36 25.46
N GLN F 45 2.46 18.71 26.39
CA GLN F 45 2.35 19.10 27.79
C GLN F 45 3.67 18.85 28.49
N ALA F 46 4.35 19.92 28.83
CA ALA F 46 5.64 19.81 29.47
C ALA F 46 5.32 19.55 30.94
N PRO F 47 6.20 18.81 31.66
CA PRO F 47 5.95 18.45 33.05
C PRO F 47 5.63 19.68 33.92
N GLY F 48 4.40 19.71 34.46
CA GLY F 48 3.97 20.85 35.24
C GLY F 48 3.68 22.05 34.37
N GLN F 49 2.89 21.84 33.32
CA GLN F 49 2.45 22.93 32.46
C GLN F 49 1.09 22.58 31.90
N ARG F 50 0.42 23.58 31.36
CA ARG F 50 -0.87 23.35 30.78
C ARG F 50 -0.62 22.74 29.43
N PHE F 51 -1.58 21.96 28.97
CA PHE F 51 -1.59 21.52 27.60
C PHE F 51 -1.40 22.73 26.72
N GLU F 52 -0.62 22.54 25.67
CA GLU F 52 -0.29 23.64 24.78
C GLU F 52 -0.46 23.15 23.35
N TRP F 53 -1.38 23.77 22.65
CA TRP F 53 -1.67 23.43 21.27
C TRP F 53 -0.51 23.84 20.34
N MET F 54 -0.14 22.97 19.42
CA MET F 54 0.95 23.29 18.51
C MET F 54 0.46 23.62 17.11
N GLY F 55 -0.61 22.98 16.68
CA GLY F 55 -1.15 23.20 15.36
C GLY F 55 -1.98 22.04 14.85
N TRP F 56 -2.63 22.21 13.72
CA TRP F 56 -3.34 21.12 13.11
C TRP F 56 -3.09 21.01 11.63
N ILE F 57 -3.34 19.83 11.09
CA ILE F 57 -3.24 19.67 9.65
C ILE F 57 -4.53 18.99 9.17
N ASN F 58 -5.08 19.51 8.08
CA ASN F 58 -6.20 18.85 7.44
C ASN F 58 -5.67 17.92 6.37
N PRO F 59 -5.80 16.60 6.60
CA PRO F 59 -5.14 15.67 5.66
C PRO F 59 -5.84 15.73 4.32
N TYR F 60 -7.06 16.23 4.30
CA TYR F 60 -7.85 16.16 3.10
C TYR F 60 -7.34 17.14 2.06
N ASN F 61 -7.03 18.37 2.48
CA ASN F 61 -6.74 19.43 1.54
C ASN F 61 -5.39 20.07 1.77
N GLY F 62 -4.62 19.52 2.72
CA GLY F 62 -3.32 20.05 3.07
C GLY F 62 -3.24 21.30 3.95
N ASN F 63 -4.38 21.90 4.32
CA ASN F 63 -4.32 23.11 5.15
C ASN F 63 -3.70 22.83 6.50
N LYS F 64 -2.92 23.79 6.97
CA LYS F 64 -2.26 23.68 8.26
C LYS F 64 -2.50 24.95 9.04
N GLU F 65 -2.59 24.83 10.36
CA GLU F 65 -2.60 25.99 11.26
C GLU F 65 -1.47 25.82 12.28
N PHE F 66 -0.69 26.87 12.49
CA PHE F 66 0.47 26.77 13.40
C PHE F 66 0.30 27.72 14.54
N SER F 67 0.62 27.27 15.74
CA SER F 67 0.69 28.19 16.85
C SER F 67 1.82 29.15 16.57
N ALA F 68 1.70 30.40 17.01
CA ALA F 68 2.79 31.35 16.78
C ALA F 68 4.07 30.88 17.51
N LYS F 69 3.91 30.16 18.60
CA LYS F 69 5.06 29.71 19.36
C LYS F 69 5.86 28.65 18.58
N PHE F 70 5.25 28.03 17.59
CA PHE F 70 5.87 26.86 16.99
C PHE F 70 6.11 26.95 15.50
N GLN F 71 5.38 27.82 14.82
CA GLN F 71 5.54 28.09 13.38
C GLN F 71 6.96 27.95 12.85
N ASP F 72 7.92 28.49 13.59
CA ASP F 72 9.30 28.49 13.16
C ASP F 72 9.88 27.07 13.10
N ARG F 73 9.59 26.25 14.10
CA ARG F 73 10.35 25.04 14.36
C ARG F 73 9.66 23.72 14.05
N VAL F 74 8.46 23.79 13.51
CA VAL F 74 7.67 22.57 13.42
C VAL F 74 7.06 22.38 12.04
N THR F 75 6.99 21.13 11.61
CA THR F 75 6.36 20.85 10.33
C THR F 75 5.43 19.68 10.44
N PHE F 76 4.24 19.83 9.85
CA PHE F 76 3.19 18.79 9.86
C PHE F 76 3.07 18.07 8.54
N THR F 77 2.94 16.76 8.58
CA THR F 77 2.75 16.01 7.34
C THR F 77 1.69 14.91 7.48
N ALA F 78 1.13 14.50 6.36
CA ALA F 78 0.12 13.47 6.35
C ALA F 78 0.38 12.51 5.20
N ASP F 79 0.43 11.21 5.49
CA ASP F 79 0.45 10.21 4.42
C ASP F 79 -0.89 9.51 4.43
N THR F 80 -1.75 9.87 3.48
CA THR F 80 -3.11 9.34 3.47
C THR F 80 -3.19 7.85 3.12
N SER F 81 -2.15 7.28 2.55
CA SER F 81 -2.17 5.84 2.28
C SER F 81 -1.76 5.05 3.53
N ALA F 82 -0.99 5.69 4.41
CA ALA F 82 -0.55 5.04 5.65
C ALA F 82 -1.44 5.37 6.84
N ASN F 83 -2.48 6.18 6.60
CA ASN F 83 -3.33 6.66 7.67
C ASN F 83 -2.51 7.28 8.81
N THR F 84 -1.48 8.03 8.44
CA THR F 84 -0.52 8.53 9.43
C THR F 84 -0.19 10.02 9.27
N ALA F 85 -0.31 10.74 10.38
CA ALA F 85 0.08 12.12 10.46
C ALA F 85 1.44 12.20 11.18
N TYR F 86 2.32 13.10 10.76
CA TYR F 86 3.61 13.27 11.42
C TYR F 86 3.77 14.69 11.91
N MET F 87 4.50 14.85 13.00
CA MET F 87 4.91 16.17 13.44
C MET F 87 6.39 16.13 13.79
N GLU F 88 7.13 17.10 13.26
CA GLU F 88 8.57 17.15 13.43
C GLU F 88 8.97 18.48 14.05
N LEU F 89 9.68 18.40 15.16
CA LEU F 89 10.13 19.59 15.87
C LEU F 89 11.64 19.60 15.72
N ARG F 90 12.21 20.74 15.34
CA ARG F 90 13.65 20.88 15.17
C ARG F 90 14.25 21.78 16.25
N SER F 91 15.56 21.79 16.35
CA SER F 91 16.23 22.64 17.34
C SER F 91 15.64 22.49 18.75
N LEU F 92 15.63 21.27 19.27
CA LEU F 92 15.07 21.00 20.58
C LEU F 92 15.89 21.67 21.69
N ARG F 93 15.21 22.22 22.67
CA ARG F 93 15.85 22.93 23.76
C ARG F 93 15.23 22.37 25.03
N SER F 94 15.85 22.62 26.18
CA SER F 94 15.35 22.10 27.45
C SER F 94 13.85 22.16 27.63
N ALA F 95 13.21 23.22 27.15
CA ALA F 95 11.77 23.36 27.39
C ALA F 95 10.90 22.58 26.41
N ASP F 96 11.52 21.78 25.55
CA ASP F 96 10.78 20.97 24.59
C ASP F 96 10.52 19.59 25.17
N THR F 97 11.09 19.32 26.34
CA THR F 97 10.79 18.10 27.09
C THR F 97 9.31 18.06 27.48
N ALA F 98 8.56 17.07 26.98
CA ALA F 98 7.14 16.97 27.27
C ALA F 98 6.53 15.73 26.67
N VAL F 99 5.23 15.56 26.89
CA VAL F 99 4.47 14.50 26.25
C VAL F 99 3.74 15.07 25.02
N TYR F 100 3.91 14.43 23.86
CA TYR F 100 3.34 14.94 22.59
C TYR F 100 2.11 14.16 22.15
N TYR F 101 0.95 14.79 22.24
CA TYR F 101 -0.28 14.14 21.82
C TYR F 101 -0.66 14.57 20.44
N CYS F 102 -1.20 13.64 19.66
CA CYS F 102 -2.00 14.00 18.50
C CYS F 102 -3.44 13.66 18.84
N ALA F 103 -4.37 14.34 18.18
CA ALA F 103 -5.80 14.20 18.45
C ALA F 103 -6.62 14.51 17.19
N ARG F 104 -7.71 13.79 17.02
CA ARG F 104 -8.56 13.94 15.85
C ARG F 104 -9.71 14.87 16.19
N VAL F 105 -10.06 15.77 15.28
CA VAL F 105 -11.23 16.62 15.53
C VAL F 105 -12.45 15.73 15.53
N GLY F 106 -13.58 16.32 15.90
CA GLY F 106 -14.84 15.60 16.01
C GLY F 106 -15.67 15.59 14.72
N GLU F 107 -16.67 14.74 14.68
CA GLU F 107 -17.48 14.58 13.47
C GLU F 107 -18.46 15.74 13.35
N TRP F 108 -18.64 16.21 12.12
CA TRP F 108 -19.48 17.36 11.89
C TRP F 108 -20.89 17.14 12.47
N GLY F 109 -21.35 18.13 13.24
CA GLY F 109 -22.62 18.02 13.95
C GLY F 109 -23.84 18.55 13.22
N TRP F 110 -25.01 18.22 13.77
CA TRP F 110 -26.31 18.59 13.21
C TRP F 110 -26.38 20.01 12.64
N ASP F 111 -26.18 21.01 13.49
CA ASP F 111 -26.27 22.41 13.06
C ASP F 111 -25.01 23.18 13.41
N ASP F 112 -23.86 22.62 13.05
CA ASP F 112 -22.58 23.22 13.38
C ASP F 112 -22.33 24.55 12.66
N SER F 113 -21.76 25.52 13.37
CA SER F 113 -21.13 26.65 12.71
C SER F 113 -19.76 26.13 12.34
N PRO F 114 -19.04 26.82 11.45
CA PRO F 114 -17.71 26.32 11.12
C PRO F 114 -16.86 26.16 12.38
N TYR F 115 -16.01 25.14 12.39
CA TYR F 115 -15.09 24.86 13.50
C TYR F 115 -15.72 24.41 14.82
N ASP F 116 -17.04 24.29 14.86
CA ASP F 116 -17.72 23.78 16.06
C ASP F 116 -17.27 22.37 16.44
N ASN F 117 -16.65 21.67 15.49
CA ASN F 117 -16.19 20.31 15.69
C ASN F 117 -14.68 20.20 15.94
N TYR F 118 -14.01 21.35 16.04
CA TYR F 118 -12.55 21.35 16.14
C TYR F 118 -12.00 21.20 17.55
N TYR F 119 -12.74 20.49 18.41
CA TYR F 119 -12.24 20.10 19.72
C TYR F 119 -11.52 18.76 19.62
N MET F 120 -10.67 18.45 20.60
CA MET F 120 -9.92 17.18 20.57
C MET F 120 -10.86 16.02 20.91
N ASP F 121 -11.32 15.30 19.90
CA ASP F 121 -12.37 14.29 20.07
C ASP F 121 -11.83 12.92 20.48
N VAL F 122 -10.73 12.50 19.88
CA VAL F 122 -10.06 11.27 20.27
C VAL F 122 -8.56 11.51 20.32
N TRP F 123 -7.93 11.24 21.47
CA TRP F 123 -6.50 11.48 21.63
C TRP F 123 -5.69 10.20 21.57
N GLY F 124 -4.40 10.35 21.31
CA GLY F 124 -3.45 9.27 21.46
C GLY F 124 -2.85 9.26 22.87
N LYS F 125 -2.15 8.19 23.22
CA LYS F 125 -1.70 8.03 24.60
C LYS F 125 -0.53 8.97 24.96
N GLY F 126 0.15 9.47 23.93
CA GLY F 126 1.28 10.36 24.17
C GLY F 126 2.61 9.71 23.87
N THR F 127 3.58 10.54 23.53
CA THR F 127 4.91 10.09 23.19
C THR F 127 5.83 10.98 23.96
N THR F 128 6.47 10.45 24.99
CA THR F 128 7.33 11.29 25.82
C THR F 128 8.62 11.61 25.09
N VAL F 129 9.02 12.86 25.18
CA VAL F 129 10.24 13.28 24.51
C VAL F 129 11.06 14.06 25.50
N ILE F 130 12.28 13.58 25.75
CA ILE F 130 13.18 14.23 26.70
C ILE F 130 14.40 14.78 26.03
N VAL F 131 14.56 16.08 26.12
CA VAL F 131 15.80 16.72 25.73
C VAL F 131 16.72 16.65 26.92
N SER F 132 17.90 16.06 26.75
CA SER F 132 18.84 15.97 27.84
C SER F 132 19.48 17.32 28.18
N SER F 133 20.54 17.27 28.98
CA SER F 133 21.11 18.48 29.58
C SER F 133 20.08 19.23 30.45
N GLU F 149 -6.22 36.98 23.57
CA GLU F 149 -5.36 36.44 24.62
C GLU F 149 -6.20 35.79 25.73
N ILE F 150 -6.98 34.78 25.38
CA ILE F 150 -7.91 34.15 26.32
C ILE F 150 -7.23 33.29 27.39
N VAL F 151 -7.54 33.56 28.65
CA VAL F 151 -6.98 32.79 29.76
C VAL F 151 -8.07 32.04 30.52
N LEU F 152 -7.86 30.75 30.74
CA LEU F 152 -8.82 29.95 31.50
C LEU F 152 -8.31 29.70 32.90
N THR F 153 -9.18 29.86 33.89
CA THR F 153 -8.82 29.54 35.27
C THR F 153 -9.80 28.56 35.89
N GLN F 154 -9.29 27.38 36.21
CA GLN F 154 -10.13 26.33 36.76
C GLN F 154 -10.13 26.43 38.26
N ALA F 155 -11.21 25.97 38.88
CA ALA F 155 -11.35 26.06 40.32
C ALA F 155 -12.33 25.01 40.80
N PRO F 156 -12.05 24.40 41.96
CA PRO F 156 -10.84 24.64 42.76
C PRO F 156 -9.60 23.98 42.14
N GLY F 157 -8.47 24.06 42.84
CA GLY F 157 -7.25 23.40 42.39
C GLY F 157 -7.31 21.88 42.56
N THR F 158 -7.45 21.44 43.81
CA THR F 158 -7.72 20.05 44.11
C THR F 158 -9.10 19.95 44.72
N LEU F 159 -9.81 18.88 44.41
CA LEU F 159 -11.17 18.72 44.89
C LEU F 159 -11.33 17.31 45.44
N SER F 160 -11.29 17.19 46.76
CA SER F 160 -11.28 15.90 47.44
C SER F 160 -12.68 15.48 47.91
N LEU F 161 -13.11 14.29 47.50
CA LEU F 161 -14.44 13.80 47.81
C LEU F 161 -14.41 12.29 48.02
N SER F 162 -15.52 11.76 48.55
CA SER F 162 -15.73 10.32 48.64
C SER F 162 -16.82 9.95 47.66
N PRO F 163 -17.01 8.65 47.37
CA PRO F 163 -18.07 8.28 46.42
C PRO F 163 -19.41 8.93 46.78
N GLY F 164 -20.35 8.94 45.84
CA GLY F 164 -21.66 9.47 46.12
C GLY F 164 -21.78 10.98 46.32
N GLU F 165 -20.67 11.65 46.62
CA GLU F 165 -20.70 13.10 46.73
C GLU F 165 -20.85 13.80 45.37
N ARG F 166 -21.17 15.08 45.40
CA ARG F 166 -21.40 15.87 44.19
C ARG F 166 -20.22 16.80 43.89
N ALA F 167 -19.54 16.54 42.77
CA ALA F 167 -18.41 17.37 42.32
C ALA F 167 -18.87 18.49 41.39
N THR F 168 -18.18 19.63 41.46
CA THR F 168 -18.51 20.79 40.64
C THR F 168 -17.25 21.60 40.29
N PHE F 169 -16.85 21.56 39.01
CA PHE F 169 -15.67 22.26 38.54
C PHE F 169 -16.04 23.60 37.92
N SER F 170 -15.13 24.55 38.00
CA SER F 170 -15.35 25.87 37.43
C SER F 170 -14.28 26.24 36.41
N CYS F 171 -14.69 26.99 35.41
CA CYS F 171 -13.80 27.47 34.36
C CYS F 171 -14.08 28.95 34.20
N ARG F 172 -13.05 29.77 34.17
CA ARG F 172 -13.26 31.21 34.12
C ARG F 172 -12.51 31.81 32.96
N SER F 173 -13.24 32.38 32.02
CA SER F 173 -12.61 32.97 30.85
C SER F 173 -12.41 34.46 31.06
N SER F 174 -11.28 35.00 30.59
CA SER F 174 -11.07 36.44 30.64
C SER F 174 -11.83 37.14 29.51
N HIS F 175 -12.28 36.35 28.53
CA HIS F 175 -13.09 36.85 27.41
C HIS F 175 -14.46 36.15 27.40
N SER F 176 -15.45 36.83 26.85
CA SER F 176 -16.78 36.25 26.77
C SER F 176 -16.87 35.22 25.64
N ILE F 177 -17.18 33.97 25.98
CA ILE F 177 -17.18 32.92 24.96
C ILE F 177 -18.51 32.84 24.22
N ARG F 178 -18.65 33.67 23.19
CA ARG F 178 -19.90 33.74 22.42
C ARG F 178 -20.17 32.45 21.65
N SER F 179 -19.13 31.90 21.01
CA SER F 179 -19.30 30.70 20.19
C SER F 179 -19.75 29.48 20.99
N ARG F 180 -19.76 29.59 22.30
CA ARG F 180 -20.11 28.44 23.12
C ARG F 180 -19.21 27.27 22.76
N ARG F 181 -17.98 27.58 22.37
CA ARG F 181 -17.02 26.52 22.07
C ARG F 181 -16.07 26.18 23.22
N VAL F 182 -16.65 25.67 24.31
CA VAL F 182 -15.94 25.21 25.48
C VAL F 182 -16.01 23.68 25.59
N ALA F 183 -14.97 23.08 26.16
CA ALA F 183 -14.93 21.62 26.25
C ALA F 183 -14.24 21.16 27.52
N TRP F 184 -14.58 19.95 27.96
CA TRP F 184 -14.03 19.41 29.19
C TRP F 184 -13.37 18.08 28.92
N TYR F 185 -12.17 17.89 29.44
CA TYR F 185 -11.45 16.62 29.27
C TYR F 185 -11.12 15.93 30.60
N GLN F 186 -11.22 14.62 30.60
CA GLN F 186 -10.79 13.79 31.71
C GLN F 186 -9.39 13.31 31.41
N HIS F 187 -8.52 13.27 32.41
CA HIS F 187 -7.16 12.74 32.21
C HIS F 187 -6.62 11.93 33.38
N LYS F 188 -6.40 10.65 33.14
CA LYS F 188 -5.81 9.75 34.13
C LYS F 188 -4.38 9.43 33.74
N PRO F 189 -3.42 10.26 34.19
CA PRO F 189 -2.01 10.26 33.73
C PRO F 189 -1.46 8.86 33.43
N GLY F 190 -0.88 8.72 32.24
CA GLY F 190 -0.54 7.43 31.69
C GLY F 190 -1.41 7.14 30.47
N GLN F 191 -2.73 7.22 30.67
CA GLN F 191 -3.73 6.94 29.61
C GLN F 191 -4.06 8.16 28.74
N ALA F 192 -4.68 7.89 27.60
CA ALA F 192 -5.09 8.93 26.67
C ALA F 192 -6.18 9.81 27.26
N PRO F 193 -6.03 11.15 27.16
CA PRO F 193 -7.09 12.03 27.65
C PRO F 193 -8.38 11.69 26.93
N ARG F 194 -9.51 12.09 27.48
CA ARG F 194 -10.80 11.68 26.94
C ARG F 194 -11.75 12.87 26.91
N LEU F 195 -12.53 12.98 25.85
CA LEU F 195 -13.50 14.07 25.75
C LEU F 195 -14.72 13.74 26.58
N VAL F 196 -15.18 14.72 27.36
CA VAL F 196 -16.39 14.57 28.20
C VAL F 196 -17.53 15.45 27.69
N ILE F 197 -17.25 16.74 27.61
CA ILE F 197 -18.22 17.74 27.23
C ILE F 197 -17.69 18.60 26.07
N HIS F 198 -18.52 18.79 25.05
CA HIS F 198 -18.16 19.74 24.01
C HIS F 198 -19.29 20.72 23.74
N GLY F 199 -18.95 21.96 23.45
CA GLY F 199 -19.92 23.02 23.27
C GLY F 199 -20.71 23.35 24.52
N VAL F 200 -19.98 23.52 25.63
CA VAL F 200 -20.57 23.81 26.94
C VAL F 200 -21.47 22.71 27.47
N SER F 201 -22.56 22.43 26.76
CA SER F 201 -23.62 21.56 27.27
C SER F 201 -23.56 20.11 26.79
N ASN F 202 -23.18 19.90 25.53
CA ASN F 202 -23.24 18.55 24.97
C ASN F 202 -22.35 17.58 25.69
N ARG F 203 -22.62 16.30 25.49
CA ARG F 203 -22.03 15.24 26.28
C ARG F 203 -21.41 14.24 25.31
N ALA F 204 -20.13 13.95 25.50
CA ALA F 204 -19.44 13.03 24.60
C ALA F 204 -20.13 11.67 24.64
N SER F 205 -20.11 10.96 23.52
CA SER F 205 -20.68 9.61 23.48
C SER F 205 -19.78 8.68 24.27
N GLY F 206 -20.41 7.87 25.12
CA GLY F 206 -19.67 6.96 26.00
C GLY F 206 -19.58 7.53 27.40
N ILE F 207 -20.31 8.61 27.63
CA ILE F 207 -20.24 9.36 28.87
C ILE F 207 -21.56 9.28 29.62
N SER F 208 -21.47 8.89 30.89
CA SER F 208 -22.63 8.76 31.78
C SER F 208 -23.31 10.10 32.04
N ASP F 209 -24.64 10.08 32.19
CA ASP F 209 -25.42 11.30 32.37
C ASP F 209 -25.10 12.01 33.68
N ARG F 210 -24.32 11.34 34.52
CA ARG F 210 -23.82 11.93 35.76
C ARG F 210 -22.92 13.13 35.44
N PHE F 211 -22.42 13.17 34.20
CA PHE F 211 -21.60 14.27 33.70
C PHE F 211 -22.44 15.32 32.99
N SER F 212 -22.53 16.49 33.60
CA SER F 212 -23.29 17.58 33.03
C SER F 212 -22.38 18.78 32.83
N GLY F 213 -22.65 19.57 31.80
CA GLY F 213 -21.94 20.80 31.60
C GLY F 213 -22.91 21.94 31.44
N SER F 214 -22.45 23.15 31.69
CA SER F 214 -23.31 24.33 31.60
C SER F 214 -22.47 25.58 31.77
N GLY F 215 -23.13 26.72 31.61
CA GLY F 215 -22.49 28.00 31.86
C GLY F 215 -22.72 28.87 30.66
N SER F 216 -22.15 30.06 30.69
CA SER F 216 -22.23 30.95 29.54
C SER F 216 -21.38 32.17 29.82
N GLY F 217 -21.25 33.02 28.80
CA GLY F 217 -20.39 34.19 28.91
C GLY F 217 -19.01 33.79 29.39
N THR F 218 -18.69 34.19 30.61
CA THR F 218 -17.33 34.08 31.12
C THR F 218 -17.14 32.88 32.06
N ASP F 219 -18.23 32.38 32.62
CA ASP F 219 -18.13 31.31 33.61
C ASP F 219 -18.80 30.02 33.15
N PHE F 220 -18.07 28.91 33.28
CA PHE F 220 -18.53 27.61 32.82
C PHE F 220 -18.29 26.57 33.89
N THR F 221 -19.05 25.48 33.81
CA THR F 221 -19.10 24.50 34.89
C THR F 221 -19.26 23.08 34.38
N LEU F 222 -18.51 22.15 34.96
CA LEU F 222 -18.73 20.73 34.72
C LEU F 222 -19.15 20.08 36.03
N THR F 223 -20.11 19.16 35.95
CA THR F 223 -20.68 18.57 37.14
C THR F 223 -20.81 17.06 37.05
N ILE F 224 -20.41 16.37 38.11
CA ILE F 224 -20.74 14.97 38.27
C ILE F 224 -21.72 14.89 39.44
N THR F 225 -22.85 14.23 39.22
CA THR F 225 -23.88 14.15 40.25
C THR F 225 -23.52 13.15 41.37
N ARG F 226 -23.16 11.94 40.98
CA ARG F 226 -22.74 10.90 41.94
C ARG F 226 -21.36 10.35 41.58
N VAL F 227 -20.34 10.87 42.23
CA VAL F 227 -18.96 10.43 42.00
C VAL F 227 -18.83 8.90 42.01
N GLU F 228 -18.17 8.35 40.99
CA GLU F 228 -17.89 6.92 40.94
C GLU F 228 -16.40 6.67 41.16
N PRO F 229 -15.99 5.40 41.21
CA PRO F 229 -14.57 5.07 41.37
C PRO F 229 -13.68 5.43 40.18
N GLU F 230 -14.16 5.22 38.95
CA GLU F 230 -13.34 5.52 37.77
C GLU F 230 -13.45 6.98 37.30
N ASP F 231 -13.86 7.87 38.19
CA ASP F 231 -14.03 9.28 37.85
C ASP F 231 -12.93 10.13 38.48
N PHE F 232 -12.15 9.53 39.36
CA PHE F 232 -11.00 10.23 39.94
C PHE F 232 -9.95 10.44 38.87
N ALA F 233 -9.76 11.69 38.47
CA ALA F 233 -8.88 12.00 37.37
C ALA F 233 -8.57 13.49 37.34
N LEU F 234 -7.75 13.89 36.37
CA LEU F 234 -7.53 15.29 36.10
C LEU F 234 -8.62 15.80 35.15
N TYR F 235 -9.09 17.02 35.40
CA TYR F 235 -10.12 17.60 34.56
C TYR F 235 -9.68 18.94 34.01
N TYR F 236 -9.76 19.07 32.69
CA TYR F 236 -9.30 20.27 32.01
C TYR F 236 -10.42 20.89 31.21
N CYS F 237 -10.54 22.21 31.27
CA CYS F 237 -11.52 22.90 30.43
C CYS F 237 -10.78 23.49 29.22
N GLN F 238 -11.51 23.76 28.14
CA GLN F 238 -10.83 24.21 26.93
C GLN F 238 -11.73 25.03 26.02
N VAL F 239 -11.18 26.14 25.52
CA VAL F 239 -11.85 26.90 24.48
C VAL F 239 -11.16 26.61 23.16
N TYR F 240 -11.94 26.16 22.18
CA TYR F 240 -11.41 25.76 20.90
C TYR F 240 -12.08 26.61 19.83
N GLY F 241 -11.38 26.81 18.72
CA GLY F 241 -11.90 27.64 17.65
C GLY F 241 -11.26 27.23 16.34
N ALA F 242 -10.92 28.20 15.51
CA ALA F 242 -10.26 27.91 14.24
C ALA F 242 -8.73 28.06 14.31
N SER F 243 -8.24 28.80 15.29
CA SER F 243 -6.85 29.21 15.33
C SER F 243 -6.35 29.39 16.76
N SER F 244 -7.27 29.36 17.71
CA SER F 244 -6.92 29.49 19.11
C SER F 244 -7.50 28.34 19.95
N TYR F 245 -6.63 27.66 20.69
CA TYR F 245 -7.03 26.62 21.62
C TYR F 245 -6.26 26.85 22.90
N THR F 246 -6.96 26.99 24.01
CA THR F 246 -6.27 27.27 25.26
C THR F 246 -6.88 26.39 26.32
N PHE F 247 -6.04 25.80 27.16
CA PHE F 247 -6.55 24.91 28.20
C PHE F 247 -6.58 25.58 29.58
N GLY F 248 -7.38 25.01 30.48
CA GLY F 248 -7.35 25.38 31.88
C GLY F 248 -6.11 24.72 32.47
N GLN F 249 -5.71 25.12 33.67
CA GLN F 249 -4.52 24.55 34.29
C GLN F 249 -4.84 23.17 34.86
N GLY F 250 -6.12 22.91 35.08
CA GLY F 250 -6.57 21.60 35.52
C GLY F 250 -7.06 21.53 36.95
N THR F 251 -8.10 20.73 37.17
CA THR F 251 -8.64 20.53 38.50
C THR F 251 -8.48 19.06 38.85
N LYS F 252 -7.83 18.79 39.97
CA LYS F 252 -7.61 17.43 40.42
C LYS F 252 -8.82 16.91 41.17
N LEU F 253 -9.28 15.72 40.81
CA LEU F 253 -10.32 15.06 41.59
C LEU F 253 -9.78 13.78 42.22
N GLU F 254 -9.52 13.85 43.52
CA GLU F 254 -8.91 12.74 44.28
C GLU F 254 -9.86 12.15 45.32
N ARG F 255 -9.54 10.94 45.81
CA ARG F 255 -10.38 10.26 46.79
C ARG F 255 -10.43 10.99 48.15
#